data_8W1H
#
_entry.id   8W1H
#
_cell.length_a   143.804
_cell.length_b   154.754
_cell.length_c   88.254
_cell.angle_alpha   90
_cell.angle_beta   90
_cell.angle_gamma   90
#
_symmetry.space_group_name_H-M   'P 21 21 2'
#
loop_
_entity.id
_entity.type
_entity.pdbx_description
1 polymer 'Tryptophan 2,3-dioxygenase'
2 non-polymer 'PROTOPORPHYRIN IX CONTAINING FE'
3 non-polymer alpha-methyl-L-tryptophan
4 non-polymer (6M)-1-[(imidazolidin-1-yl)methyl]-6-(1H-indol-3-yl)-1H-benzotriazole
5 water water
#
_entity_poly.entity_id   1
_entity_poly.type   'polypeptide(L)'
_entity_poly.pdbx_seq_one_letter_code
;MLPVEGSEEDKSQTGVNRASKGGLIYGNYLHLEKVLNAQELQSETKGNKIHDEHLFIITHQAYELWFKQILWELDSVREI
FQNGHVRDERNMLKVVSRMHRVSVILKLLVQQFSILETMTALDFNDFREYLSPASGFQSLQFRLLENKIGVLQNMRVPYN
RRHYRDNFKGEENELLLKSEQEKTLLELVEAWLERTPGLEPHGFNFWGKLEKNITRGLEEEFIRIQAKEESEEKEEQVAE
FQKQKEVLLSLFDEKRHEHLLSKGERRLSYRALQGALMIYFYREEPRFQVPFQLLTSLMDIDSLMTKWRYNHVCMVHRML
GSKAGTGGSSGYHYLRSTVSDRYKVFVDLFNLSTYLIPRHWIPKMNPTIHKFLEHHHHHH
;
_entity_poly.pdbx_strand_id   A,B,C,D
#
# COMPACT_ATOMS: atom_id res chain seq x y z
N LEU A 24 27.67 -20.36 -11.36
CA LEU A 24 26.72 -19.97 -10.27
C LEU A 24 25.31 -19.81 -10.84
N ILE A 25 24.37 -20.61 -10.36
CA ILE A 25 23.01 -20.65 -10.88
C ILE A 25 22.08 -20.05 -9.82
N TYR A 26 21.00 -19.40 -10.28
CA TYR A 26 20.06 -18.70 -9.41
C TYR A 26 19.65 -19.54 -8.20
N GLY A 27 19.13 -20.73 -8.51
CA GLY A 27 18.56 -21.61 -7.49
C GLY A 27 19.62 -22.05 -6.48
N ASN A 28 20.87 -22.23 -6.96
CA ASN A 28 21.99 -22.56 -6.08
C ASN A 28 22.41 -21.34 -5.25
N TYR A 29 22.48 -20.17 -5.90
CA TYR A 29 22.89 -18.96 -5.23
C TYR A 29 21.95 -18.70 -4.06
N LEU A 30 20.63 -18.86 -4.28
CA LEU A 30 19.64 -18.58 -3.26
C LEU A 30 19.32 -19.78 -2.36
N HIS A 31 20.00 -20.92 -2.57
CA HIS A 31 19.77 -22.14 -1.79
C HIS A 31 18.28 -22.51 -1.79
N LEU A 32 17.66 -22.45 -2.98
CA LEU A 32 16.26 -22.81 -3.15
C LEU A 32 16.02 -24.29 -2.86
N GLU A 33 17.07 -25.11 -2.90
CA GLU A 33 16.95 -26.51 -2.54
C GLU A 33 16.61 -26.63 -1.04
N LYS A 34 16.94 -25.61 -0.25
CA LYS A 34 16.48 -25.56 1.14
C LYS A 34 15.13 -24.85 1.25
N VAL A 35 15.03 -23.65 0.65
CA VAL A 35 13.91 -22.76 0.90
C VAL A 35 12.62 -23.37 0.37
N LEU A 36 12.69 -24.05 -0.78
CA LEU A 36 11.51 -24.56 -1.46
C LEU A 36 11.30 -26.04 -1.21
N ASN A 37 12.06 -26.63 -0.27
CA ASN A 37 11.79 -27.95 0.24
C ASN A 37 11.58 -27.91 1.75
N ALA A 38 10.84 -26.89 2.23
CA ALA A 38 10.66 -26.65 3.65
C ALA A 38 9.16 -26.59 3.99
N GLN A 39 8.34 -27.07 3.06
CA GLN A 39 6.89 -26.93 3.19
C GLN A 39 6.29 -28.33 3.38
N GLU A 40 5.96 -28.66 4.63
CA GLU A 40 5.35 -29.92 4.95
C GLU A 40 4.05 -29.67 5.70
N LEU A 41 2.92 -30.03 5.10
CA LEU A 41 1.63 -29.84 5.74
C LEU A 41 1.40 -30.96 6.75
N GLN A 42 1.23 -30.61 8.02
CA GLN A 42 0.93 -31.59 9.05
C GLN A 42 -0.39 -32.29 8.76
N SER A 43 -1.35 -31.56 8.14
CA SER A 43 -2.61 -32.16 7.76
C SER A 43 -2.35 -33.33 6.83
N GLU A 44 -1.41 -33.16 5.90
CA GLU A 44 -1.08 -34.18 4.92
C GLU A 44 -0.28 -35.31 5.56
N THR A 45 0.68 -34.97 6.43
CA THR A 45 1.43 -35.99 7.17
C THR A 45 0.48 -36.92 7.92
N LYS A 46 -0.64 -36.39 8.45
CA LYS A 46 -1.58 -37.16 9.23
C LYS A 46 -2.74 -37.68 8.39
N GLY A 47 -2.57 -37.69 7.05
CA GLY A 47 -3.50 -38.35 6.14
C GLY A 47 -4.77 -37.56 5.87
N ASN A 48 -4.75 -36.21 5.95
CA ASN A 48 -5.94 -35.39 5.76
C ASN A 48 -5.57 -33.98 5.29
N LYS A 49 -4.92 -33.92 4.11
CA LYS A 49 -4.38 -32.70 3.54
C LYS A 49 -5.44 -31.61 3.46
N ILE A 50 -5.12 -30.41 3.95
CA ILE A 50 -6.02 -29.27 3.92
C ILE A 50 -5.29 -28.17 3.16
N HIS A 51 -5.93 -27.70 2.09
CA HIS A 51 -5.32 -26.86 1.08
C HIS A 51 -4.70 -25.62 1.71
N ASP A 52 -5.46 -24.95 2.60
CA ASP A 52 -5.04 -23.66 3.11
C ASP A 52 -3.86 -23.77 4.07
N GLU A 53 -3.52 -24.97 4.55
CA GLU A 53 -2.39 -25.08 5.47
C GLU A 53 -1.14 -24.59 4.76
N HIS A 54 -1.08 -24.75 3.44
CA HIS A 54 0.10 -24.38 2.67
C HIS A 54 0.35 -22.88 2.81
N LEU A 55 -0.72 -22.10 2.70
CA LEU A 55 -0.64 -20.64 2.85
C LEU A 55 -0.13 -20.26 4.25
N PHE A 56 -0.61 -20.97 5.27
CA PHE A 56 -0.25 -20.69 6.65
C PHE A 56 1.26 -20.86 6.83
N ILE A 57 1.82 -21.92 6.23
CA ILE A 57 3.23 -22.19 6.32
C ILE A 57 4.03 -21.12 5.61
N ILE A 58 3.68 -20.81 4.34
CA ILE A 58 4.48 -19.88 3.55
C ILE A 58 4.44 -18.50 4.18
N THR A 59 3.27 -18.07 4.65
CA THR A 59 3.17 -16.75 5.25
C THR A 59 4.17 -16.62 6.41
N HIS A 60 4.22 -17.63 7.30
CA HIS A 60 5.14 -17.58 8.44
C HIS A 60 6.59 -17.60 7.97
N GLN A 61 6.88 -18.42 6.96
CA GLN A 61 8.24 -18.50 6.46
C GLN A 61 8.68 -17.16 5.88
N ALA A 62 7.74 -16.44 5.23
CA ALA A 62 8.10 -15.16 4.67
C ALA A 62 8.36 -14.15 5.80
N TYR A 63 7.49 -14.14 6.81
CA TYR A 63 7.73 -13.32 8.00
C TYR A 63 9.12 -13.59 8.57
N GLU A 64 9.51 -14.87 8.68
CA GLU A 64 10.78 -15.24 9.30
C GLU A 64 11.98 -14.82 8.44
N LEU A 65 11.87 -14.94 7.11
CA LEU A 65 12.92 -14.40 6.25
C LEU A 65 13.11 -12.91 6.54
N TRP A 66 12.02 -12.15 6.60
CA TRP A 66 12.13 -10.72 6.82
C TRP A 66 12.60 -10.37 8.24
N PHE A 67 12.22 -11.18 9.25
CA PHE A 67 12.77 -11.00 10.60
C PHE A 67 14.29 -11.15 10.54
N LYS A 68 14.78 -12.15 9.81
CA LYS A 68 16.22 -12.37 9.67
C LYS A 68 16.87 -11.13 9.05
N GLN A 69 16.24 -10.52 8.05
CA GLN A 69 16.78 -9.33 7.44
C GLN A 69 16.78 -8.16 8.41
N ILE A 70 15.69 -7.97 9.15
CA ILE A 70 15.65 -6.92 10.16
C ILE A 70 16.78 -7.10 11.17
N LEU A 71 17.05 -8.35 11.62
CA LEU A 71 18.10 -8.63 12.57
C LEU A 71 19.47 -8.27 12.00
N TRP A 72 19.63 -8.54 10.71
CA TRP A 72 20.87 -8.27 10.01
C TRP A 72 21.13 -6.77 9.99
N GLU A 73 20.11 -5.99 9.65
CA GLU A 73 20.27 -4.54 9.60
C GLU A 73 20.53 -4.03 11.02
N LEU A 74 19.68 -4.44 11.96
CA LEU A 74 19.72 -3.96 13.34
C LEU A 74 21.05 -4.27 14.02
N ASP A 75 21.53 -5.51 13.85
CA ASP A 75 22.85 -5.90 14.35
C ASP A 75 23.96 -5.06 13.74
N SER A 76 23.91 -4.77 12.43
CA SER A 76 24.95 -3.98 11.79
C SER A 76 24.98 -2.58 12.39
N VAL A 77 23.82 -2.05 12.74
CA VAL A 77 23.72 -0.71 13.28
C VAL A 77 24.17 -0.73 14.75
N ARG A 78 23.82 -1.78 15.50
CA ARG A 78 24.29 -1.90 16.87
C ARG A 78 25.82 -1.90 16.89
N GLU A 79 26.43 -2.66 15.97
CA GLU A 79 27.88 -2.78 15.90
C GLU A 79 28.53 -1.41 15.64
N ILE A 80 27.96 -0.63 14.71
CA ILE A 80 28.42 0.71 14.38
C ILE A 80 28.47 1.61 15.61
N PHE A 81 27.46 1.52 16.46
CA PHE A 81 27.44 2.26 17.73
C PHE A 81 28.47 1.66 18.70
N GLN A 82 28.40 0.35 18.93
CA GLN A 82 29.16 -0.31 19.98
C GLN A 82 30.66 -0.21 19.72
N ASN A 83 31.10 -0.23 18.45
CA ASN A 83 32.52 -0.22 18.14
C ASN A 83 33.03 1.21 17.96
N GLY A 84 32.17 2.22 18.11
CA GLY A 84 32.61 3.60 18.10
C GLY A 84 32.53 4.25 16.70
N HIS A 85 32.24 3.47 15.65
CA HIS A 85 32.24 4.03 14.30
C HIS A 85 31.25 5.18 14.16
N VAL A 86 30.14 5.16 14.90
CA VAL A 86 29.16 6.23 14.83
C VAL A 86 29.80 7.57 15.21
N ARG A 87 30.94 7.57 15.90
CA ARG A 87 31.57 8.81 16.29
C ARG A 87 31.95 9.62 15.05
N ASP A 88 32.30 8.90 13.98
CA ASP A 88 32.64 9.51 12.71
C ASP A 88 31.30 9.72 11.98
N GLU A 89 30.91 10.99 11.86
CA GLU A 89 29.62 11.41 11.36
C GLU A 89 29.43 11.07 9.87
N ARG A 90 30.50 10.66 9.20
CA ARG A 90 30.41 10.13 7.86
C ARG A 90 29.51 8.89 7.82
N ASN A 91 29.33 8.21 8.97
CA ASN A 91 28.63 6.94 9.00
C ASN A 91 27.14 7.13 9.26
N MET A 92 26.67 8.36 9.43
CA MET A 92 25.29 8.57 9.83
C MET A 92 24.34 8.26 8.66
N LEU A 93 24.81 8.46 7.43
CA LEU A 93 23.96 8.20 6.28
C LEU A 93 23.58 6.72 6.24
N LYS A 94 24.59 5.88 6.37
CA LYS A 94 24.41 4.43 6.42
C LYS A 94 23.51 4.05 7.60
N VAL A 95 23.68 4.70 8.76
CA VAL A 95 22.88 4.32 9.91
C VAL A 95 21.40 4.60 9.62
N VAL A 96 21.11 5.79 9.11
CA VAL A 96 19.75 6.18 8.83
C VAL A 96 19.16 5.39 7.66
N SER A 97 19.94 5.07 6.63
CA SER A 97 19.44 4.26 5.52
C SER A 97 19.00 2.89 6.01
N ARG A 98 19.82 2.25 6.85
CA ARG A 98 19.48 0.93 7.34
C ARG A 98 18.28 0.96 8.28
N MET A 99 18.14 1.99 9.12
CA MET A 99 17.01 2.05 10.03
C MET A 99 15.74 2.33 9.23
N HIS A 100 15.85 3.23 8.24
CA HIS A 100 14.76 3.44 7.31
C HIS A 100 14.37 2.15 6.59
N ARG A 101 15.37 1.39 6.16
CA ARG A 101 15.12 0.10 5.52
C ARG A 101 14.32 -0.81 6.45
N VAL A 102 14.68 -0.86 7.75
CA VAL A 102 13.92 -1.65 8.70
C VAL A 102 12.45 -1.22 8.69
N SER A 103 12.17 0.09 8.67
CA SER A 103 10.79 0.54 8.68
C SER A 103 10.07 0.19 7.37
N VAL A 104 10.77 0.20 6.22
CA VAL A 104 10.17 -0.18 4.95
C VAL A 104 9.78 -1.67 4.98
N ILE A 105 10.66 -2.52 5.48
CA ILE A 105 10.34 -3.94 5.63
C ILE A 105 9.12 -4.13 6.56
N LEU A 106 9.09 -3.46 7.70
CA LEU A 106 8.02 -3.65 8.66
C LEU A 106 6.70 -3.24 8.05
N LYS A 107 6.71 -2.19 7.26
CA LYS A 107 5.51 -1.74 6.57
C LYS A 107 5.02 -2.86 5.66
N LEU A 108 5.93 -3.52 4.95
CA LEU A 108 5.52 -4.63 4.11
C LEU A 108 4.95 -5.74 4.98
N LEU A 109 5.58 -6.01 6.13
CA LEU A 109 5.11 -7.05 7.04
C LEU A 109 3.69 -6.75 7.56
N VAL A 110 3.35 -5.48 7.76
CA VAL A 110 2.01 -5.10 8.17
C VAL A 110 1.04 -5.40 7.02
N GLN A 111 1.40 -5.01 5.78
CA GLN A 111 0.58 -5.25 4.61
C GLN A 111 0.38 -6.75 4.39
N GLN A 112 1.40 -7.54 4.69
CA GLN A 112 1.35 -8.98 4.47
C GLN A 112 0.24 -9.70 5.24
N PHE A 113 -0.32 -9.10 6.29
CA PHE A 113 -1.48 -9.70 6.94
C PHE A 113 -2.66 -9.82 5.98
N SER A 114 -2.76 -8.94 4.97
CA SER A 114 -3.81 -9.00 3.98
C SER A 114 -3.85 -10.36 3.30
N ILE A 115 -2.72 -11.05 3.17
CA ILE A 115 -2.74 -12.35 2.52
C ILE A 115 -3.43 -13.38 3.39
N LEU A 116 -3.10 -13.36 4.70
CA LEU A 116 -3.68 -14.35 5.59
C LEU A 116 -5.13 -14.03 5.87
N GLU A 117 -5.56 -12.80 5.65
CA GLU A 117 -6.99 -12.49 5.71
C GLU A 117 -7.80 -13.16 4.60
N THR A 118 -7.17 -13.73 3.55
CA THR A 118 -7.92 -14.46 2.53
C THR A 118 -8.20 -15.89 2.99
N MET A 119 -7.68 -16.29 4.17
CA MET A 119 -8.06 -17.57 4.77
C MET A 119 -9.24 -17.34 5.71
N THR A 120 -10.33 -18.06 5.52
CA THR A 120 -11.47 -17.99 6.43
C THR A 120 -11.18 -18.78 7.70
N ALA A 121 -11.88 -18.42 8.77
CA ALA A 121 -11.74 -19.11 10.04
C ALA A 121 -12.20 -20.55 9.91
N LEU A 122 -13.26 -20.77 9.12
CA LEU A 122 -13.76 -22.11 8.87
C LEU A 122 -12.68 -23.00 8.28
N ASP A 123 -11.93 -22.47 7.34
CA ASP A 123 -10.88 -23.25 6.66
C ASP A 123 -9.69 -23.42 7.60
N PHE A 124 -9.33 -22.38 8.36
CA PHE A 124 -8.31 -22.51 9.38
C PHE A 124 -8.68 -23.60 10.37
N ASN A 125 -9.96 -23.68 10.74
CA ASN A 125 -10.42 -24.66 11.71
C ASN A 125 -10.20 -26.09 11.22
N ASP A 126 -10.02 -26.30 9.92
CA ASP A 126 -9.86 -27.66 9.40
C ASP A 126 -8.47 -28.23 9.64
N PHE A 127 -7.46 -27.39 9.92
CA PHE A 127 -6.11 -27.90 10.12
C PHE A 127 -5.51 -27.45 11.46
N ARG A 128 -6.26 -26.63 12.21
CA ARG A 128 -5.71 -26.05 13.43
C ARG A 128 -5.22 -27.14 14.40
N GLU A 129 -5.97 -28.24 14.48
CA GLU A 129 -5.68 -29.35 15.38
C GLU A 129 -4.28 -29.92 15.15
N TYR A 130 -3.82 -29.97 13.89
CA TYR A 130 -2.56 -30.61 13.55
C TYR A 130 -1.37 -29.73 13.96
N LEU A 131 -1.63 -28.49 14.39
CA LEU A 131 -0.57 -27.53 14.66
C LEU A 131 -0.10 -27.64 16.11
N SER A 132 -1.04 -27.93 17.01
CA SER A 132 -0.74 -27.97 18.45
C SER A 132 0.45 -28.89 18.71
N PRO A 133 1.39 -28.51 19.59
CA PRO A 133 1.30 -27.27 20.36
C PRO A 133 2.13 -26.11 19.86
N ALA A 134 2.53 -26.13 18.57
CA ALA A 134 3.41 -25.11 18.02
C ALA A 134 2.73 -23.74 18.10
N SER A 135 3.52 -22.67 18.31
CA SER A 135 2.98 -21.33 18.49
C SER A 135 4.01 -20.30 18.08
N GLY A 136 3.54 -19.10 17.70
CA GLY A 136 4.41 -17.99 17.36
C GLY A 136 5.25 -17.55 18.56
N PHE A 137 4.76 -17.86 19.76
CA PHE A 137 5.52 -17.58 20.97
C PHE A 137 6.92 -18.18 20.86
N GLN A 138 7.02 -19.25 20.06
CA GLN A 138 8.28 -19.97 19.91
C GLN A 138 9.11 -19.39 18.78
N SER A 139 8.70 -18.26 18.18
CA SER A 139 9.55 -17.57 17.21
C SER A 139 10.77 -16.99 17.91
N LEU A 140 11.90 -17.67 17.77
CA LEU A 140 13.19 -17.21 18.27
C LEU A 140 13.47 -15.81 17.76
N GLN A 141 13.32 -15.60 16.44
CA GLN A 141 13.80 -14.37 15.84
C GLN A 141 12.99 -13.17 16.30
N PHE A 142 11.69 -13.37 16.50
CA PHE A 142 10.84 -12.28 16.98
C PHE A 142 11.32 -11.84 18.38
N ARG A 143 11.64 -12.81 19.24
CA ARG A 143 12.16 -12.50 20.57
C ARG A 143 13.52 -11.81 20.47
N LEU A 144 14.41 -12.31 19.59
CA LEU A 144 15.72 -11.68 19.41
C LEU A 144 15.54 -10.22 19.01
N LEU A 145 14.58 -9.96 18.13
CA LEU A 145 14.33 -8.63 17.62
C LEU A 145 13.86 -7.70 18.74
N GLU A 146 12.90 -8.17 19.53
CA GLU A 146 12.42 -7.38 20.66
C GLU A 146 13.58 -7.07 21.60
N ASN A 147 14.33 -8.09 21.95
CA ASN A 147 15.45 -7.93 22.88
C ASN A 147 16.45 -6.91 22.33
N LYS A 148 16.83 -7.05 21.06
CA LYS A 148 17.95 -6.27 20.52
C LYS A 148 17.55 -4.81 20.34
N ILE A 149 16.25 -4.55 20.12
CA ILE A 149 15.79 -3.17 20.02
C ILE A 149 15.84 -2.58 21.43
N GLY A 150 15.35 -3.32 22.42
CA GLY A 150 15.53 -2.95 23.82
C GLY A 150 14.31 -3.14 24.70
N VAL A 151 13.48 -4.13 24.40
CA VAL A 151 12.36 -4.46 25.26
C VAL A 151 12.96 -5.07 26.54
N LEU A 152 12.62 -4.48 27.67
CA LEU A 152 13.17 -4.91 28.96
C LEU A 152 12.38 -6.10 29.47
N GLN A 153 13.10 -7.12 29.95
CA GLN A 153 12.49 -8.35 30.47
C GLN A 153 11.47 -8.05 31.57
N ASN A 154 11.84 -7.17 32.53
CA ASN A 154 10.97 -6.90 33.67
C ASN A 154 9.70 -6.17 33.22
N MET A 155 9.69 -5.60 32.01
CA MET A 155 8.55 -4.86 31.50
C MET A 155 7.66 -5.71 30.60
N ARG A 156 8.07 -6.96 30.31
CA ARG A 156 7.24 -7.87 29.54
C ARG A 156 6.03 -8.30 30.36
N VAL A 157 4.86 -8.38 29.71
CA VAL A 157 3.67 -8.94 30.34
C VAL A 157 3.85 -10.46 30.40
N PRO A 158 3.73 -11.09 31.59
CA PRO A 158 3.88 -12.55 31.71
C PRO A 158 2.72 -13.27 31.04
N TYR A 159 3.02 -14.38 30.35
CA TYR A 159 1.97 -15.24 29.81
C TYR A 159 1.88 -16.51 30.66
N ASN A 160 0.72 -16.75 31.26
CA ASN A 160 0.52 -17.89 32.16
C ASN A 160 1.61 -17.89 33.23
N ARG A 161 1.92 -16.71 33.79
CA ARG A 161 2.88 -16.58 34.88
C ARG A 161 4.18 -17.32 34.56
N ARG A 162 4.69 -17.14 33.33
CA ARG A 162 5.87 -17.87 32.86
C ARG A 162 6.78 -16.90 32.13
N HIS A 163 8.10 -17.15 32.16
CA HIS A 163 9.06 -16.34 31.43
C HIS A 163 8.97 -16.69 29.94
N TYR A 164 9.21 -15.71 29.06
CA TYR A 164 9.11 -15.95 27.63
C TYR A 164 10.19 -16.98 27.22
N ARG A 165 11.38 -16.90 27.84
CA ARG A 165 12.51 -17.72 27.43
C ARG A 165 12.32 -19.18 27.87
N ASP A 166 11.39 -19.42 28.80
CA ASP A 166 11.12 -20.76 29.30
C ASP A 166 10.56 -21.63 28.17
N ASN A 167 10.09 -21.02 27.07
CA ASN A 167 9.62 -21.76 25.91
C ASN A 167 10.79 -22.22 25.04
N PHE A 168 12.04 -21.93 25.45
CA PHE A 168 13.19 -22.19 24.59
C PHE A 168 14.23 -23.01 25.36
N LYS A 169 15.11 -23.70 24.61
CA LYS A 169 16.10 -24.60 25.20
C LYS A 169 17.37 -24.63 24.36
N GLY A 170 18.49 -25.08 24.97
CA GLY A 170 19.75 -25.35 24.28
C GLY A 170 20.42 -24.09 23.74
N GLU A 171 21.02 -24.22 22.53
CA GLU A 171 21.66 -23.11 21.85
C GLU A 171 20.69 -21.91 21.71
N GLU A 172 19.43 -22.20 21.35
CA GLU A 172 18.41 -21.17 21.19
C GLU A 172 18.26 -20.37 22.48
N ASN A 173 18.18 -21.06 23.62
CA ASN A 173 18.04 -20.38 24.90
C ASN A 173 19.25 -19.47 25.13
N GLU A 174 20.42 -19.91 24.64
CA GLU A 174 21.66 -19.19 24.87
C GLU A 174 21.71 -17.94 23.97
N LEU A 175 21.25 -18.07 22.73
CA LEU A 175 21.14 -16.93 21.82
C LEU A 175 20.27 -15.86 22.47
N LEU A 176 19.14 -16.29 23.05
CA LEU A 176 18.22 -15.36 23.68
C LEU A 176 18.88 -14.63 24.85
N LEU A 177 19.69 -15.36 25.63
CA LEU A 177 20.39 -14.77 26.76
C LEU A 177 21.37 -13.70 26.26
N LYS A 178 22.19 -14.04 25.24
CA LYS A 178 23.10 -13.10 24.63
C LYS A 178 22.35 -11.84 24.22
N SER A 179 21.19 -12.03 23.58
CA SER A 179 20.41 -10.92 23.10
C SER A 179 19.92 -10.04 24.27
N GLU A 180 19.73 -10.65 25.44
CA GLU A 180 19.31 -9.91 26.63
C GLU A 180 20.50 -9.19 27.28
N GLN A 181 21.69 -9.81 27.25
CA GLN A 181 22.86 -9.32 27.97
C GLN A 181 23.69 -8.33 27.16
N GLU A 182 23.71 -8.49 25.84
CA GLU A 182 24.45 -7.55 24.99
C GLU A 182 23.70 -6.22 24.97
N LYS A 183 24.45 -5.18 24.59
CA LYS A 183 23.91 -3.83 24.50
C LYS A 183 22.79 -3.77 23.47
N THR A 184 21.68 -3.16 23.90
CA THR A 184 20.52 -3.04 23.04
C THR A 184 20.67 -1.75 22.24
N LEU A 185 19.84 -1.62 21.20
CA LEU A 185 19.82 -0.40 20.41
C LEU A 185 19.47 0.78 21.30
N LEU A 186 18.52 0.61 22.22
CA LEU A 186 18.14 1.65 23.17
C LEU A 186 19.36 2.14 23.97
N GLU A 187 20.13 1.20 24.55
CA GLU A 187 21.30 1.58 25.32
C GLU A 187 22.35 2.28 24.47
N LEU A 188 22.51 1.81 23.23
CA LEU A 188 23.56 2.35 22.36
C LEU A 188 23.17 3.75 21.88
N VAL A 189 21.89 3.95 21.56
CA VAL A 189 21.40 5.27 21.21
C VAL A 189 21.49 6.19 22.42
N GLU A 190 21.16 5.67 23.60
CA GLU A 190 21.27 6.43 24.84
C GLU A 190 22.67 7.02 24.99
N ALA A 191 23.70 6.18 24.97
CA ALA A 191 25.07 6.64 25.12
C ALA A 191 25.39 7.73 24.11
N TRP A 192 24.96 7.51 22.86
CA TRP A 192 25.25 8.47 21.80
C TRP A 192 24.54 9.79 22.07
N LEU A 193 23.26 9.74 22.51
CA LEU A 193 22.51 10.94 22.80
C LEU A 193 23.14 11.75 23.93
N GLU A 194 23.73 11.05 24.91
CA GLU A 194 24.38 11.70 26.05
C GLU A 194 25.58 12.54 25.60
N ARG A 195 26.17 12.23 24.44
CA ARG A 195 27.34 12.96 23.97
C ARG A 195 26.95 14.04 22.96
N THR A 196 25.65 14.32 22.81
CA THR A 196 25.19 15.27 21.81
C THR A 196 25.85 16.63 22.04
N PRO A 197 26.47 17.25 21.02
CA PRO A 197 27.09 18.57 21.18
C PRO A 197 26.05 19.64 21.52
N GLY A 198 26.44 20.58 22.42
CA GLY A 198 25.55 21.66 22.83
C GLY A 198 25.08 21.56 24.29
N LEU A 199 25.25 20.42 24.95
CA LEU A 199 24.80 20.22 26.32
C LEU A 199 25.84 20.72 27.33
N GLU A 200 27.07 20.96 26.87
CA GLU A 200 28.17 21.32 27.77
C GLU A 200 27.84 22.63 28.47
N PRO A 201 27.80 22.63 29.84
CA PRO A 201 27.58 23.87 30.60
C PRO A 201 28.58 24.98 30.24
N HIS A 202 29.82 24.56 29.97
CA HIS A 202 30.89 25.48 29.64
C HIS A 202 30.80 25.93 28.18
N GLY A 203 29.96 25.26 27.37
CA GLY A 203 29.78 25.63 25.97
C GLY A 203 28.44 26.32 25.74
N PHE A 204 27.63 25.76 24.83
CA PHE A 204 26.37 26.38 24.47
C PHE A 204 25.37 26.31 25.63
N ASN A 205 25.54 25.34 26.53
CA ASN A 205 24.81 25.29 27.80
C ASN A 205 23.30 25.27 27.54
N PHE A 206 22.86 24.32 26.70
CA PHE A 206 21.49 24.27 26.19
C PHE A 206 20.48 24.25 27.33
N TRP A 207 20.69 23.34 28.29
CA TRP A 207 19.70 23.10 29.34
C TRP A 207 19.51 24.33 30.20
N GLY A 208 20.63 24.94 30.61
CA GLY A 208 20.60 26.16 31.41
C GLY A 208 19.80 27.26 30.70
N LYS A 209 20.11 27.49 29.42
CA LYS A 209 19.45 28.54 28.66
C LYS A 209 17.98 28.23 28.44
N LEU A 210 17.66 26.95 28.21
CA LEU A 210 16.30 26.51 27.96
C LEU A 210 15.45 26.78 29.20
N GLU A 211 15.97 26.39 30.38
CA GLU A 211 15.25 26.62 31.62
C GLU A 211 14.97 28.11 31.80
N LYS A 212 15.99 28.95 31.60
CA LYS A 212 15.84 30.38 31.76
C LYS A 212 14.79 30.93 30.79
N ASN A 213 14.89 30.57 29.51
CA ASN A 213 13.98 31.11 28.50
C ASN A 213 12.55 30.68 28.76
N ILE A 214 12.33 29.45 29.21
CA ILE A 214 10.98 28.97 29.49
C ILE A 214 10.42 29.72 30.69
N THR A 215 11.23 29.88 31.75
CA THR A 215 10.77 30.61 32.93
C THR A 215 10.35 32.03 32.53
N ARG A 216 11.21 32.70 31.75
CA ARG A 216 10.92 34.05 31.30
C ARG A 216 9.64 34.05 30.46
N GLY A 217 9.56 33.12 29.51
CA GLY A 217 8.40 33.03 28.63
C GLY A 217 7.11 32.82 29.42
N LEU A 218 7.16 31.95 30.44
CA LEU A 218 6.01 31.69 31.27
C LEU A 218 5.63 32.96 32.00
N GLU A 219 6.62 33.68 32.52
CA GLU A 219 6.34 34.94 33.20
C GLU A 219 5.62 35.90 32.25
N GLU A 220 6.15 36.06 31.02
CA GLU A 220 5.56 36.94 30.03
C GLU A 220 4.10 36.56 29.76
N GLU A 221 3.84 35.26 29.62
CA GLU A 221 2.54 34.74 29.28
C GLU A 221 1.57 35.03 30.43
N PHE A 222 2.03 34.84 31.68
CA PHE A 222 1.20 35.16 32.84
C PHE A 222 0.76 36.61 32.75
N ILE A 223 1.70 37.52 32.48
CA ILE A 223 1.37 38.94 32.45
C ILE A 223 0.30 39.20 31.40
N ARG A 224 0.48 38.66 30.18
CA ARG A 224 -0.49 38.82 29.10
C ARG A 224 -1.90 38.42 29.55
N ILE A 225 -2.05 37.22 30.11
CA ILE A 225 -3.37 36.71 30.49
C ILE A 225 -3.94 37.57 31.59
N GLN A 226 -3.12 37.91 32.60
CA GLN A 226 -3.60 38.70 33.72
C GLN A 226 -4.07 40.06 33.24
N ALA A 227 -3.53 40.54 32.11
CA ALA A 227 -3.88 41.85 31.57
C ALA A 227 -5.26 41.81 30.90
N LYS A 228 -5.80 40.61 30.65
CA LYS A 228 -7.06 40.45 29.94
C LYS A 228 -8.23 40.83 30.86
N GLU A 229 -9.33 41.30 30.25
CA GLU A 229 -10.53 41.65 30.97
C GLU A 229 -11.15 40.38 31.58
N GLU A 230 -11.52 40.48 32.86
CA GLU A 230 -12.08 39.36 33.61
C GLU A 230 -13.19 38.71 32.80
N SER A 231 -13.00 37.44 32.43
CA SER A 231 -13.92 36.72 31.58
C SER A 231 -13.63 35.22 31.71
N GLU A 232 -14.61 34.39 31.39
CA GLU A 232 -14.45 32.95 31.51
C GLU A 232 -13.32 32.49 30.58
N GLU A 233 -13.23 33.09 29.39
CA GLU A 233 -12.12 32.81 28.47
C GLU A 233 -10.78 33.00 29.19
N LYS A 234 -10.63 34.15 29.85
CA LYS A 234 -9.45 34.45 30.66
C LYS A 234 -9.25 33.36 31.70
N GLU A 235 -10.31 33.02 32.43
CA GLU A 235 -10.26 32.00 33.48
C GLU A 235 -9.75 30.69 32.88
N GLU A 236 -10.23 30.37 31.68
CA GLU A 236 -9.84 29.14 31.00
C GLU A 236 -8.36 29.21 30.61
N GLN A 237 -7.94 30.34 30.05
CA GLN A 237 -6.53 30.56 29.70
C GLN A 237 -5.66 30.44 30.95
N VAL A 238 -6.15 30.97 32.09
CA VAL A 238 -5.45 30.83 33.35
C VAL A 238 -5.24 29.33 33.62
N ALA A 239 -6.32 28.56 33.51
CA ALA A 239 -6.27 27.14 33.82
C ALA A 239 -5.24 26.45 32.92
N GLU A 240 -5.32 26.72 31.61
CA GLU A 240 -4.40 26.16 30.65
C GLU A 240 -2.96 26.54 31.00
N PHE A 241 -2.73 27.81 31.33
CA PHE A 241 -1.41 28.30 31.67
C PHE A 241 -0.85 27.48 32.83
N GLN A 242 -1.68 27.31 33.86
CA GLN A 242 -1.24 26.62 35.06
C GLN A 242 -0.83 25.21 34.70
N LYS A 243 -1.63 24.54 33.85
CA LYS A 243 -1.29 23.20 33.40
C LYS A 243 0.03 23.20 32.64
N GLN A 244 0.13 24.09 31.65
CA GLN A 244 1.29 24.12 30.78
C GLN A 244 2.54 24.41 31.60
N LYS A 245 2.45 25.37 32.52
CA LYS A 245 3.57 25.71 33.38
C LYS A 245 4.09 24.48 34.12
N GLU A 246 3.16 23.74 34.73
CA GLU A 246 3.53 22.56 35.51
C GLU A 246 4.26 21.57 34.60
N VAL A 247 3.71 21.33 33.40
CA VAL A 247 4.33 20.40 32.47
C VAL A 247 5.71 20.88 32.11
N LEU A 248 5.82 22.13 31.67
CA LEU A 248 7.08 22.61 31.11
C LEU A 248 8.15 22.63 32.22
N LEU A 249 7.76 23.03 33.43
CA LEU A 249 8.75 23.12 34.50
C LEU A 249 9.15 21.72 34.99
N SER A 250 8.20 20.79 34.98
CA SER A 250 8.48 19.41 35.34
C SER A 250 9.66 18.88 34.55
N LEU A 251 9.89 19.39 33.33
CA LEU A 251 11.00 18.94 32.51
C LEU A 251 12.35 19.11 33.23
N PHE A 252 12.50 20.15 34.05
CA PHE A 252 13.78 20.46 34.67
C PHE A 252 13.93 19.76 36.03
N ASP A 253 12.98 18.91 36.41
CA ASP A 253 13.01 18.15 37.66
C ASP A 253 13.63 16.77 37.42
N GLU A 254 14.94 16.66 37.65
CA GLU A 254 15.67 15.42 37.41
C GLU A 254 15.19 14.30 38.34
N LYS A 255 14.71 14.64 39.53
CA LYS A 255 14.21 13.65 40.47
C LYS A 255 12.93 13.01 39.96
N ARG A 256 12.00 13.82 39.45
CA ARG A 256 10.81 13.29 38.82
C ARG A 256 11.19 12.34 37.68
N HIS A 257 12.21 12.69 36.90
CA HIS A 257 12.62 11.83 35.81
C HIS A 257 13.08 10.46 36.32
N GLU A 258 13.90 10.48 37.38
CA GLU A 258 14.42 9.26 38.00
C GLU A 258 13.27 8.39 38.50
N HIS A 259 12.30 9.04 39.13
CA HIS A 259 11.09 8.36 39.59
C HIS A 259 10.38 7.70 38.40
N LEU A 260 10.23 8.44 37.29
CA LEU A 260 9.49 7.92 36.15
C LEU A 260 10.26 6.77 35.49
N LEU A 261 11.60 6.86 35.48
CA LEU A 261 12.46 5.75 35.07
C LEU A 261 12.15 4.50 35.89
N SER A 262 12.10 4.65 37.22
CA SER A 262 11.86 3.52 38.10
C SER A 262 10.54 2.83 37.76
N LYS A 263 9.53 3.61 37.37
CA LYS A 263 8.23 3.05 37.05
C LYS A 263 8.22 2.51 35.63
N GLY A 264 9.28 2.77 34.85
CA GLY A 264 9.35 2.35 33.47
C GLY A 264 8.44 3.16 32.54
N GLU A 265 7.99 4.34 32.98
CA GLU A 265 7.21 5.24 32.15
C GLU A 265 8.14 6.09 31.29
N ARG A 266 9.42 6.12 31.67
CA ARG A 266 10.46 6.61 30.80
C ARG A 266 11.55 5.55 30.72
N ARG A 267 12.45 5.67 29.72
CA ARG A 267 13.50 4.69 29.50
C ARG A 267 14.86 5.33 29.33
N LEU A 268 14.93 6.55 28.78
CA LEU A 268 16.19 7.21 28.53
C LEU A 268 16.69 7.93 29.78
N SER A 269 18.02 7.98 29.93
CA SER A 269 18.62 8.79 30.98
C SER A 269 18.24 10.25 30.76
N TYR A 270 18.33 11.03 31.83
CA TYR A 270 17.98 12.43 31.81
C TYR A 270 18.85 13.15 30.78
N ARG A 271 20.15 12.80 30.74
CA ARG A 271 21.05 13.50 29.86
C ARG A 271 20.74 13.13 28.40
N ALA A 272 20.41 11.86 28.13
CA ALA A 272 20.03 11.43 26.80
C ALA A 272 18.79 12.21 26.34
N LEU A 273 17.85 12.43 27.25
CA LEU A 273 16.65 13.18 26.94
C LEU A 273 17.01 14.59 26.47
N GLN A 274 18.00 15.20 27.16
CA GLN A 274 18.49 16.52 26.80
C GLN A 274 19.06 16.53 25.38
N GLY A 275 19.85 15.50 25.06
CA GLY A 275 20.41 15.37 23.73
C GLY A 275 19.34 15.27 22.66
N ALA A 276 18.34 14.42 22.91
CA ALA A 276 17.22 14.25 21.99
C ALA A 276 16.52 15.59 21.74
N LEU A 277 16.29 16.34 22.82
CA LEU A 277 15.58 17.61 22.70
C LEU A 277 16.43 18.62 21.95
N MET A 278 17.75 18.56 22.15
CA MET A 278 18.68 19.42 21.46
C MET A 278 18.54 19.16 19.95
N ILE A 279 18.53 17.87 19.56
CA ILE A 279 18.42 17.50 18.17
C ILE A 279 17.08 17.98 17.61
N TYR A 280 15.99 17.81 18.38
CA TYR A 280 14.66 18.21 17.93
C TYR A 280 14.63 19.70 17.63
N PHE A 281 15.11 20.52 18.56
CA PHE A 281 14.96 21.96 18.42
C PHE A 281 15.93 22.50 17.37
N TYR A 282 17.10 21.88 17.19
CA TYR A 282 18.08 22.42 16.26
C TYR A 282 18.26 21.52 15.02
N ARG A 283 17.20 20.79 14.67
CA ARG A 283 17.22 19.81 13.59
C ARG A 283 17.74 20.39 12.27
N GLU A 284 17.55 21.68 12.00
CA GLU A 284 17.91 22.20 10.68
C GLU A 284 19.42 22.50 10.63
N GLU A 285 20.08 22.59 11.79
CA GLU A 285 21.53 22.80 11.80
C GLU A 285 22.17 21.59 11.13
N PRO A 286 23.14 21.78 10.20
CA PRO A 286 23.66 20.68 9.37
C PRO A 286 24.00 19.38 10.11
N ARG A 287 24.72 19.51 11.23
CA ARG A 287 25.17 18.36 11.98
C ARG A 287 24.01 17.59 12.59
N PHE A 288 22.86 18.23 12.77
CA PHE A 288 21.71 17.57 13.38
C PHE A 288 20.67 17.06 12.38
N GLN A 289 20.84 17.33 11.08
CA GLN A 289 19.82 17.00 10.09
C GLN A 289 19.65 15.48 10.00
N VAL A 290 20.74 14.75 9.85
CA VAL A 290 20.63 13.31 9.73
C VAL A 290 20.32 12.67 11.09
N PRO A 291 20.94 13.10 12.20
CA PRO A 291 20.48 12.68 13.53
C PRO A 291 18.98 12.84 13.77
N PHE A 292 18.38 13.95 13.33
CA PHE A 292 16.95 14.11 13.46
C PHE A 292 16.21 13.00 12.70
N GLN A 293 16.67 12.68 11.49
CA GLN A 293 16.05 11.63 10.70
C GLN A 293 16.18 10.29 11.43
N LEU A 294 17.31 10.06 12.11
CA LEU A 294 17.48 8.85 12.88
C LEU A 294 16.40 8.76 13.97
N LEU A 295 16.17 9.87 14.69
CA LEU A 295 15.22 9.84 15.78
C LEU A 295 13.83 9.53 15.24
N THR A 296 13.50 10.17 14.11
CA THR A 296 12.26 9.95 13.37
C THR A 296 12.10 8.47 13.05
N SER A 297 13.15 7.85 12.56
CA SER A 297 13.08 6.44 12.14
C SER A 297 12.88 5.51 13.33
N LEU A 298 13.51 5.82 14.48
CA LEU A 298 13.36 5.01 15.67
C LEU A 298 11.90 5.05 16.10
N MET A 299 11.29 6.24 16.09
CA MET A 299 9.86 6.31 16.39
C MET A 299 9.06 5.49 15.39
N ASP A 300 9.43 5.57 14.10
CA ASP A 300 8.71 4.84 13.05
C ASP A 300 8.74 3.34 13.31
N ILE A 301 9.91 2.85 13.73
CA ILE A 301 10.07 1.42 13.99
C ILE A 301 9.15 0.98 15.13
N ASP A 302 9.08 1.80 16.18
CA ASP A 302 8.25 1.48 17.32
C ASP A 302 6.78 1.46 16.89
N SER A 303 6.35 2.47 16.11
CA SER A 303 4.97 2.55 15.64
C SER A 303 4.62 1.34 14.78
N LEU A 304 5.55 0.94 13.91
CA LEU A 304 5.30 -0.15 12.98
C LEU A 304 5.30 -1.50 13.71
N MET A 305 6.19 -1.68 14.70
CA MET A 305 6.15 -2.86 15.56
C MET A 305 4.80 -2.94 16.26
N THR A 306 4.28 -1.81 16.73
CA THR A 306 3.01 -1.81 17.43
C THR A 306 1.90 -2.19 16.44
N LYS A 307 2.00 -1.67 15.21
CA LYS A 307 1.00 -1.96 14.20
C LYS A 307 1.04 -3.45 13.83
N TRP A 308 2.23 -4.02 13.75
CA TRP A 308 2.35 -5.46 13.54
C TRP A 308 1.59 -6.20 14.64
N ARG A 309 1.77 -5.81 15.92
CA ARG A 309 1.17 -6.52 17.03
C ARG A 309 -0.34 -6.40 16.96
N TYR A 310 -0.80 -5.20 16.62
CA TYR A 310 -2.22 -4.93 16.51
C TYR A 310 -2.83 -5.82 15.42
N ASN A 311 -2.22 -5.85 14.23
CA ASN A 311 -2.78 -6.65 13.15
C ASN A 311 -2.74 -8.12 13.53
N HIS A 312 -1.71 -8.55 14.26
CA HIS A 312 -1.62 -9.94 14.68
C HIS A 312 -2.78 -10.27 15.63
N VAL A 313 -3.07 -9.37 16.58
CA VAL A 313 -4.15 -9.55 17.53
C VAL A 313 -5.48 -9.67 16.77
N CYS A 314 -5.76 -8.72 15.87
CA CYS A 314 -6.98 -8.75 15.08
C CYS A 314 -7.12 -10.07 14.34
N MET A 315 -6.00 -10.65 13.90
CA MET A 315 -6.01 -11.89 13.14
C MET A 315 -6.35 -13.05 14.08
N VAL A 316 -5.71 -13.11 15.25
CA VAL A 316 -6.02 -14.14 16.22
C VAL A 316 -7.52 -14.12 16.54
N HIS A 317 -8.09 -12.93 16.70
CA HIS A 317 -9.49 -12.78 17.05
C HIS A 317 -10.38 -13.29 15.93
N ARG A 318 -10.03 -13.00 14.69
CA ARG A 318 -10.88 -13.36 13.57
C ARG A 318 -10.89 -14.88 13.35
N MET A 319 -9.80 -15.55 13.73
CA MET A 319 -9.68 -16.99 13.57
C MET A 319 -10.16 -17.75 14.81
N LEU A 320 -9.76 -17.35 16.02
CA LEU A 320 -10.02 -18.14 17.22
C LEU A 320 -11.20 -17.56 17.99
N GLY A 321 -11.56 -16.31 17.72
CA GLY A 321 -12.65 -15.66 18.43
C GLY A 321 -12.19 -15.11 19.78
N SER A 322 -13.07 -14.37 20.45
CA SER A 322 -12.78 -13.84 21.78
C SER A 322 -12.63 -15.03 22.73
N LYS A 323 -11.48 -15.14 23.40
CA LYS A 323 -11.20 -16.25 24.32
C LYS A 323 -11.48 -17.59 23.62
N SER A 330 -6.83 -15.84 27.99
CA SER A 330 -6.75 -16.15 26.54
C SER A 330 -5.57 -15.40 25.93
N GLY A 331 -4.95 -16.04 24.93
CA GLY A 331 -3.90 -15.43 24.14
C GLY A 331 -4.30 -14.02 23.70
N TYR A 332 -5.55 -13.90 23.20
CA TYR A 332 -6.10 -12.63 22.75
C TYR A 332 -5.79 -11.53 23.78
N HIS A 333 -6.10 -11.77 25.06
CA HIS A 333 -5.93 -10.73 26.08
C HIS A 333 -4.46 -10.45 26.37
N TYR A 334 -3.62 -11.49 26.44
CA TYR A 334 -2.18 -11.27 26.59
C TYR A 334 -1.66 -10.42 25.40
N LEU A 335 -2.04 -10.81 24.19
CA LEU A 335 -1.57 -10.13 22.99
C LEU A 335 -2.04 -8.67 22.98
N ARG A 336 -3.29 -8.44 23.42
CA ARG A 336 -3.83 -7.07 23.51
C ARG A 336 -2.96 -6.24 24.44
N SER A 337 -2.47 -6.88 25.52
CA SER A 337 -1.62 -6.21 26.50
C SER A 337 -0.30 -5.78 25.85
N THR A 338 0.14 -6.51 24.81
CA THR A 338 1.38 -6.19 24.14
C THR A 338 1.23 -4.92 23.30
N VAL A 339 -0.01 -4.56 22.94
CA VAL A 339 -0.23 -3.39 22.10
C VAL A 339 -0.30 -2.17 23.00
N SER A 340 0.86 -1.67 23.46
CA SER A 340 0.88 -0.66 24.52
C SER A 340 2.26 -0.01 24.55
N ASP A 341 2.37 1.10 25.29
CA ASP A 341 3.63 1.83 25.42
C ASP A 341 4.68 1.01 26.17
N ARG A 342 4.28 0.01 26.95
CA ARG A 342 5.24 -0.83 27.63
C ARG A 342 6.15 -1.55 26.64
N TYR A 343 5.69 -1.75 25.39
CA TYR A 343 6.50 -2.41 24.37
C TYR A 343 7.13 -1.40 23.42
N LYS A 344 6.86 -0.10 23.60
CA LYS A 344 7.49 0.93 22.78
C LYS A 344 8.79 1.39 23.44
N VAL A 345 9.91 0.95 22.86
CA VAL A 345 11.22 1.20 23.43
C VAL A 345 11.57 2.69 23.42
N PHE A 346 11.16 3.44 22.39
CA PHE A 346 11.55 4.84 22.25
C PHE A 346 10.37 5.77 22.54
N VAL A 347 9.52 5.34 23.45
CA VAL A 347 8.40 6.13 23.95
C VAL A 347 8.85 7.55 24.32
N ASP A 348 10.05 7.71 24.86
CA ASP A 348 10.53 9.02 25.26
C ASP A 348 10.59 9.96 24.05
N LEU A 349 10.91 9.42 22.87
CA LEU A 349 11.04 10.24 21.68
C LEU A 349 9.68 10.76 21.25
N PHE A 350 8.65 9.94 21.36
CA PHE A 350 7.28 10.39 21.13
C PHE A 350 6.90 11.48 22.14
N ASN A 351 7.26 11.31 23.41
CA ASN A 351 6.71 12.15 24.46
C ASN A 351 7.34 13.56 24.48
N LEU A 352 8.44 13.75 23.77
CA LEU A 352 8.98 15.10 23.64
C LEU A 352 8.00 16.09 22.98
N SER A 353 7.01 15.63 22.21
CA SER A 353 5.87 16.46 21.82
C SER A 353 5.29 17.25 22.99
N THR A 354 5.09 16.59 24.13
CA THR A 354 4.54 17.21 25.32
C THR A 354 5.25 18.53 25.67
N TYR A 355 6.56 18.62 25.40
CA TYR A 355 7.37 19.77 25.80
C TYR A 355 7.69 20.70 24.62
N LEU A 356 6.74 20.92 23.71
CA LEU A 356 6.91 21.90 22.65
C LEU A 356 6.61 23.32 23.18
N ILE A 357 7.50 24.24 22.82
CA ILE A 357 7.44 25.62 23.27
C ILE A 357 7.36 26.51 22.03
N PRO A 358 6.93 27.78 22.16
CA PRO A 358 7.00 28.70 21.03
C PRO A 358 8.44 28.75 20.51
N ARG A 359 8.58 28.91 19.18
CA ARG A 359 9.88 28.85 18.53
C ARG A 359 10.82 29.93 19.10
N HIS A 360 10.26 31.09 19.45
CA HIS A 360 11.07 32.21 19.91
C HIS A 360 11.61 31.99 21.33
N TRP A 361 11.17 30.94 22.03
CA TRP A 361 11.71 30.64 23.34
C TRP A 361 12.97 29.79 23.22
N ILE A 362 13.17 29.18 22.05
CA ILE A 362 14.29 28.27 21.90
C ILE A 362 15.58 29.07 21.94
N PRO A 363 16.57 28.72 22.79
CA PRO A 363 17.82 29.47 22.85
C PRO A 363 18.36 29.66 21.44
N LYS A 364 18.75 30.91 21.14
CA LYS A 364 19.17 31.31 19.81
C LYS A 364 20.54 30.68 19.51
N MET A 365 20.75 30.28 18.25
CA MET A 365 22.06 29.85 17.79
C MET A 365 22.43 30.65 16.56
N ASN A 366 22.84 31.92 16.74
CA ASN A 366 23.31 32.75 15.63
C ASN A 366 24.73 32.34 15.26
N PRO A 367 25.15 32.46 13.97
CA PRO A 367 26.47 31.98 13.53
C PRO A 367 27.61 32.23 14.51
N THR A 368 27.58 33.38 15.20
CA THR A 368 28.52 33.66 16.28
C THR A 368 28.71 32.42 17.15
N ILE A 369 27.61 31.81 17.58
CA ILE A 369 27.61 30.57 18.36
C ILE A 369 27.31 29.38 17.45
N HIS A 370 26.69 29.65 16.28
CA HIS A 370 26.43 28.63 15.28
C HIS A 370 27.72 28.39 14.50
N LYS A 371 28.63 27.65 15.12
CA LYS A 371 29.87 27.25 14.46
C LYS A 371 30.09 25.75 14.67
N PHE A 372 29.75 25.26 15.87
CA PHE A 372 30.02 23.90 16.27
C PHE A 372 28.99 22.98 15.61
N LEU A 373 27.91 23.52 15.02
CA LEU A 373 26.91 22.65 14.39
C LEU A 373 27.00 22.63 12.86
N GLU A 374 28.19 22.93 12.32
CA GLU A 374 28.41 22.93 10.87
C GLU A 374 29.38 21.79 10.56
N HIS A 375 29.25 21.17 9.36
CA HIS A 375 30.17 20.14 8.92
C HIS A 375 30.86 20.57 7.63
N LEU B 24 5.43 -30.80 18.76
CA LEU B 24 5.60 -30.02 17.50
C LEU B 24 5.97 -28.57 17.85
N ILE B 25 7.16 -28.15 17.42
CA ILE B 25 7.68 -26.82 17.72
C ILE B 25 7.64 -25.99 16.44
N TYR B 26 7.38 -24.69 16.61
CA TYR B 26 7.24 -23.72 15.53
C TYR B 26 8.33 -23.90 14.47
N GLY B 27 9.58 -23.82 14.93
CA GLY B 27 10.73 -23.84 14.06
C GLY B 27 10.82 -25.14 13.29
N ASN B 28 10.43 -26.26 13.91
CA ASN B 28 10.39 -27.54 13.23
C ASN B 28 9.21 -27.63 12.26
N TYR B 29 8.05 -27.11 12.68
CA TYR B 29 6.86 -27.18 11.85
C TYR B 29 7.15 -26.42 10.54
N LEU B 30 7.80 -25.25 10.65
CA LEU B 30 8.08 -24.42 9.50
C LEU B 30 9.41 -24.75 8.82
N HIS B 31 10.14 -25.76 9.32
CA HIS B 31 11.43 -26.16 8.77
C HIS B 31 12.37 -24.97 8.66
N LEU B 32 12.42 -24.16 9.72
CA LEU B 32 13.27 -22.99 9.78
C LEU B 32 14.75 -23.37 9.76
N GLU B 33 15.07 -24.62 10.08
CA GLU B 33 16.45 -25.07 10.00
C GLU B 33 16.89 -25.09 8.53
N LYS B 34 15.94 -25.17 7.59
CA LYS B 34 16.25 -25.01 6.18
C LYS B 34 16.15 -23.54 5.76
N VAL B 35 15.03 -22.90 6.08
CA VAL B 35 14.69 -21.58 5.55
C VAL B 35 15.69 -20.53 6.03
N LEU B 36 16.13 -20.64 7.28
CA LEU B 36 16.97 -19.63 7.90
C LEU B 36 18.45 -20.04 7.92
N ASN B 37 18.79 -21.13 7.22
CA ASN B 37 20.17 -21.48 6.95
C ASN B 37 20.39 -21.59 5.44
N ALA B 38 19.87 -20.62 4.69
CA ALA B 38 19.91 -20.66 3.23
C ALA B 38 20.50 -19.37 2.68
N GLN B 39 21.15 -18.61 3.55
CA GLN B 39 21.65 -17.29 3.22
C GLN B 39 23.17 -17.33 3.21
N GLU B 40 23.78 -17.43 2.03
CA GLU B 40 25.22 -17.41 1.89
C GLU B 40 25.61 -16.29 0.93
N LEU B 41 26.31 -15.29 1.45
CA LEU B 41 26.73 -14.16 0.63
C LEU B 41 27.97 -14.57 -0.16
N GLN B 42 27.88 -14.52 -1.49
CA GLN B 42 29.01 -14.81 -2.35
C GLN B 42 30.16 -13.82 -2.08
N SER B 43 29.81 -12.57 -1.74
CA SER B 43 30.81 -11.59 -1.40
C SER B 43 31.66 -12.11 -0.24
N GLU B 44 31.00 -12.72 0.74
CA GLU B 44 31.67 -13.25 1.92
C GLU B 44 32.46 -14.52 1.60
N THR B 45 31.87 -15.41 0.78
CA THR B 45 32.57 -16.62 0.33
C THR B 45 33.88 -16.25 -0.35
N LYS B 46 33.91 -15.12 -1.07
CA LYS B 46 35.10 -14.70 -1.81
C LYS B 46 35.94 -13.70 -1.02
N GLY B 47 35.72 -13.63 0.31
CA GLY B 47 36.58 -12.88 1.21
C GLY B 47 36.34 -11.37 1.20
N ASN B 48 35.12 -10.90 0.88
CA ASN B 48 34.86 -9.47 0.78
C ASN B 48 33.36 -9.18 1.00
N LYS B 49 32.89 -9.50 2.19
CA LYS B 49 31.50 -9.42 2.59
C LYS B 49 30.97 -8.01 2.36
N ILE B 50 29.80 -7.92 1.71
CA ILE B 50 29.15 -6.66 1.41
C ILE B 50 27.74 -6.74 2.00
N HIS B 51 27.43 -5.81 2.88
CA HIS B 51 26.30 -5.86 3.78
C HIS B 51 25.01 -6.08 2.99
N ASP B 52 24.81 -5.30 1.92
CA ASP B 52 23.55 -5.26 1.19
C ASP B 52 23.32 -6.55 0.41
N GLU B 53 24.33 -7.40 0.21
CA GLU B 53 24.07 -8.63 -0.51
C GLU B 53 23.00 -9.45 0.21
N HIS B 54 22.94 -9.32 1.53
CA HIS B 54 22.04 -10.12 2.33
C HIS B 54 20.60 -9.77 1.98
N LEU B 55 20.32 -8.48 1.81
CA LEU B 55 19.02 -7.99 1.38
C LEU B 55 18.62 -8.60 0.03
N PHE B 56 19.58 -8.65 -0.88
CA PHE B 56 19.33 -9.12 -2.25
C PHE B 56 18.89 -10.59 -2.18
N ILE B 57 19.57 -11.38 -1.32
CA ILE B 57 19.26 -12.79 -1.17
C ILE B 57 17.84 -12.98 -0.59
N ILE B 58 17.54 -12.29 0.51
CA ILE B 58 16.31 -12.50 1.24
C ILE B 58 15.13 -12.08 0.37
N THR B 59 15.26 -10.93 -0.31
CA THR B 59 14.20 -10.46 -1.16
C THR B 59 13.82 -11.51 -2.19
N HIS B 60 14.82 -12.11 -2.86
CA HIS B 60 14.53 -13.12 -3.88
C HIS B 60 13.92 -14.37 -3.24
N GLN B 61 14.42 -14.79 -2.07
CA GLN B 61 13.87 -15.95 -1.42
C GLN B 61 12.39 -15.71 -1.06
N ALA B 62 12.05 -14.49 -0.66
CA ALA B 62 10.68 -14.20 -0.32
C ALA B 62 9.81 -14.24 -1.58
N TYR B 63 10.28 -13.65 -2.68
CA TYR B 63 9.57 -13.76 -3.96
C TYR B 63 9.33 -15.23 -4.31
N GLU B 64 10.32 -16.06 -4.16
CA GLU B 64 10.20 -17.49 -4.49
C GLU B 64 9.23 -18.25 -3.57
N LEU B 65 9.21 -17.93 -2.27
CA LEU B 65 8.20 -18.50 -1.39
C LEU B 65 6.80 -18.18 -1.93
N TRP B 66 6.57 -16.92 -2.27
CA TRP B 66 5.26 -16.51 -2.74
C TRP B 66 4.95 -17.06 -4.13
N PHE B 67 5.94 -17.25 -4.98
CA PHE B 67 5.73 -17.91 -6.27
C PHE B 67 5.25 -19.33 -6.02
N LYS B 68 5.87 -20.01 -5.06
CA LYS B 68 5.45 -21.37 -4.71
C LYS B 68 3.99 -21.39 -4.28
N GLN B 69 3.57 -20.40 -3.49
CA GLN B 69 2.19 -20.30 -3.04
C GLN B 69 1.25 -20.03 -4.21
N ILE B 70 1.64 -19.12 -5.12
CA ILE B 70 0.83 -18.85 -6.29
C ILE B 70 0.64 -20.13 -7.10
N LEU B 71 1.71 -20.90 -7.30
CA LEU B 71 1.65 -22.17 -8.04
C LEU B 71 0.70 -23.15 -7.36
N TRP B 72 0.69 -23.16 -6.03
CA TRP B 72 -0.13 -24.06 -5.28
C TRP B 72 -1.61 -23.71 -5.49
N GLU B 73 -1.94 -22.43 -5.42
CA GLU B 73 -3.30 -21.99 -5.65
C GLU B 73 -3.70 -22.27 -7.10
N LEU B 74 -2.84 -21.88 -8.04
CA LEU B 74 -3.15 -21.95 -9.46
C LEU B 74 -3.32 -23.40 -9.92
N ASP B 75 -2.43 -24.28 -9.45
CA ASP B 75 -2.57 -25.71 -9.72
C ASP B 75 -3.87 -26.28 -9.14
N SER B 76 -4.26 -25.87 -7.93
CA SER B 76 -5.49 -26.37 -7.33
C SER B 76 -6.68 -25.95 -8.18
N VAL B 77 -6.61 -24.76 -8.77
CA VAL B 77 -7.70 -24.25 -9.58
C VAL B 77 -7.69 -24.93 -10.94
N ARG B 78 -6.51 -25.17 -11.51
CA ARG B 78 -6.42 -25.91 -12.77
C ARG B 78 -7.06 -27.29 -12.60
N GLU B 79 -6.76 -27.97 -11.47
CA GLU B 79 -7.26 -29.31 -11.21
C GLU B 79 -8.80 -29.31 -11.15
N ILE B 80 -9.38 -28.33 -10.46
CA ILE B 80 -10.82 -28.20 -10.32
C ILE B 80 -11.50 -28.08 -11.69
N PHE B 81 -10.88 -27.38 -12.63
CA PHE B 81 -11.40 -27.31 -13.99
C PHE B 81 -11.19 -28.64 -14.70
N GLN B 82 -9.94 -29.13 -14.69
CA GLN B 82 -9.57 -30.28 -15.51
C GLN B 82 -10.30 -31.55 -15.08
N ASN B 83 -10.59 -31.71 -13.79
CA ASN B 83 -11.20 -32.94 -13.31
C ASN B 83 -12.73 -32.81 -13.29
N GLY B 84 -13.28 -31.67 -13.71
CA GLY B 84 -14.72 -31.53 -13.88
C GLY B 84 -15.45 -31.03 -12.62
N HIS B 85 -14.74 -30.82 -11.52
CA HIS B 85 -15.38 -30.32 -10.32
C HIS B 85 -16.02 -28.94 -10.55
N VAL B 86 -15.47 -28.13 -11.45
CA VAL B 86 -16.06 -26.83 -11.72
C VAL B 86 -17.48 -26.97 -12.25
N ARG B 87 -17.84 -28.14 -12.76
CA ARG B 87 -19.17 -28.30 -13.32
C ARG B 87 -20.20 -28.17 -12.21
N ASP B 88 -19.84 -28.57 -11.00
CA ASP B 88 -20.66 -28.36 -9.83
C ASP B 88 -20.41 -26.93 -9.33
N GLU B 89 -21.40 -26.06 -9.50
CA GLU B 89 -21.26 -24.63 -9.28
C GLU B 89 -21.12 -24.31 -7.80
N ARG B 90 -21.29 -25.31 -6.93
CA ARG B 90 -20.96 -25.15 -5.53
C ARG B 90 -19.47 -24.78 -5.36
N ASN B 91 -18.63 -25.13 -6.35
CA ASN B 91 -17.20 -24.95 -6.21
C ASN B 91 -16.74 -23.61 -6.74
N MET B 92 -17.64 -22.75 -7.23
CA MET B 92 -17.21 -21.49 -7.80
C MET B 92 -16.66 -20.55 -6.71
N LEU B 93 -17.18 -20.67 -5.48
CA LEU B 93 -16.74 -19.77 -4.43
C LEU B 93 -15.26 -20.01 -4.13
N LYS B 94 -14.89 -21.28 -4.00
CA LYS B 94 -13.53 -21.70 -3.79
C LYS B 94 -12.65 -21.25 -4.96
N VAL B 95 -13.15 -21.37 -6.19
CA VAL B 95 -12.35 -21.00 -7.35
C VAL B 95 -12.04 -19.51 -7.27
N VAL B 96 -13.07 -18.70 -7.03
CA VAL B 96 -12.88 -17.27 -7.02
C VAL B 96 -12.07 -16.80 -5.81
N SER B 97 -12.22 -17.44 -4.65
CA SER B 97 -11.44 -17.04 -3.48
C SER B 97 -9.95 -17.30 -3.72
N ARG B 98 -9.61 -18.43 -4.32
CA ARG B 98 -8.22 -18.74 -4.59
C ARG B 98 -7.63 -17.84 -5.66
N MET B 99 -8.38 -17.48 -6.69
CA MET B 99 -7.88 -16.58 -7.72
C MET B 99 -7.73 -15.18 -7.15
N HIS B 100 -8.70 -14.76 -6.33
CA HIS B 100 -8.56 -13.52 -5.58
C HIS B 100 -7.30 -13.54 -4.68
N ARG B 101 -7.05 -14.65 -4.02
CA ARG B 101 -5.89 -14.79 -3.17
C ARG B 101 -4.62 -14.59 -4.01
N VAL B 102 -4.56 -15.17 -5.20
CA VAL B 102 -3.43 -14.97 -6.10
C VAL B 102 -3.22 -13.48 -6.36
N SER B 103 -4.29 -12.72 -6.57
CA SER B 103 -4.14 -11.30 -6.86
C SER B 103 -3.68 -10.54 -5.63
N VAL B 104 -4.12 -10.95 -4.42
CA VAL B 104 -3.66 -10.31 -3.19
C VAL B 104 -2.14 -10.53 -3.01
N ILE B 105 -1.66 -11.74 -3.28
CA ILE B 105 -0.24 -12.04 -3.16
C ILE B 105 0.54 -11.20 -4.17
N LEU B 106 0.09 -11.15 -5.44
CA LEU B 106 0.81 -10.42 -6.47
C LEU B 106 0.91 -8.94 -6.10
N LYS B 107 -0.15 -8.41 -5.53
CA LYS B 107 -0.15 -7.03 -5.07
C LYS B 107 0.94 -6.81 -4.02
N LEU B 108 1.08 -7.77 -3.09
CA LEU B 108 2.13 -7.66 -2.10
C LEU B 108 3.48 -7.73 -2.80
N LEU B 109 3.62 -8.61 -3.80
CA LEU B 109 4.88 -8.75 -4.52
C LEU B 109 5.26 -7.47 -5.26
N VAL B 110 4.29 -6.73 -5.76
CA VAL B 110 4.55 -5.44 -6.38
C VAL B 110 5.04 -4.46 -5.32
N GLN B 111 4.37 -4.41 -4.16
CA GLN B 111 4.78 -3.53 -3.07
C GLN B 111 6.20 -3.90 -2.58
N GLN B 112 6.56 -5.18 -2.62
CA GLN B 112 7.83 -5.65 -2.10
C GLN B 112 9.05 -5.07 -2.84
N PHE B 113 8.86 -4.52 -4.05
CA PHE B 113 9.95 -3.81 -4.71
C PHE B 113 10.40 -2.61 -3.88
N SER B 114 9.51 -2.02 -3.06
CA SER B 114 9.88 -0.90 -2.21
C SER B 114 11.06 -1.25 -1.30
N ILE B 115 11.22 -2.52 -0.94
CA ILE B 115 12.31 -2.87 -0.06
C ILE B 115 13.64 -2.80 -0.82
N LEU B 116 13.64 -3.32 -2.05
CA LEU B 116 14.87 -3.35 -2.82
C LEU B 116 15.21 -1.95 -3.32
N GLU B 117 14.23 -1.05 -3.40
CA GLU B 117 14.58 0.33 -3.69
C GLU B 117 15.37 1.00 -2.56
N THR B 118 15.50 0.42 -1.35
CA THR B 118 16.34 1.02 -0.31
C THR B 118 17.81 0.62 -0.54
N MET B 119 18.11 -0.21 -1.55
CA MET B 119 19.50 -0.48 -1.92
C MET B 119 19.92 0.45 -3.06
N THR B 120 20.98 1.23 -2.87
CA THR B 120 21.44 2.10 -3.94
C THR B 120 22.20 1.31 -5.00
N ALA B 121 22.29 1.88 -6.20
CA ALA B 121 23.04 1.27 -7.29
C ALA B 121 24.51 1.18 -6.93
N LEU B 122 25.02 2.20 -6.24
CA LEU B 122 26.41 2.20 -5.80
C LEU B 122 26.70 1.00 -4.89
N ASP B 123 25.78 0.68 -3.99
CA ASP B 123 25.97 -0.43 -3.08
C ASP B 123 25.77 -1.77 -3.81
N PHE B 124 24.79 -1.83 -4.70
CA PHE B 124 24.62 -3.02 -5.54
C PHE B 124 25.91 -3.29 -6.32
N ASN B 125 26.53 -2.23 -6.82
CA ASN B 125 27.74 -2.36 -7.62
C ASN B 125 28.89 -3.01 -6.83
N ASP B 126 28.83 -3.02 -5.50
CA ASP B 126 29.93 -3.57 -4.73
C ASP B 126 29.89 -5.10 -4.66
N PHE B 127 28.74 -5.75 -4.92
CA PHE B 127 28.70 -7.22 -4.89
C PHE B 127 28.24 -7.83 -6.22
N ARG B 128 27.94 -6.97 -7.21
CA ARG B 128 27.39 -7.44 -8.47
C ARG B 128 28.29 -8.48 -9.12
N GLU B 129 29.61 -8.25 -9.08
CA GLU B 129 30.60 -9.11 -9.71
C GLU B 129 30.49 -10.56 -9.20
N TYR B 130 30.19 -10.76 -7.91
CA TYR B 130 30.19 -12.09 -7.32
C TYR B 130 28.94 -12.87 -7.74
N LEU B 131 28.00 -12.23 -8.43
CA LEU B 131 26.73 -12.86 -8.78
C LEU B 131 26.86 -13.58 -10.14
N SER B 132 27.62 -12.99 -11.07
CA SER B 132 27.71 -13.52 -12.41
C SER B 132 28.14 -14.99 -12.37
N PRO B 133 27.56 -15.88 -13.20
CA PRO B 133 26.57 -15.49 -14.20
C PRO B 133 25.12 -15.75 -13.83
N ALA B 134 24.81 -15.84 -12.53
CA ALA B 134 23.46 -16.12 -12.07
C ALA B 134 22.51 -15.03 -12.56
N SER B 135 21.26 -15.41 -12.87
CA SER B 135 20.29 -14.47 -13.42
C SER B 135 18.89 -14.83 -12.97
N GLY B 136 18.01 -13.82 -12.92
CA GLY B 136 16.59 -14.03 -12.63
C GLY B 136 15.94 -14.95 -13.67
N PHE B 137 16.49 -14.93 -14.89
CA PHE B 137 16.03 -15.77 -15.97
C PHE B 137 15.95 -17.22 -15.49
N GLN B 138 16.79 -17.56 -14.50
CA GLN B 138 16.89 -18.93 -14.03
C GLN B 138 15.83 -19.22 -12.97
N SER B 139 14.90 -18.30 -12.71
CA SER B 139 13.75 -18.62 -11.85
C SER B 139 12.83 -19.62 -12.56
N LEU B 140 12.96 -20.89 -12.19
CA LEU B 140 12.09 -21.96 -12.65
C LEU B 140 10.65 -21.60 -12.35
N GLN B 141 10.37 -21.18 -11.11
CA GLN B 141 8.98 -21.04 -10.69
C GLN B 141 8.28 -19.93 -11.46
N PHE B 142 9.01 -18.85 -11.75
CA PHE B 142 8.42 -17.76 -12.51
C PHE B 142 8.02 -18.26 -13.91
N ARG B 143 8.88 -19.05 -14.54
CA ARG B 143 8.56 -19.66 -15.83
C ARG B 143 7.37 -20.60 -15.72
N LEU B 144 7.35 -21.44 -14.68
CA LEU B 144 6.24 -22.37 -14.47
C LEU B 144 4.94 -21.59 -14.38
N LEU B 145 4.96 -20.48 -13.64
CA LEU B 145 3.79 -19.64 -13.46
C LEU B 145 3.31 -19.05 -14.79
N GLU B 146 4.22 -18.50 -15.57
CA GLU B 146 3.86 -17.96 -16.89
C GLU B 146 3.24 -19.05 -17.74
N ASN B 147 3.91 -20.21 -17.82
CA ASN B 147 3.45 -21.31 -18.63
C ASN B 147 2.04 -21.76 -18.20
N LYS B 148 1.84 -21.93 -16.88
CA LYS B 148 0.61 -22.54 -16.40
C LYS B 148 -0.56 -21.59 -16.57
N ILE B 149 -0.31 -20.28 -16.53
CA ILE B 149 -1.38 -19.32 -16.75
C ILE B 149 -1.75 -19.37 -18.23
N GLY B 150 -0.75 -19.39 -19.12
CA GLY B 150 -0.98 -19.57 -20.55
C GLY B 150 -0.16 -18.66 -21.47
N VAL B 151 1.04 -18.26 -21.02
CA VAL B 151 1.90 -17.47 -21.90
C VAL B 151 2.42 -18.38 -23.01
N LEU B 152 2.30 -17.93 -24.27
CA LEU B 152 2.74 -18.76 -25.39
C LEU B 152 4.25 -18.59 -25.65
N GLN B 153 4.94 -19.71 -25.85
CA GLN B 153 6.39 -19.68 -26.04
C GLN B 153 6.71 -19.00 -27.37
N ASN B 154 5.91 -19.24 -28.41
CA ASN B 154 6.16 -18.63 -29.72
C ASN B 154 6.05 -17.10 -29.62
N MET B 155 5.17 -16.61 -28.73
CA MET B 155 4.96 -15.18 -28.58
C MET B 155 6.04 -14.55 -27.71
N ARG B 156 6.86 -15.35 -27.01
CA ARG B 156 7.88 -14.83 -26.13
C ARG B 156 8.95 -14.09 -26.93
N VAL B 157 9.41 -12.94 -26.41
CA VAL B 157 10.42 -12.14 -27.08
C VAL B 157 11.77 -12.84 -26.90
N PRO B 158 12.56 -13.08 -27.98
CA PRO B 158 13.88 -13.71 -27.85
C PRO B 158 14.88 -12.80 -27.15
N TYR B 159 15.71 -13.38 -26.28
CA TYR B 159 16.79 -12.64 -25.65
C TYR B 159 18.12 -13.01 -26.28
N ARG B 162 17.31 -15.81 -28.07
CA ARG B 162 17.55 -17.22 -27.66
C ARG B 162 16.27 -17.80 -27.08
N HIS B 163 16.26 -19.12 -26.82
CA HIS B 163 15.14 -19.75 -26.12
C HIS B 163 15.23 -19.42 -24.64
N TYR B 164 14.23 -19.83 -23.84
CA TYR B 164 14.23 -19.57 -22.41
C TYR B 164 14.62 -20.83 -21.62
N ARG B 165 14.19 -22.00 -22.10
CA ARG B 165 14.53 -23.26 -21.46
C ARG B 165 16.02 -23.61 -21.60
N ASP B 166 16.71 -22.96 -22.56
CA ASP B 166 18.14 -23.16 -22.75
C ASP B 166 18.93 -22.88 -21.47
N ASN B 167 18.38 -21.97 -20.64
CA ASN B 167 19.01 -21.63 -19.36
C ASN B 167 18.74 -22.70 -18.30
N PHE B 168 18.06 -23.77 -18.69
CA PHE B 168 17.67 -24.85 -17.80
C PHE B 168 18.12 -26.16 -18.45
N LYS B 169 18.33 -27.19 -17.61
CA LYS B 169 18.74 -28.52 -18.05
C LYS B 169 18.25 -29.55 -17.04
N GLY B 170 18.15 -30.82 -17.46
CA GLY B 170 17.82 -31.93 -16.57
C GLY B 170 16.37 -31.89 -16.11
N GLU B 171 16.11 -32.25 -14.85
CA GLU B 171 14.77 -32.39 -14.32
C GLU B 171 14.01 -31.07 -14.46
N GLU B 172 14.69 -29.96 -14.20
CA GLU B 172 14.11 -28.62 -14.32
C GLU B 172 13.60 -28.39 -15.74
N ASN B 173 14.42 -28.75 -16.74
CA ASN B 173 14.01 -28.57 -18.12
C ASN B 173 12.75 -29.40 -18.41
N GLU B 174 12.64 -30.55 -17.72
CA GLU B 174 11.53 -31.46 -17.94
C GLU B 174 10.26 -30.90 -17.28
N LEU B 175 10.40 -30.33 -16.08
CA LEU B 175 9.29 -29.67 -15.40
C LEU B 175 8.73 -28.57 -16.31
N LEU B 176 9.63 -27.79 -16.92
CA LEU B 176 9.23 -26.71 -17.82
C LEU B 176 8.41 -27.25 -18.98
N LEU B 177 8.84 -28.38 -19.54
CA LEU B 177 8.14 -28.96 -20.68
C LEU B 177 6.76 -29.42 -20.25
N LYS B 178 6.65 -30.14 -19.11
CA LYS B 178 5.35 -30.53 -18.57
C LYS B 178 4.43 -29.31 -18.45
N SER B 179 4.99 -28.21 -17.92
CA SER B 179 4.20 -26.99 -17.74
C SER B 179 3.75 -26.44 -19.10
N GLU B 180 4.52 -26.70 -20.16
CA GLU B 180 4.17 -26.25 -21.51
C GLU B 180 3.14 -27.18 -22.15
N GLN B 181 3.18 -28.48 -21.84
CA GLN B 181 2.30 -29.46 -22.48
C GLN B 181 0.98 -29.63 -21.73
N GLU B 182 0.96 -29.43 -20.40
CA GLU B 182 -0.26 -29.60 -19.63
C GLU B 182 -1.21 -28.46 -19.94
N LYS B 183 -2.50 -28.69 -19.69
CA LYS B 183 -3.53 -27.71 -19.94
C LYS B 183 -3.30 -26.46 -19.08
N THR B 184 -3.36 -25.30 -19.72
CA THR B 184 -3.11 -24.04 -19.07
C THR B 184 -4.42 -23.55 -18.48
N LEU B 185 -4.32 -22.58 -17.58
CA LEU B 185 -5.50 -21.94 -17.02
C LEU B 185 -6.35 -21.36 -18.15
N LEU B 186 -5.70 -20.70 -19.11
CA LEU B 186 -6.42 -20.14 -20.25
C LEU B 186 -7.25 -21.20 -20.98
N GLU B 187 -6.64 -22.35 -21.30
CA GLU B 187 -7.34 -23.41 -22.01
C GLU B 187 -8.48 -23.97 -21.16
N LEU B 188 -8.28 -24.07 -19.85
CA LEU B 188 -9.28 -24.67 -19.00
C LEU B 188 -10.47 -23.71 -18.85
N VAL B 189 -10.19 -22.42 -18.69
CA VAL B 189 -11.25 -21.42 -18.68
C VAL B 189 -11.97 -21.39 -20.03
N GLU B 190 -11.20 -21.50 -21.13
CA GLU B 190 -11.79 -21.57 -22.46
C GLU B 190 -12.85 -22.67 -22.55
N ALA B 191 -12.49 -23.91 -22.23
CA ALA B 191 -13.43 -25.03 -22.30
C ALA B 191 -14.67 -24.72 -21.47
N TRP B 192 -14.47 -24.17 -20.28
CA TRP B 192 -15.60 -23.87 -19.40
C TRP B 192 -16.48 -22.77 -20.01
N LEU B 193 -15.88 -21.74 -20.62
CA LEU B 193 -16.63 -20.66 -21.26
C LEU B 193 -17.46 -21.18 -22.43
N GLU B 194 -16.94 -22.19 -23.15
CA GLU B 194 -17.65 -22.79 -24.27
C GLU B 194 -18.93 -23.48 -23.82
N ARG B 195 -19.03 -23.89 -22.54
CA ARG B 195 -20.23 -24.55 -22.04
C ARG B 195 -21.20 -23.57 -21.39
N THR B 196 -20.95 -22.25 -21.50
CA THR B 196 -21.76 -21.28 -20.80
C THR B 196 -23.22 -21.41 -21.22
N PRO B 197 -24.18 -21.52 -20.28
CA PRO B 197 -25.61 -21.58 -20.66
C PRO B 197 -26.07 -20.29 -21.36
N GLY B 198 -26.90 -20.44 -22.39
CA GLY B 198 -27.47 -19.31 -23.10
C GLY B 198 -27.05 -19.24 -24.58
N LEU B 199 -26.01 -19.99 -24.96
CA LEU B 199 -25.46 -19.89 -26.30
C LEU B 199 -26.19 -20.81 -27.29
N GLU B 200 -27.01 -21.73 -26.78
CA GLU B 200 -27.68 -22.71 -27.63
C GLU B 200 -28.60 -22.00 -28.62
N PRO B 201 -28.40 -22.18 -29.95
CA PRO B 201 -29.32 -21.63 -30.96
C PRO B 201 -30.78 -22.02 -30.74
N HIS B 202 -30.99 -23.24 -30.26
CA HIS B 202 -32.34 -23.75 -30.01
C HIS B 202 -32.82 -23.32 -28.63
N GLY B 203 -31.97 -22.66 -27.83
CA GLY B 203 -32.34 -22.14 -26.52
C GLY B 203 -32.49 -20.62 -26.55
N PHE B 204 -31.79 -19.95 -25.63
CA PHE B 204 -31.87 -18.49 -25.51
C PHE B 204 -31.27 -17.81 -26.75
N ASN B 205 -30.34 -18.49 -27.43
CA ASN B 205 -29.84 -18.08 -28.73
C ASN B 205 -29.23 -16.67 -28.64
N PHE B 206 -28.32 -16.50 -27.69
CA PHE B 206 -27.75 -15.21 -27.36
C PHE B 206 -27.16 -14.51 -28.60
N TRP B 207 -26.32 -15.23 -29.34
CA TRP B 207 -25.56 -14.66 -30.43
C TRP B 207 -26.47 -14.16 -31.55
N GLY B 208 -27.44 -15.00 -31.93
CA GLY B 208 -28.41 -14.64 -32.97
C GLY B 208 -29.16 -13.37 -32.58
N LYS B 209 -29.64 -13.30 -31.35
CA LYS B 209 -30.43 -12.16 -30.90
C LYS B 209 -29.56 -10.90 -30.82
N LEU B 210 -28.30 -11.08 -30.37
CA LEU B 210 -27.40 -9.95 -30.23
C LEU B 210 -27.09 -9.35 -31.61
N GLU B 211 -26.80 -10.20 -32.59
CA GLU B 211 -26.54 -9.74 -33.94
C GLU B 211 -27.73 -8.95 -34.47
N LYS B 212 -28.93 -9.50 -34.30
CA LYS B 212 -30.15 -8.86 -34.79
C LYS B 212 -30.34 -7.50 -34.12
N ASN B 213 -30.23 -7.45 -32.78
CA ASN B 213 -30.49 -6.21 -32.05
C ASN B 213 -29.52 -5.12 -32.46
N ILE B 214 -28.25 -5.50 -32.64
CA ILE B 214 -27.23 -4.52 -32.96
C ILE B 214 -27.49 -3.99 -34.37
N THR B 215 -27.79 -4.88 -35.32
CA THR B 215 -28.09 -4.46 -36.69
C THR B 215 -29.24 -3.47 -36.69
N ARG B 216 -30.32 -3.80 -35.97
CA ARG B 216 -31.48 -2.93 -35.93
C ARG B 216 -31.10 -1.59 -35.31
N GLY B 217 -30.38 -1.65 -34.18
CA GLY B 217 -29.98 -0.43 -33.48
C GLY B 217 -29.15 0.50 -34.39
N LEU B 218 -28.22 -0.11 -35.12
CA LEU B 218 -27.35 0.64 -36.01
C LEU B 218 -28.21 1.27 -37.11
N GLU B 219 -29.14 0.50 -37.66
CA GLU B 219 -30.03 1.02 -38.70
C GLU B 219 -30.77 2.25 -38.18
N GLU B 220 -31.34 2.13 -36.98
CA GLU B 220 -32.11 3.22 -36.38
C GLU B 220 -31.24 4.47 -36.24
N GLU B 221 -30.00 4.27 -35.76
CA GLU B 221 -29.08 5.38 -35.52
C GLU B 221 -28.78 6.07 -36.85
N PHE B 222 -28.54 5.27 -37.91
CA PHE B 222 -28.21 5.84 -39.20
C PHE B 222 -29.32 6.79 -39.63
N ILE B 223 -30.58 6.34 -39.52
CA ILE B 223 -31.72 7.13 -39.98
C ILE B 223 -31.70 8.49 -39.30
N ARG B 224 -31.55 8.50 -37.97
CA ARG B 224 -31.50 9.75 -37.22
C ARG B 224 -30.42 10.69 -37.77
N ILE B 225 -29.18 10.19 -37.92
CA ILE B 225 -28.08 11.03 -38.36
C ILE B 225 -28.35 11.57 -39.76
N GLN B 226 -28.83 10.68 -40.65
CA GLN B 226 -29.15 11.03 -42.02
C GLN B 226 -30.15 12.17 -42.05
N ALA B 227 -31.05 12.20 -41.06
CA ALA B 227 -32.13 13.19 -41.05
C ALA B 227 -31.57 14.59 -40.83
N LYS B 228 -30.40 14.69 -40.17
CA LYS B 228 -29.74 15.98 -39.94
C LYS B 228 -29.33 16.64 -41.26
N GLU B 229 -29.09 17.96 -41.21
CA GLU B 229 -28.72 18.76 -42.37
C GLU B 229 -27.19 18.72 -42.55
N GLU B 230 -26.75 18.65 -43.82
CA GLU B 230 -25.35 18.53 -44.18
C GLU B 230 -24.54 19.56 -43.41
N SER B 231 -23.59 19.10 -42.59
CA SER B 231 -22.84 19.96 -41.69
C SER B 231 -21.54 19.26 -41.31
N GLU B 232 -20.58 20.01 -40.77
CA GLU B 232 -19.37 19.38 -40.24
C GLU B 232 -19.75 18.44 -39.10
N GLU B 233 -20.70 18.88 -38.26
CA GLU B 233 -21.13 18.07 -37.12
C GLU B 233 -21.68 16.74 -37.63
N LYS B 234 -22.58 16.81 -38.63
CA LYS B 234 -23.21 15.62 -39.20
C LYS B 234 -22.14 14.68 -39.73
N GLU B 235 -21.18 15.22 -40.48
CA GLU B 235 -20.10 14.42 -41.03
C GLU B 235 -19.33 13.76 -39.88
N GLU B 236 -19.05 14.52 -38.82
CA GLU B 236 -18.34 13.97 -37.67
C GLU B 236 -19.14 12.81 -37.05
N GLN B 237 -20.46 12.97 -36.96
CA GLN B 237 -21.31 11.91 -36.44
C GLN B 237 -21.28 10.71 -37.40
N VAL B 238 -21.46 10.96 -38.72
CA VAL B 238 -21.47 9.89 -39.70
C VAL B 238 -20.19 9.07 -39.54
N ALA B 239 -19.06 9.76 -39.45
CA ALA B 239 -17.76 9.14 -39.34
C ALA B 239 -17.72 8.27 -38.09
N GLU B 240 -18.16 8.84 -36.96
CA GLU B 240 -18.15 8.07 -35.71
C GLU B 240 -19.05 6.81 -35.84
N PHE B 241 -20.23 7.01 -36.44
CA PHE B 241 -21.17 5.92 -36.63
C PHE B 241 -20.47 4.79 -37.41
N GLN B 242 -19.80 5.17 -38.50
CA GLN B 242 -19.17 4.19 -39.37
C GLN B 242 -18.15 3.41 -38.57
N LYS B 243 -17.36 4.11 -37.75
CA LYS B 243 -16.37 3.44 -36.91
C LYS B 243 -17.03 2.44 -35.96
N GLN B 244 -18.04 2.93 -35.22
CA GLN B 244 -18.77 2.08 -34.27
C GLN B 244 -19.35 0.86 -34.99
N LYS B 245 -19.97 1.10 -36.13
CA LYS B 245 -20.61 0.04 -36.90
C LYS B 245 -19.58 -1.05 -37.23
N GLU B 246 -18.43 -0.61 -37.75
CA GLU B 246 -17.39 -1.54 -38.15
C GLU B 246 -16.99 -2.39 -36.94
N VAL B 247 -16.76 -1.75 -35.80
CA VAL B 247 -16.32 -2.45 -34.62
C VAL B 247 -17.39 -3.47 -34.22
N LEU B 248 -18.63 -2.99 -34.08
CA LEU B 248 -19.67 -3.86 -33.53
C LEU B 248 -19.92 -5.03 -34.47
N LEU B 249 -19.92 -4.79 -35.78
CA LEU B 249 -20.24 -5.86 -36.71
C LEU B 249 -19.06 -6.80 -36.85
N SER B 250 -17.83 -6.30 -36.73
CA SER B 250 -16.65 -7.15 -36.76
C SER B 250 -16.78 -8.30 -35.75
N LEU B 251 -17.53 -8.08 -34.67
CA LEU B 251 -17.71 -9.10 -33.65
C LEU B 251 -18.34 -10.37 -34.22
N PHE B 252 -19.19 -10.24 -35.22
CA PHE B 252 -19.91 -11.37 -35.78
C PHE B 252 -19.15 -12.04 -36.92
N ASP B 253 -17.92 -11.61 -37.21
CA ASP B 253 -17.09 -12.17 -38.27
C ASP B 253 -16.18 -13.25 -37.71
N GLU B 254 -16.65 -14.51 -37.78
CA GLU B 254 -15.94 -15.63 -37.20
C GLU B 254 -14.60 -15.86 -37.90
N LYS B 255 -14.54 -15.57 -39.19
CA LYS B 255 -13.33 -15.79 -39.98
C LYS B 255 -12.25 -14.81 -39.55
N ARG B 256 -12.61 -13.53 -39.36
CA ARG B 256 -11.63 -12.58 -38.85
C ARG B 256 -11.10 -13.05 -37.50
N HIS B 257 -11.96 -13.58 -36.65
CA HIS B 257 -11.54 -14.05 -35.34
C HIS B 257 -10.49 -15.16 -35.47
N GLU B 258 -10.78 -16.13 -36.35
CA GLU B 258 -9.89 -17.26 -36.60
C GLU B 258 -8.54 -16.77 -37.08
N HIS B 259 -8.55 -15.79 -37.99
CA HIS B 259 -7.35 -15.16 -38.51
C HIS B 259 -6.56 -14.56 -37.34
N LEU B 260 -7.26 -13.83 -36.46
CA LEU B 260 -6.56 -13.12 -35.41
C LEU B 260 -6.03 -14.11 -34.36
N LEU B 261 -6.75 -15.22 -34.14
CA LEU B 261 -6.24 -16.34 -33.34
C LEU B 261 -4.91 -16.83 -33.91
N SER B 262 -4.87 -17.07 -35.23
CA SER B 262 -3.67 -17.63 -35.84
C SER B 262 -2.48 -16.70 -35.62
N LYS B 263 -2.71 -15.39 -35.61
CA LYS B 263 -1.63 -14.43 -35.41
C LYS B 263 -1.32 -14.27 -33.92
N GLY B 264 -2.14 -14.87 -33.05
CA GLY B 264 -1.94 -14.79 -31.61
C GLY B 264 -2.33 -13.42 -31.04
N GLU B 265 -3.10 -12.63 -31.77
CA GLU B 265 -3.61 -11.37 -31.26
C GLU B 265 -4.89 -11.59 -30.48
N ARG B 266 -5.48 -12.78 -30.63
CA ARG B 266 -6.53 -13.26 -29.74
C ARG B 266 -6.13 -14.64 -29.25
N ARG B 267 -6.78 -15.11 -28.17
CA ARG B 267 -6.40 -16.37 -27.54
C ARG B 267 -7.61 -17.30 -27.36
N LEU B 268 -8.80 -16.76 -27.07
CA LEU B 268 -9.98 -17.61 -26.83
C LEU B 268 -10.65 -17.98 -28.14
N SER B 269 -11.20 -19.21 -28.19
CA SER B 269 -12.05 -19.64 -29.28
C SER B 269 -13.25 -18.70 -29.39
N TYR B 270 -13.84 -18.70 -30.58
CA TYR B 270 -14.97 -17.83 -30.87
C TYR B 270 -16.10 -18.15 -29.91
N ARG B 271 -16.33 -19.45 -29.65
CA ARG B 271 -17.44 -19.83 -28.80
C ARG B 271 -17.17 -19.40 -27.35
N ALA B 272 -15.93 -19.53 -26.88
CA ALA B 272 -15.57 -19.08 -25.54
C ALA B 272 -15.81 -17.57 -25.43
N LEU B 273 -15.50 -16.81 -26.49
CA LEU B 273 -15.73 -15.37 -26.50
C LEU B 273 -17.21 -15.08 -26.29
N GLN B 274 -18.07 -15.87 -26.92
CA GLN B 274 -19.51 -15.73 -26.78
C GLN B 274 -19.93 -15.96 -25.33
N GLY B 275 -19.40 -17.02 -24.71
CA GLY B 275 -19.67 -17.31 -23.32
C GLY B 275 -19.24 -16.16 -22.40
N ALA B 276 -18.04 -15.63 -22.62
CA ALA B 276 -17.55 -14.52 -21.81
C ALA B 276 -18.48 -13.32 -21.93
N LEU B 277 -18.91 -13.02 -23.16
CA LEU B 277 -19.76 -11.86 -23.38
C LEU B 277 -21.14 -12.09 -22.76
N MET B 278 -21.61 -13.34 -22.79
CA MET B 278 -22.85 -13.70 -22.13
C MET B 278 -22.74 -13.39 -20.65
N ILE B 279 -21.63 -13.79 -20.02
CA ILE B 279 -21.42 -13.58 -18.60
C ILE B 279 -21.34 -12.07 -18.32
N TYR B 280 -20.67 -11.31 -19.20
CA TYR B 280 -20.53 -9.87 -19.02
C TYR B 280 -21.89 -9.19 -19.04
N PHE B 281 -22.69 -9.51 -20.05
CA PHE B 281 -23.95 -8.80 -20.23
C PHE B 281 -24.97 -9.23 -19.19
N TYR B 282 -24.92 -10.49 -18.71
CA TYR B 282 -25.93 -10.96 -17.77
C TYR B 282 -25.32 -11.22 -16.39
N ARG B 283 -24.29 -10.44 -16.03
CA ARG B 283 -23.53 -10.62 -14.80
C ARG B 283 -24.41 -10.66 -13.55
N GLU B 284 -25.54 -9.95 -13.54
CA GLU B 284 -26.35 -9.83 -12.35
C GLU B 284 -27.24 -11.06 -12.17
N GLU B 285 -27.45 -11.85 -13.24
CA GLU B 285 -28.20 -13.09 -13.11
C GLU B 285 -27.48 -14.00 -12.12
N PRO B 286 -28.18 -14.61 -11.14
CA PRO B 286 -27.50 -15.31 -10.04
C PRO B 286 -26.39 -16.29 -10.43
N ARG B 287 -26.65 -17.12 -11.43
CA ARG B 287 -25.68 -18.11 -11.86
C ARG B 287 -24.44 -17.48 -12.48
N PHE B 288 -24.53 -16.21 -12.91
CA PHE B 288 -23.41 -15.54 -13.55
C PHE B 288 -22.63 -14.60 -12.61
N GLN B 289 -23.10 -14.41 -11.37
CA GLN B 289 -22.52 -13.42 -10.49
C GLN B 289 -21.08 -13.79 -10.14
N VAL B 290 -20.87 -15.03 -9.70
CA VAL B 290 -19.55 -15.45 -9.29
C VAL B 290 -18.68 -15.72 -10.52
N PRO B 291 -19.20 -16.33 -11.61
CA PRO B 291 -18.46 -16.34 -12.89
C PRO B 291 -17.95 -14.97 -13.35
N PHE B 292 -18.76 -13.93 -13.22
CA PHE B 292 -18.31 -12.59 -13.55
C PHE B 292 -17.10 -12.19 -12.70
N GLN B 293 -17.16 -12.51 -11.39
CA GLN B 293 -16.07 -12.19 -10.50
C GLN B 293 -14.82 -12.94 -10.92
N LEU B 294 -14.97 -14.19 -11.38
CA LEU B 294 -13.84 -14.95 -11.86
C LEU B 294 -13.21 -14.25 -13.06
N LEU B 295 -14.01 -13.79 -14.02
CA LEU B 295 -13.46 -13.13 -15.20
C LEU B 295 -12.67 -11.89 -14.77
N THR B 296 -13.26 -11.14 -13.85
CA THR B 296 -12.63 -9.95 -13.26
C THR B 296 -11.28 -10.30 -12.65
N SER B 297 -11.22 -11.40 -11.90
CA SER B 297 -9.98 -11.80 -11.24
C SER B 297 -8.90 -12.20 -12.24
N LEU B 298 -9.30 -12.86 -13.32
CA LEU B 298 -8.35 -13.26 -14.36
C LEU B 298 -7.73 -12.01 -14.98
N MET B 299 -8.54 -11.01 -15.27
CA MET B 299 -8.00 -9.76 -15.76
C MET B 299 -7.06 -9.15 -14.73
N ASP B 300 -7.44 -9.19 -13.45
CA ASP B 300 -6.61 -8.64 -12.38
C ASP B 300 -5.22 -9.29 -12.34
N ILE B 301 -5.19 -10.61 -12.52
CA ILE B 301 -3.96 -11.35 -12.48
C ILE B 301 -3.05 -10.97 -13.63
N ASP B 302 -3.61 -10.78 -14.82
CA ASP B 302 -2.85 -10.33 -15.96
C ASP B 302 -2.25 -8.96 -15.69
N SER B 303 -3.09 -8.03 -15.20
CA SER B 303 -2.63 -6.67 -14.90
C SER B 303 -1.50 -6.69 -13.87
N LEU B 304 -1.66 -7.54 -12.83
CA LEU B 304 -0.70 -7.56 -11.73
C LEU B 304 0.62 -8.19 -12.16
N MET B 305 0.55 -9.24 -12.98
CA MET B 305 1.73 -9.84 -13.57
C MET B 305 2.48 -8.81 -14.42
N THR B 306 1.74 -7.99 -15.19
CA THR B 306 2.37 -6.97 -16.00
C THR B 306 3.02 -5.93 -15.09
N LYS B 307 2.34 -5.58 -14.01
CA LYS B 307 2.90 -4.60 -13.08
C LYS B 307 4.17 -5.13 -12.43
N TRP B 308 4.18 -6.43 -12.09
CA TRP B 308 5.39 -7.02 -11.55
C TRP B 308 6.55 -6.84 -12.54
N ARG B 309 6.30 -7.12 -13.83
CA ARG B 309 7.32 -7.03 -14.85
C ARG B 309 7.81 -5.60 -15.01
N TYR B 310 6.87 -4.66 -14.96
CA TYR B 310 7.20 -3.25 -15.09
C TYR B 310 8.12 -2.84 -13.94
N ASN B 311 7.75 -3.17 -12.70
CA ASN B 311 8.56 -2.74 -11.57
C ASN B 311 9.93 -3.40 -11.66
N HIS B 312 10.00 -4.63 -12.14
CA HIS B 312 11.26 -5.31 -12.25
C HIS B 312 12.16 -4.61 -13.26
N VAL B 313 11.58 -4.21 -14.40
CA VAL B 313 12.30 -3.46 -15.43
C VAL B 313 12.86 -2.18 -14.84
N CYS B 314 12.01 -1.38 -14.19
CA CYS B 314 12.43 -0.13 -13.57
C CYS B 314 13.62 -0.37 -12.63
N MET B 315 13.61 -1.52 -11.94
CA MET B 315 14.64 -1.83 -10.95
C MET B 315 15.96 -2.14 -11.66
N VAL B 316 15.89 -2.98 -12.70
CA VAL B 316 17.09 -3.28 -13.48
C VAL B 316 17.72 -1.99 -13.99
N HIS B 317 16.90 -1.06 -14.48
CA HIS B 317 17.38 0.19 -15.04
C HIS B 317 18.09 1.02 -13.97
N ARG B 318 17.49 1.09 -12.78
CA ARG B 318 18.01 1.94 -11.72
C ARG B 318 19.38 1.44 -11.24
N MET B 319 19.60 0.13 -11.31
CA MET B 319 20.82 -0.50 -10.82
C MET B 319 21.88 -0.61 -11.92
N LEU B 320 21.51 -1.08 -13.13
CA LEU B 320 22.49 -1.38 -14.16
C LEU B 320 22.60 -0.25 -15.16
N GLY B 321 21.58 0.59 -15.25
CA GLY B 321 21.56 1.71 -16.18
C GLY B 321 20.94 1.30 -17.52
N SER B 322 20.76 2.30 -18.39
CA SER B 322 20.03 2.13 -19.64
C SER B 322 20.62 0.98 -20.48
N LYS B 323 21.96 0.83 -20.45
CA LYS B 323 22.65 -0.32 -20.99
C LYS B 323 23.72 -0.77 -19.99
N GLY B 331 19.35 -5.77 -21.32
CA GLY B 331 18.38 -6.37 -20.38
C GLY B 331 17.17 -5.46 -20.22
N TYR B 332 17.44 -4.19 -19.88
CA TYR B 332 16.41 -3.16 -19.75
C TYR B 332 15.44 -3.22 -20.94
N HIS B 333 15.97 -3.23 -22.16
CA HIS B 333 15.17 -3.20 -23.38
C HIS B 333 14.36 -4.49 -23.57
N TYR B 334 15.00 -5.65 -23.35
CA TYR B 334 14.30 -6.93 -23.49
C TYR B 334 13.14 -6.98 -22.49
N LEU B 335 13.42 -6.61 -21.24
CA LEU B 335 12.42 -6.65 -20.20
C LEU B 335 11.29 -5.66 -20.53
N ARG B 336 11.63 -4.50 -21.12
CA ARG B 336 10.62 -3.53 -21.52
C ARG B 336 9.66 -4.17 -22.52
N SER B 337 10.21 -5.03 -23.41
CA SER B 337 9.43 -5.72 -24.42
C SER B 337 8.44 -6.69 -23.77
N THR B 338 8.79 -7.22 -22.57
CA THR B 338 7.92 -8.14 -21.87
C THR B 338 6.69 -7.41 -21.34
N VAL B 339 6.79 -6.08 -21.15
CA VAL B 339 5.65 -5.27 -20.74
C VAL B 339 4.83 -4.93 -21.98
N SER B 340 4.01 -5.89 -22.43
CA SER B 340 3.25 -5.76 -23.68
C SER B 340 2.05 -6.71 -23.67
N ASP B 341 1.17 -6.58 -24.66
CA ASP B 341 -0.02 -7.41 -24.77
C ASP B 341 0.32 -8.86 -25.13
N ARG B 342 1.50 -9.08 -25.69
CA ARG B 342 1.92 -10.43 -26.04
C ARG B 342 2.07 -11.27 -24.78
N TYR B 343 2.24 -10.65 -23.60
CA TYR B 343 2.34 -11.40 -22.35
C TYR B 343 1.01 -11.39 -21.59
N LYS B 344 -0.02 -10.73 -22.13
CA LYS B 344 -1.35 -10.72 -21.50
C LYS B 344 -2.19 -11.89 -22.01
N VAL B 345 -2.30 -12.93 -21.18
CA VAL B 345 -2.99 -14.16 -21.53
C VAL B 345 -4.49 -13.92 -21.74
N PHE B 346 -5.12 -13.04 -20.96
CA PHE B 346 -6.58 -12.86 -21.02
C PHE B 346 -6.93 -11.56 -21.71
N VAL B 347 -6.12 -11.14 -22.67
CA VAL B 347 -6.38 -9.98 -23.50
C VAL B 347 -7.82 -9.98 -24.02
N ASP B 348 -8.38 -11.13 -24.37
CA ASP B 348 -9.71 -11.11 -24.95
C ASP B 348 -10.74 -10.64 -23.92
N LEU B 349 -10.49 -10.90 -22.61
CA LEU B 349 -11.41 -10.48 -21.57
C LEU B 349 -11.38 -8.97 -21.43
N PHE B 350 -10.19 -8.37 -21.55
CA PHE B 350 -10.06 -6.93 -21.56
C PHE B 350 -10.81 -6.35 -22.75
N ASN B 351 -10.69 -6.98 -23.92
CA ASN B 351 -11.12 -6.31 -25.15
C ASN B 351 -12.63 -6.38 -25.31
N LEU B 352 -13.35 -7.13 -24.50
CA LEU B 352 -14.81 -7.04 -24.52
C LEU B 352 -15.35 -5.63 -24.19
N SER B 353 -14.59 -4.77 -23.48
CA SER B 353 -14.87 -3.33 -23.43
C SER B 353 -15.20 -2.75 -24.80
N THR B 354 -14.37 -3.07 -25.81
CA THR B 354 -14.52 -2.55 -27.17
C THR B 354 -15.96 -2.73 -27.67
N TYR B 355 -16.66 -3.79 -27.26
CA TYR B 355 -17.98 -4.13 -27.79
C TYR B 355 -19.09 -3.81 -26.80
N LEU B 356 -19.00 -2.66 -26.10
CA LEU B 356 -20.12 -2.21 -25.28
C LEU B 356 -21.17 -1.49 -26.13
N ILE B 357 -22.44 -1.82 -25.88
CA ILE B 357 -23.59 -1.34 -26.65
C ILE B 357 -24.57 -0.69 -25.69
N PRO B 358 -25.51 0.14 -26.15
CA PRO B 358 -26.55 0.64 -25.25
C PRO B 358 -27.24 -0.53 -24.55
N ARG B 359 -27.61 -0.35 -23.28
CA ARG B 359 -28.20 -1.41 -22.47
C ARG B 359 -29.44 -2.00 -23.13
N HIS B 360 -30.24 -1.16 -23.78
CA HIS B 360 -31.50 -1.59 -24.36
C HIS B 360 -31.30 -2.45 -25.61
N TRP B 361 -30.07 -2.58 -26.12
CA TRP B 361 -29.82 -3.46 -27.25
C TRP B 361 -29.53 -4.87 -26.76
N ILE B 362 -29.23 -5.04 -25.48
CA ILE B 362 -28.88 -6.35 -24.97
C ILE B 362 -30.15 -7.21 -24.99
N PRO B 363 -30.13 -8.41 -25.59
CA PRO B 363 -31.34 -9.25 -25.61
C PRO B 363 -31.90 -9.39 -24.20
N LYS B 364 -33.21 -9.19 -24.05
CA LYS B 364 -33.85 -9.23 -22.74
C LYS B 364 -33.91 -10.68 -22.24
N MET B 365 -33.67 -10.84 -20.94
CA MET B 365 -33.84 -12.13 -20.30
C MET B 365 -34.98 -12.02 -19.30
N ASN B 366 -36.22 -12.05 -19.80
CA ASN B 366 -37.38 -11.92 -18.93
C ASN B 366 -37.46 -13.09 -17.95
N PRO B 367 -38.05 -12.90 -16.74
CA PRO B 367 -38.14 -13.97 -15.75
C PRO B 367 -38.57 -15.32 -16.32
N THR B 368 -39.42 -15.31 -17.35
CA THR B 368 -39.84 -16.50 -18.04
C THR B 368 -38.62 -17.38 -18.32
N ILE B 369 -37.53 -16.78 -18.80
CA ILE B 369 -36.31 -17.52 -19.13
C ILE B 369 -35.33 -17.45 -17.95
N HIS B 370 -35.44 -16.40 -17.11
CA HIS B 370 -34.51 -16.18 -16.01
C HIS B 370 -34.22 -17.45 -15.23
N LYS B 371 -35.22 -18.35 -15.13
CA LYS B 371 -35.14 -19.56 -14.36
C LYS B 371 -33.89 -20.40 -14.68
N PHE B 372 -33.46 -20.44 -15.96
CA PHE B 372 -32.32 -21.26 -16.36
C PHE B 372 -31.03 -20.72 -15.71
N LEU B 373 -31.06 -19.46 -15.26
CA LEU B 373 -29.92 -18.84 -14.59
C LEU B 373 -30.22 -18.62 -13.10
N GLU B 374 -31.11 -19.44 -12.52
CA GLU B 374 -31.37 -19.43 -11.08
C GLU B 374 -30.79 -20.70 -10.46
N HIS B 375 -30.59 -20.70 -9.14
CA HIS B 375 -30.01 -21.84 -8.45
C HIS B 375 -30.54 -21.94 -7.02
N LEU C 24 -18.77 21.22 -22.28
CA LEU C 24 -18.51 20.76 -20.89
C LEU C 24 -17.01 20.53 -20.70
N ILE C 25 -16.42 21.32 -19.80
CA ILE C 25 -14.98 21.36 -19.62
C ILE C 25 -14.66 20.76 -18.25
N TYR C 26 -13.48 20.09 -18.16
CA TYR C 26 -13.08 19.31 -16.99
C TYR C 26 -13.33 20.10 -15.70
N GLY C 27 -12.73 21.29 -15.63
CA GLY C 27 -12.74 22.11 -14.43
C GLY C 27 -14.16 22.49 -14.03
N ASN C 28 -15.03 22.73 -15.02
CA ASN C 28 -16.44 23.04 -14.77
C ASN C 28 -17.20 21.79 -14.36
N TYR C 29 -16.93 20.67 -15.03
CA TYR C 29 -17.62 19.42 -14.73
C TYR C 29 -17.36 19.05 -13.27
N LEU C 30 -16.12 19.20 -12.82
CA LEU C 30 -15.73 18.83 -11.46
C LEU C 30 -15.91 19.97 -10.45
N HIS C 31 -16.41 21.15 -10.88
CA HIS C 31 -16.60 22.31 -10.03
C HIS C 31 -15.33 22.64 -9.27
N LEU C 32 -14.21 22.67 -10.00
CA LEU C 32 -12.91 22.98 -9.43
C LEU C 32 -12.84 24.42 -8.95
N GLU C 33 -13.74 25.28 -9.45
CA GLU C 33 -13.81 26.66 -8.98
C GLU C 33 -14.23 26.67 -7.51
N LYS C 34 -14.91 25.62 -7.05
CA LYS C 34 -15.20 25.48 -5.62
C LYS C 34 -14.08 24.72 -4.91
N VAL C 35 -13.70 23.55 -5.44
CA VAL C 35 -12.82 22.62 -4.74
C VAL C 35 -11.44 23.22 -4.52
N LEU C 36 -10.95 23.98 -5.50
CA LEU C 36 -9.59 24.49 -5.48
C LEU C 36 -9.55 25.95 -5.05
N ASN C 37 -10.67 26.50 -4.58
CA ASN C 37 -10.70 27.79 -3.90
C ASN C 37 -11.27 27.65 -2.51
N ALA C 38 -10.84 26.60 -1.78
CA ALA C 38 -11.39 26.26 -0.48
C ALA C 38 -10.28 26.14 0.56
N GLN C 39 -9.10 26.65 0.21
CA GLN C 39 -7.91 26.48 1.04
C GLN C 39 -7.52 27.83 1.63
N GLU C 40 -7.88 28.08 2.88
CA GLU C 40 -7.50 29.31 3.56
C GLU C 40 -6.72 28.97 4.85
N LEU C 41 -5.44 29.33 4.86
CA LEU C 41 -4.61 29.06 6.03
C LEU C 41 -4.91 30.12 7.08
N GLN C 42 -5.36 29.68 8.27
CA GLN C 42 -5.62 30.58 9.36
C GLN C 42 -4.33 31.28 9.80
N SER C 43 -3.20 30.58 9.67
CA SER C 43 -1.91 31.18 10.00
C SER C 43 -1.70 32.42 9.14
N GLU C 44 -2.07 32.33 7.86
CA GLU C 44 -1.92 33.42 6.92
C GLU C 44 -2.95 34.52 7.17
N THR C 45 -4.20 34.14 7.45
CA THR C 45 -5.24 35.10 7.81
C THR C 45 -4.78 35.96 8.99
N LYS C 46 -4.04 35.36 9.95
CA LYS C 46 -3.62 36.08 11.14
C LYS C 46 -2.21 36.63 10.99
N GLY C 47 -1.71 36.74 9.76
CA GLY C 47 -0.49 37.46 9.45
C GLY C 47 0.79 36.68 9.75
N ASN C 48 0.76 35.33 9.68
CA ASN C 48 1.93 34.51 10.02
C ASN C 48 1.83 33.14 9.37
N LYS C 49 1.85 33.14 8.03
CA LYS C 49 1.67 31.97 7.21
C LYS C 49 2.66 30.87 7.59
N ILE C 50 2.16 29.64 7.79
CA ILE C 50 2.99 28.50 8.13
C ILE C 50 2.74 27.45 7.06
N HIS C 51 3.82 27.04 6.39
CA HIS C 51 3.77 26.31 5.13
C HIS C 51 2.92 25.04 5.30
N ASP C 52 3.17 24.29 6.39
CA ASP C 52 2.60 22.96 6.56
C ASP C 52 1.10 23.03 6.83
N GLU C 53 0.54 24.20 7.19
CA GLU C 53 -0.88 24.27 7.43
C GLU C 53 -1.63 23.85 6.18
N HIS C 54 -1.06 24.10 5.01
CA HIS C 54 -1.72 23.79 3.75
C HIS C 54 -1.95 22.29 3.63
N LEU C 55 -0.96 21.50 4.01
CA LEU C 55 -1.08 20.05 4.01
C LEU C 55 -2.20 19.57 4.95
N PHE C 56 -2.30 20.21 6.11
CA PHE C 56 -3.29 19.83 7.12
C PHE C 56 -4.70 20.02 6.53
N ILE C 57 -4.89 21.13 5.82
CA ILE C 57 -6.17 21.44 5.21
C ILE C 57 -6.50 20.44 4.11
N ILE C 58 -5.57 20.21 3.18
CA ILE C 58 -5.84 19.37 2.03
C ILE C 58 -6.13 17.94 2.49
N THR C 59 -5.32 17.45 3.44
CA THR C 59 -5.52 16.10 3.91
C THR C 59 -6.97 15.92 4.40
N HIS C 60 -7.47 16.84 5.22
CA HIS C 60 -8.81 16.75 5.77
C HIS C 60 -9.86 16.86 4.66
N GLN C 61 -9.63 17.75 3.69
CA GLN C 61 -10.56 17.89 2.58
C GLN C 61 -10.64 16.59 1.78
N ALA C 62 -9.53 15.91 1.62
CA ALA C 62 -9.53 14.66 0.88
C ALA C 62 -10.29 13.60 1.67
N TYR C 63 -10.05 13.51 3.00
CA TYR C 63 -10.80 12.59 3.84
C TYR C 63 -12.30 12.85 3.65
N GLU C 64 -12.72 14.12 3.65
CA GLU C 64 -14.12 14.47 3.59
C GLU C 64 -14.74 14.15 2.21
N LEU C 65 -14.00 14.36 1.12
CA LEU C 65 -14.48 13.90 -0.18
C LEU C 65 -14.77 12.39 -0.13
N TRP C 66 -13.82 11.61 0.41
CA TRP C 66 -14.01 10.17 0.45
C TRP C 66 -15.13 9.74 1.41
N PHE C 67 -15.31 10.48 2.52
CA PHE C 67 -16.41 10.19 3.41
C PHE C 67 -17.73 10.38 2.66
N LYS C 68 -17.81 11.45 1.85
CA LYS C 68 -18.99 11.70 1.04
C LYS C 68 -19.26 10.52 0.11
N GLN C 69 -18.23 9.97 -0.50
CA GLN C 69 -18.38 8.84 -1.40
C GLN C 69 -18.83 7.60 -0.63
N ILE C 70 -18.25 7.35 0.55
CA ILE C 70 -18.66 6.22 1.35
C ILE C 70 -20.16 6.35 1.69
N LEU C 71 -20.62 7.56 2.07
CA LEU C 71 -22.01 7.80 2.40
C LEU C 71 -22.91 7.50 1.20
N TRP C 72 -22.43 7.87 0.01
CA TRP C 72 -23.18 7.68 -1.21
C TRP C 72 -23.36 6.19 -1.49
N GLU C 73 -22.29 5.42 -1.34
CA GLU C 73 -22.36 3.98 -1.53
C GLU C 73 -23.28 3.35 -0.48
N LEU C 74 -23.05 3.71 0.79
CA LEU C 74 -23.72 3.09 1.92
C LEU C 74 -25.22 3.37 1.87
N ASP C 75 -25.59 4.63 1.57
CA ASP C 75 -26.98 5.00 1.38
C ASP C 75 -27.62 4.23 0.23
N SER C 76 -26.94 4.04 -0.88
CA SER C 76 -27.48 3.32 -2.02
C SER C 76 -27.76 1.88 -1.61
N VAL C 77 -26.91 1.32 -0.75
CA VAL C 77 -27.07 -0.05 -0.30
C VAL C 77 -28.23 -0.13 0.71
N ARG C 78 -28.33 0.86 1.61
CA ARG C 78 -29.42 0.88 2.56
C ARG C 78 -30.75 0.92 1.81
N GLU C 79 -30.84 1.74 0.76
CA GLU C 79 -32.04 1.91 -0.03
C GLU C 79 -32.44 0.59 -0.69
N ILE C 80 -31.47 -0.14 -1.26
CA ILE C 80 -31.72 -1.44 -1.88
C ILE C 80 -32.36 -2.43 -0.90
N PHE C 81 -31.91 -2.40 0.37
CA PHE C 81 -32.54 -3.20 1.41
C PHE C 81 -33.95 -2.66 1.70
N GLN C 82 -34.05 -1.37 2.00
CA GLN C 82 -35.26 -0.77 2.51
C GLN C 82 -36.40 -0.79 1.48
N ASN C 83 -36.10 -0.69 0.18
CA ASN C 83 -37.12 -0.68 -0.85
C ASN C 83 -37.46 -2.09 -1.33
N GLY C 84 -36.81 -3.12 -0.76
CA GLY C 84 -37.17 -4.50 -1.05
C GLY C 84 -36.43 -5.09 -2.25
N HIS C 85 -35.63 -4.28 -2.95
CA HIS C 85 -34.90 -4.79 -4.11
C HIS C 85 -33.97 -5.93 -3.71
N VAL C 86 -33.46 -5.92 -2.47
CA VAL C 86 -32.54 -6.99 -2.06
C VAL C 86 -33.22 -8.35 -2.14
N ARG C 87 -34.57 -8.37 -2.13
CA ARG C 87 -35.27 -9.63 -2.12
C ARG C 87 -34.97 -10.37 -3.42
N ASP C 88 -34.77 -9.62 -4.50
CA ASP C 88 -34.42 -10.17 -5.79
C ASP C 88 -32.91 -10.35 -5.78
N GLU C 89 -32.49 -11.62 -5.75
CA GLU C 89 -31.11 -12.03 -5.54
C GLU C 89 -30.22 -11.62 -6.71
N ARG C 90 -30.83 -11.16 -7.82
CA ARG C 90 -30.05 -10.61 -8.91
C ARG C 90 -29.29 -9.37 -8.45
N ASN C 91 -29.73 -8.73 -7.36
CA ASN C 91 -29.14 -7.48 -6.93
C ASN C 91 -27.99 -7.70 -5.93
N MET C 92 -27.64 -8.94 -5.60
CA MET C 92 -26.65 -9.17 -4.59
C MET C 92 -25.25 -8.77 -5.11
N LEU C 93 -25.02 -8.89 -6.42
CA LEU C 93 -23.72 -8.55 -6.96
C LEU C 93 -23.45 -7.06 -6.75
N LYS C 94 -24.44 -6.23 -7.07
CA LYS C 94 -24.35 -4.80 -6.87
C LYS C 94 -24.16 -4.47 -5.38
N VAL C 95 -24.87 -5.19 -4.52
CA VAL C 95 -24.73 -4.92 -3.09
C VAL C 95 -23.29 -5.19 -2.63
N VAL C 96 -22.75 -6.34 -3.00
CA VAL C 96 -21.43 -6.73 -2.57
C VAL C 96 -20.35 -5.88 -3.26
N SER C 97 -20.54 -5.48 -4.52
CA SER C 97 -19.55 -4.63 -5.19
C SER C 97 -19.43 -3.30 -4.49
N ARG C 98 -20.56 -2.72 -4.11
CA ARG C 98 -20.52 -1.42 -3.47
C ARG C 98 -19.95 -1.50 -2.05
N MET C 99 -20.22 -2.60 -1.32
CA MET C 99 -19.67 -2.73 0.01
C MET C 99 -18.17 -2.98 -0.09
N HIS C 100 -17.75 -3.78 -1.08
CA HIS C 100 -16.35 -3.95 -1.38
C HIS C 100 -15.68 -2.63 -1.74
N ARG C 101 -16.37 -1.80 -2.53
CA ARG C 101 -15.88 -0.49 -2.87
C ARG C 101 -15.64 0.34 -1.59
N VAL C 102 -16.56 0.28 -0.65
CA VAL C 102 -16.40 0.98 0.62
C VAL C 102 -15.10 0.53 1.31
N SER C 103 -14.81 -0.77 1.29
CA SER C 103 -13.62 -1.29 1.95
C SER C 103 -12.36 -0.80 1.24
N VAL C 104 -12.40 -0.71 -0.11
CA VAL C 104 -11.24 -0.27 -0.87
C VAL C 104 -10.97 1.22 -0.54
N ILE C 105 -12.01 2.04 -0.44
CA ILE C 105 -11.82 3.43 -0.06
C ILE C 105 -11.24 3.54 1.35
N LEU C 106 -11.77 2.79 2.31
CA LEU C 106 -11.32 2.88 3.69
C LEU C 106 -9.83 2.49 3.77
N LYS C 107 -9.43 1.50 2.99
CA LYS C 107 -8.05 1.07 2.93
C LYS C 107 -7.17 2.22 2.47
N LEU C 108 -7.62 2.96 1.46
CA LEU C 108 -6.87 4.11 0.99
C LEU C 108 -6.80 5.14 2.12
N LEU C 109 -7.92 5.35 2.84
CA LEU C 109 -7.96 6.32 3.91
C LEU C 109 -7.00 5.96 5.05
N VAL C 110 -6.78 4.66 5.29
CA VAL C 110 -5.81 4.22 6.27
C VAL C 110 -4.40 4.57 5.76
N GLN C 111 -4.11 4.29 4.49
CA GLN C 111 -2.82 4.60 3.89
C GLN C 111 -2.58 6.11 3.89
N GLN C 112 -3.64 6.90 3.76
CA GLN C 112 -3.50 8.34 3.67
C GLN C 112 -2.91 8.99 4.91
N PHE C 113 -2.91 8.30 6.06
CA PHE C 113 -2.23 8.83 7.23
C PHE C 113 -0.73 9.00 6.95
N SER C 114 -0.15 8.19 6.05
CA SER C 114 1.25 8.30 5.70
C SER C 114 1.59 9.72 5.23
N ILE C 115 0.64 10.44 4.64
CA ILE C 115 0.94 11.78 4.16
C ILE C 115 1.13 12.73 5.34
N LEU C 116 0.23 12.63 6.31
CA LEU C 116 0.27 13.55 7.43
C LEU C 116 1.43 13.18 8.36
N GLU C 117 1.92 11.95 8.29
CA GLU C 117 3.12 11.62 9.04
C GLU C 117 4.37 12.33 8.49
N THR C 118 4.33 12.96 7.31
CA THR C 118 5.46 13.76 6.82
C THR C 118 5.45 15.15 7.47
N MET C 119 4.45 15.47 8.29
CA MET C 119 4.48 16.70 9.08
C MET C 119 5.02 16.39 10.47
N THR C 120 6.08 17.08 10.90
CA THR C 120 6.59 16.83 12.24
C THR C 120 5.71 17.55 13.27
N ALA C 121 5.80 17.10 14.52
CA ALA C 121 5.10 17.73 15.62
C ALA C 121 5.59 19.15 15.80
N LEU C 122 6.90 19.37 15.65
CA LEU C 122 7.48 20.71 15.76
C LEU C 122 6.82 21.67 14.77
N ASP C 123 6.59 21.20 13.54
CA ASP C 123 6.00 22.04 12.51
C ASP C 123 4.51 22.24 12.76
N PHE C 124 3.83 21.17 13.17
CA PHE C 124 2.43 21.28 13.55
C PHE C 124 2.27 22.33 14.66
N ASN C 125 3.21 22.34 15.61
CA ASN C 125 3.14 23.25 16.74
C ASN C 125 3.17 24.72 16.31
N ASP C 126 3.65 25.01 15.10
CA ASP C 126 3.74 26.40 14.65
C ASP C 126 2.39 26.98 14.22
N PHE C 127 1.38 26.15 13.96
CA PHE C 127 0.10 26.68 13.51
C PHE C 127 -1.06 26.15 14.34
N ARG C 128 -0.77 25.26 15.31
CA ARG C 128 -1.80 24.62 16.12
C ARG C 128 -2.71 25.67 16.78
N GLU C 129 -2.12 26.76 17.26
CA GLU C 129 -2.84 27.82 17.95
C GLU C 129 -3.96 28.41 17.10
N TYR C 130 -3.74 28.55 15.79
CA TYR C 130 -4.71 29.21 14.92
C TYR C 130 -5.91 28.31 14.63
N LEU C 131 -5.86 27.05 15.09
CA LEU C 131 -6.90 26.08 14.78
C LEU C 131 -7.99 26.12 15.85
N SER C 132 -7.62 26.39 17.11
CA SER C 132 -8.58 26.35 18.20
C SER C 132 -9.77 27.25 17.89
N PRO C 133 -11.01 26.80 18.16
CA PRO C 133 -11.28 25.52 18.80
C PRO C 133 -11.73 24.39 17.87
N ALA C 134 -11.39 24.48 16.59
CA ALA C 134 -11.85 23.51 15.60
C ALA C 134 -11.34 22.11 15.95
N SER C 135 -12.15 21.08 15.67
CA SER C 135 -11.84 19.71 16.03
C SER C 135 -12.50 18.74 15.06
N GLY C 136 -11.90 17.55 14.91
CA GLY C 136 -12.47 16.49 14.10
C GLY C 136 -13.82 16.03 14.65
N PHE C 137 -14.05 16.25 15.96
CA PHE C 137 -15.32 15.95 16.58
C PHE C 137 -16.44 16.59 15.79
N GLN C 138 -16.12 17.69 15.09
CA GLN C 138 -17.10 18.46 14.36
C GLN C 138 -17.25 17.91 12.93
N SER C 139 -16.62 16.78 12.59
CA SER C 139 -16.85 16.17 11.27
C SER C 139 -18.24 15.55 11.23
N LEU C 140 -19.18 16.29 10.61
CA LEU C 140 -20.53 15.83 10.42
C LEU C 140 -20.54 14.47 9.72
N GLN C 141 -19.78 14.35 8.62
CA GLN C 141 -19.89 13.19 7.77
C GLN C 141 -19.40 11.93 8.48
N PHE C 142 -18.37 12.08 9.31
CA PHE C 142 -17.86 10.94 10.05
C PHE C 142 -18.95 10.41 10.99
N ARG C 143 -19.66 11.31 11.66
CA ARG C 143 -20.75 10.94 12.55
C ARG C 143 -21.88 10.29 11.74
N LEU C 144 -22.24 10.88 10.59
CA LEU C 144 -23.28 10.32 9.75
C LEU C 144 -22.94 8.88 9.39
N LEU C 145 -21.67 8.65 9.04
CA LEU C 145 -21.19 7.34 8.65
C LEU C 145 -21.33 6.34 9.79
N GLU C 146 -20.88 6.73 10.99
CA GLU C 146 -20.99 5.88 12.15
C GLU C 146 -22.46 5.52 12.38
N ASN C 147 -23.32 6.54 12.40
CA ASN C 147 -24.73 6.34 12.65
C ASN C 147 -25.34 5.39 11.62
N LYS C 148 -25.07 5.62 10.33
CA LYS C 148 -25.75 4.88 9.27
C LYS C 148 -25.31 3.43 9.23
N ILE C 149 -24.07 3.15 9.65
CA ILE C 149 -23.61 1.78 9.73
C ILE C 149 -24.34 1.10 10.88
N GLY C 150 -24.41 1.77 12.04
CA GLY C 150 -25.19 1.29 13.16
C GLY C 150 -24.50 1.44 14.52
N VAL C 151 -23.63 2.44 14.69
CA VAL C 151 -23.02 2.69 15.99
C VAL C 151 -24.12 3.25 16.89
N LEU C 152 -24.35 2.61 18.03
CA LEU C 152 -25.41 3.05 18.93
C LEU C 152 -24.91 4.20 19.80
N GLN C 153 -25.74 5.23 19.93
CA GLN C 153 -25.42 6.40 20.74
C GLN C 153 -25.25 5.98 22.21
N ASN C 154 -26.13 5.11 22.70
CA ASN C 154 -26.10 4.62 24.07
C ASN C 154 -24.81 3.88 24.36
N MET C 155 -24.09 3.40 23.33
CA MET C 155 -22.88 2.62 23.51
C MET C 155 -21.62 3.48 23.31
N ARG C 156 -21.79 4.76 22.96
CA ARG C 156 -20.67 5.64 22.65
C ARG C 156 -20.02 6.09 23.95
N VAL C 157 -18.67 6.01 24.01
CA VAL C 157 -17.91 6.49 25.17
C VAL C 157 -18.10 8.01 25.26
N PRO C 158 -18.55 8.56 26.41
CA PRO C 158 -18.67 10.02 26.56
C PRO C 158 -17.29 10.67 26.61
N TYR C 159 -17.13 11.83 25.99
CA TYR C 159 -15.89 12.58 26.10
C TYR C 159 -16.11 13.76 27.03
N ASN C 160 -15.42 13.77 28.18
CA ASN C 160 -15.56 14.82 29.18
C ASN C 160 -17.04 15.05 29.47
N ARG C 161 -17.80 13.96 29.62
CA ARG C 161 -19.23 14.02 29.95
C ARG C 161 -19.94 14.99 29.00
N ARG C 162 -19.84 14.73 27.70
CA ARG C 162 -20.52 15.55 26.70
C ARG C 162 -21.17 14.67 25.63
N HIS C 163 -22.36 15.05 25.15
CA HIS C 163 -23.03 14.32 24.08
C HIS C 163 -22.32 14.66 22.76
N TYR C 164 -22.24 13.69 21.84
CA TYR C 164 -21.51 13.89 20.60
C TYR C 164 -22.21 14.97 19.76
N ARG C 165 -23.55 14.98 19.79
CA ARG C 165 -24.31 15.95 18.99
C ARG C 165 -24.23 17.35 19.58
N ASP C 166 -23.78 17.47 20.84
CA ASP C 166 -23.64 18.77 21.49
C ASP C 166 -22.73 19.68 20.68
N ASN C 167 -21.82 19.08 19.90
CA ASN C 167 -20.87 19.84 19.10
C ASN C 167 -21.51 20.36 17.82
N PHE C 168 -22.82 20.11 17.62
CA PHE C 168 -23.46 20.43 16.36
C PHE C 168 -24.72 21.26 16.60
N LYS C 169 -25.23 21.92 15.54
CA LYS C 169 -26.41 22.77 15.63
C LYS C 169 -27.10 22.88 14.26
N GLY C 170 -28.37 23.32 14.27
CA GLY C 170 -29.09 23.71 13.07
C GLY C 170 -29.45 22.52 12.19
N GLU C 171 -29.40 22.73 10.86
CA GLU C 171 -29.70 21.69 9.90
C GLU C 171 -28.78 20.49 10.10
N GLU C 172 -27.50 20.75 10.43
CA GLU C 172 -26.53 19.69 10.69
C GLU C 172 -27.02 18.79 11.83
N ASN C 173 -27.49 19.40 12.92
CA ASN C 173 -27.99 18.63 14.05
C ASN C 173 -29.18 17.77 13.59
N GLU C 174 -29.95 18.29 12.63
CA GLU C 174 -31.16 17.61 12.17
C GLU C 174 -30.76 16.41 11.30
N LEU C 175 -29.77 16.61 10.43
CA LEU C 175 -29.24 15.52 9.63
C LEU C 175 -28.79 14.38 10.54
N LEU C 176 -28.07 14.72 11.62
CA LEU C 176 -27.57 13.75 12.57
C LEU C 176 -28.72 12.96 13.19
N LEU C 177 -29.81 13.65 13.55
CA LEU C 177 -30.96 13.00 14.14
C LEU C 177 -31.57 12.00 13.16
N LYS C 178 -31.80 12.44 11.91
CA LYS C 178 -32.31 11.57 10.86
C LYS C 178 -31.44 10.32 10.77
N SER C 179 -30.11 10.52 10.78
CA SER C 179 -29.20 9.41 10.65
C SER C 179 -29.31 8.46 11.85
N GLU C 180 -29.72 8.98 13.01
CA GLU C 180 -29.92 8.15 14.19
C GLU C 180 -31.25 7.41 14.14
N GLN C 181 -32.29 8.05 13.58
CA GLN C 181 -33.65 7.52 13.63
C GLN C 181 -33.96 6.63 12.43
N GLU C 182 -33.34 6.88 11.27
CA GLU C 182 -33.56 6.04 10.10
C GLU C 182 -32.92 4.68 10.32
N LYS C 183 -33.37 3.69 9.55
CA LYS C 183 -32.86 2.34 9.65
C LYS C 183 -31.38 2.30 9.29
N THR C 184 -30.60 1.63 10.13
CA THR C 184 -29.17 1.52 9.95
C THR C 184 -28.89 0.31 9.07
N LEU C 185 -27.66 0.25 8.55
CA LEU C 185 -27.23 -0.90 7.79
C LEU C 185 -27.38 -2.16 8.64
N LEU C 186 -26.99 -2.09 9.92
CA LEU C 186 -27.11 -3.23 10.81
C LEU C 186 -28.55 -3.74 10.87
N GLU C 187 -29.52 -2.83 11.09
CA GLU C 187 -30.92 -3.22 11.20
C GLU C 187 -31.42 -3.81 9.88
N LEU C 188 -30.95 -3.26 8.75
CA LEU C 188 -31.43 -3.70 7.45
C LEU C 188 -30.89 -5.09 7.15
N VAL C 189 -29.59 -5.31 7.43
CA VAL C 189 -28.99 -6.62 7.29
C VAL C 189 -29.68 -7.61 8.23
N GLU C 190 -29.97 -7.18 9.47
CA GLU C 190 -30.65 -8.01 10.43
C GLU C 190 -31.96 -8.58 9.85
N ALA C 191 -32.86 -7.69 9.38
CA ALA C 191 -34.13 -8.12 8.83
C ALA C 191 -33.90 -9.13 7.70
N TRP C 192 -32.92 -8.86 6.85
CA TRP C 192 -32.63 -9.73 5.72
C TRP C 192 -32.15 -11.09 6.22
N LEU C 193 -31.28 -11.11 7.24
CA LEU C 193 -30.76 -12.35 7.80
C LEU C 193 -31.88 -13.19 8.40
N GLU C 194 -32.89 -12.53 8.99
CA GLU C 194 -34.02 -13.22 9.60
C GLU C 194 -34.82 -14.03 8.58
N ARG C 195 -34.78 -13.63 7.30
CA ARG C 195 -35.52 -14.32 6.27
C ARG C 195 -34.67 -15.38 5.55
N THR C 196 -33.47 -15.68 6.05
CA THR C 196 -32.57 -16.58 5.37
C THR C 196 -33.23 -17.95 5.20
N PRO C 197 -33.28 -18.52 3.98
CA PRO C 197 -33.85 -19.87 3.79
C PRO C 197 -33.08 -20.93 4.56
N GLY C 198 -33.82 -21.90 5.14
CA GLY C 198 -33.24 -23.02 5.85
C GLY C 198 -33.59 -23.05 7.34
N LEU C 199 -34.12 -21.95 7.87
CA LEU C 199 -34.38 -21.83 9.30
C LEU C 199 -35.75 -22.40 9.68
N GLU C 200 -36.60 -22.67 8.68
CA GLU C 200 -37.97 -23.11 8.94
C GLU C 200 -37.95 -24.46 9.67
N PRO C 201 -38.55 -24.55 10.88
CA PRO C 201 -38.71 -25.84 11.58
C PRO C 201 -39.38 -26.92 10.73
N HIS C 202 -40.33 -26.50 9.90
CA HIS C 202 -41.07 -27.40 9.05
C HIS C 202 -40.26 -27.75 7.79
N GLY C 203 -39.17 -27.03 7.55
CA GLY C 203 -38.32 -27.23 6.37
C GLY C 203 -37.01 -27.92 6.74
N PHE C 204 -35.88 -27.30 6.35
CA PHE C 204 -34.57 -27.89 6.58
C PHE C 204 -34.26 -27.92 8.08
N ASN C 205 -34.88 -27.01 8.86
CA ASN C 205 -34.87 -27.06 10.31
C ASN C 205 -33.43 -27.03 10.83
N PHE C 206 -32.68 -26.03 10.36
CA PHE C 206 -31.24 -25.94 10.60
C PHE C 206 -30.92 -26.01 12.09
N TRP C 207 -31.61 -25.17 12.87
CA TRP C 207 -31.26 -24.97 14.27
C TRP C 207 -31.46 -26.25 15.06
N GLY C 208 -32.63 -26.88 14.85
CA GLY C 208 -32.98 -28.14 15.49
C GLY C 208 -31.91 -29.20 15.24
N LYS C 209 -31.54 -29.37 13.96
CA LYS C 209 -30.58 -30.39 13.58
C LYS C 209 -29.20 -30.07 14.15
N LEU C 210 -28.83 -28.78 14.14
CA LEU C 210 -27.52 -28.38 14.63
C LEU C 210 -27.39 -28.68 16.13
N GLU C 211 -28.43 -28.33 16.90
CA GLU C 211 -28.42 -28.62 18.33
C GLU C 211 -28.25 -30.11 18.57
N LYS C 212 -29.03 -30.94 17.87
CA LYS C 212 -28.97 -32.38 18.02
C LYS C 212 -27.57 -32.90 17.72
N ASN C 213 -27.01 -32.49 16.55
CA ASN C 213 -25.75 -33.05 16.09
C ASN C 213 -24.63 -32.69 17.07
N ILE C 214 -24.66 -31.45 17.59
CA ILE C 214 -23.62 -31.01 18.51
C ILE C 214 -23.71 -31.81 19.81
N THR C 215 -24.93 -31.97 20.35
CA THR C 215 -25.13 -32.75 21.57
C THR C 215 -24.55 -34.15 21.40
N ARG C 216 -24.90 -34.80 20.27
CA ARG C 216 -24.43 -36.15 19.99
C ARG C 216 -22.90 -36.15 19.94
N GLY C 217 -22.33 -35.21 19.19
CA GLY C 217 -20.89 -35.17 19.03
C GLY C 217 -20.17 -34.99 20.37
N LEU C 218 -20.73 -34.12 21.23
CA LEU C 218 -20.15 -33.88 22.54
C LEU C 218 -20.22 -35.18 23.36
N GLU C 219 -21.35 -35.89 23.29
CA GLU C 219 -21.48 -37.16 23.98
C GLU C 219 -20.40 -38.15 23.51
N GLU C 220 -20.21 -38.24 22.19
CA GLU C 220 -19.21 -39.13 21.61
C GLU C 220 -17.83 -38.80 22.15
N GLU C 221 -17.52 -37.50 22.22
CA GLU C 221 -16.22 -37.05 22.69
C GLU C 221 -16.03 -37.42 24.16
N PHE C 222 -17.10 -37.27 24.97
CA PHE C 222 -17.06 -37.71 26.36
C PHE C 222 -16.54 -39.14 26.46
N ILE C 223 -17.19 -40.02 25.69
CA ILE C 223 -16.91 -41.45 25.74
C ILE C 223 -15.42 -41.67 25.43
N ARG C 224 -14.95 -41.07 24.33
CA ARG C 224 -13.56 -41.19 23.92
C ARG C 224 -12.61 -40.83 25.06
N ILE C 225 -12.77 -39.65 25.67
CA ILE C 225 -11.88 -39.22 26.74
C ILE C 225 -11.97 -40.17 27.93
N GLN C 226 -13.20 -40.58 28.28
CA GLN C 226 -13.39 -41.53 29.37
C GLN C 226 -12.52 -42.76 29.14
N ALA C 227 -12.44 -43.21 27.88
CA ALA C 227 -11.67 -44.41 27.56
C ALA C 227 -10.20 -44.25 27.96
N LYS C 234 -4.33 -36.39 30.15
CA LYS C 234 -5.63 -36.97 29.75
C LYS C 234 -6.76 -36.09 30.28
N GLU C 235 -6.92 -36.11 31.61
CA GLU C 235 -7.85 -35.23 32.29
C GLU C 235 -7.55 -33.77 31.96
N GLU C 236 -6.30 -33.44 31.69
CA GLU C 236 -5.89 -32.11 31.23
C GLU C 236 -6.69 -31.70 30.00
N GLN C 237 -6.81 -32.63 29.04
CA GLN C 237 -7.59 -32.39 27.84
C GLN C 237 -9.07 -32.31 28.22
N VAL C 238 -9.52 -33.21 29.09
CA VAL C 238 -10.91 -33.28 29.54
C VAL C 238 -11.37 -31.90 30.01
N ALA C 239 -10.51 -31.19 30.76
CA ALA C 239 -10.77 -29.83 31.19
C ALA C 239 -11.22 -28.93 30.02
N GLU C 240 -10.46 -28.95 28.92
CA GLU C 240 -10.79 -28.16 27.75
C GLU C 240 -12.15 -28.59 27.19
N PHE C 241 -12.38 -29.91 27.08
CA PHE C 241 -13.64 -30.44 26.58
C PHE C 241 -14.80 -29.76 27.31
N GLN C 242 -14.69 -29.66 28.64
CA GLN C 242 -15.74 -29.03 29.43
C GLN C 242 -16.01 -27.61 28.93
N LYS C 243 -14.93 -26.85 28.70
CA LYS C 243 -15.04 -25.47 28.23
C LYS C 243 -15.78 -25.42 26.89
N GLN C 244 -15.35 -26.26 25.93
CA GLN C 244 -15.97 -26.30 24.62
C GLN C 244 -17.48 -26.52 24.73
N LYS C 245 -17.88 -27.51 25.55
CA LYS C 245 -19.29 -27.83 25.73
C LYS C 245 -20.07 -26.59 26.16
N GLU C 246 -19.55 -25.87 27.17
CA GLU C 246 -20.23 -24.70 27.68
C GLU C 246 -20.43 -23.69 26.54
N VAL C 247 -19.36 -23.43 25.77
CA VAL C 247 -19.43 -22.47 24.68
C VAL C 247 -20.47 -22.92 23.67
N LEU C 248 -20.34 -24.18 23.21
CA LEU C 248 -21.16 -24.64 22.11
C LEU C 248 -22.63 -24.64 22.53
N LEU C 249 -22.91 -25.07 23.76
CA LEU C 249 -24.30 -25.19 24.19
C LEU C 249 -24.88 -23.80 24.47
N SER C 250 -24.05 -22.88 24.95
CA SER C 250 -24.49 -21.51 25.18
C SER C 250 -25.15 -20.93 23.92
N LEU C 251 -24.74 -21.43 22.74
CA LEU C 251 -25.30 -20.93 21.49
C LEU C 251 -26.82 -21.13 21.43
N PHE C 252 -27.33 -22.20 22.05
CA PHE C 252 -28.74 -22.54 21.95
C PHE C 252 -29.55 -21.89 23.08
N ASP C 253 -28.94 -21.02 23.89
CA ASP C 253 -29.61 -20.35 24.99
C ASP C 253 -30.14 -18.98 24.56
N GLU C 254 -31.41 -18.96 24.11
CA GLU C 254 -32.00 -17.75 23.55
C GLU C 254 -32.10 -16.65 24.62
N LYS C 255 -32.29 -17.06 25.88
CA LYS C 255 -32.46 -16.11 26.97
C LYS C 255 -31.14 -15.38 27.23
N ARG C 256 -30.04 -16.12 27.27
CA ARG C 256 -28.74 -15.49 27.43
C ARG C 256 -28.51 -14.48 26.31
N HIS C 257 -28.91 -14.84 25.09
CA HIS C 257 -28.72 -13.94 23.96
C HIS C 257 -29.47 -12.63 24.17
N GLU C 258 -30.74 -12.75 24.58
CA GLU C 258 -31.62 -11.60 24.79
C GLU C 258 -31.02 -10.70 25.86
N HIS C 259 -30.48 -11.31 26.93
CA HIS C 259 -29.82 -10.57 28.00
C HIS C 259 -28.64 -9.81 27.43
N LEU C 260 -27.82 -10.49 26.62
CA LEU C 260 -26.60 -9.88 26.11
C LEU C 260 -26.94 -8.77 25.11
N LEU C 261 -28.04 -8.94 24.33
CA LEU C 261 -28.57 -7.89 23.47
C LEU C 261 -28.88 -6.65 24.31
N SER C 262 -29.60 -6.84 25.43
CA SER C 262 -30.01 -5.71 26.25
C SER C 262 -28.80 -4.93 26.74
N LYS C 263 -27.69 -5.63 27.02
CA LYS C 263 -26.47 -4.98 27.51
C LYS C 263 -25.68 -4.40 26.35
N GLY C 264 -26.09 -4.70 25.11
CA GLY C 264 -25.39 -4.21 23.93
C GLY C 264 -24.06 -4.94 23.69
N GLU C 265 -23.87 -6.11 24.29
CA GLU C 265 -22.69 -6.93 23.99
C GLU C 265 -22.93 -7.79 22.75
N ARG C 266 -24.19 -7.90 22.35
CA ARG C 266 -24.53 -8.41 21.02
C ARG C 266 -25.47 -7.40 20.37
N ARG C 267 -25.69 -7.51 19.06
CA ARG C 267 -26.47 -6.52 18.33
C ARG C 267 -27.54 -7.16 17.45
N LEU C 268 -27.29 -8.36 16.92
CA LEU C 268 -28.25 -9.02 16.05
C LEU C 268 -29.27 -9.78 16.87
N SER C 269 -30.52 -9.84 16.37
CA SER C 269 -31.54 -10.72 16.93
C SER C 269 -31.07 -12.17 16.85
N TYR C 270 -31.65 -13.00 17.70
CA TYR C 270 -31.28 -14.40 17.76
C TYR C 270 -31.52 -15.05 16.41
N ARG C 271 -32.63 -14.70 15.75
CA ARG C 271 -32.97 -15.32 14.49
C ARG C 271 -31.99 -14.88 13.41
N ALA C 272 -31.61 -13.59 13.40
CA ALA C 272 -30.61 -13.10 12.45
C ALA C 272 -29.29 -13.87 12.64
N LEU C 273 -28.92 -14.13 13.90
CA LEU C 273 -27.71 -14.88 14.19
C LEU C 273 -27.78 -16.27 13.54
N GLN C 274 -28.95 -16.90 13.60
CA GLN C 274 -29.16 -18.21 12.99
C GLN C 274 -28.97 -18.14 11.49
N GLY C 275 -29.53 -17.10 10.86
CA GLY C 275 -29.38 -16.88 9.43
C GLY C 275 -27.92 -16.73 9.04
N ALA C 276 -27.18 -15.92 9.81
CA ALA C 276 -25.76 -15.71 9.56
C ALA C 276 -25.01 -17.03 9.65
N LEU C 277 -25.32 -17.84 10.65
CA LEU C 277 -24.62 -19.11 10.84
C LEU C 277 -24.97 -20.07 9.71
N MET C 278 -26.21 -20.00 9.23
CA MET C 278 -26.65 -20.80 8.11
C MET C 278 -25.79 -20.47 6.89
N ILE C 279 -25.61 -19.16 6.63
CA ILE C 279 -24.82 -18.70 5.51
C ILE C 279 -23.36 -19.15 5.69
N TYR C 280 -22.83 -19.05 6.91
CA TYR C 280 -21.45 -19.43 7.19
C TYR C 280 -21.23 -20.90 6.87
N PHE C 281 -22.10 -21.77 7.38
CA PHE C 281 -21.87 -23.20 7.27
C PHE C 281 -22.14 -23.67 5.85
N TYR C 282 -23.07 -23.03 5.13
CA TYR C 282 -23.43 -23.49 3.79
C TYR C 282 -22.98 -22.49 2.73
N ARG C 283 -21.86 -21.80 2.99
CA ARG C 283 -21.33 -20.77 2.13
C ARG C 283 -21.16 -21.22 0.67
N GLU C 284 -20.85 -22.50 0.46
CA GLU C 284 -20.55 -23.00 -0.87
C GLU C 284 -21.82 -23.24 -1.68
N GLU C 285 -22.97 -23.38 -1.01
CA GLU C 285 -24.22 -23.54 -1.72
C GLU C 285 -24.45 -22.29 -2.58
N PRO C 286 -24.82 -22.43 -3.88
CA PRO C 286 -24.84 -21.29 -4.80
C PRO C 286 -25.54 -20.03 -4.31
N ARG C 287 -26.72 -20.19 -3.71
CA ARG C 287 -27.50 -19.07 -3.23
C ARG C 287 -26.80 -18.34 -2.08
N PHE C 288 -25.88 -19.02 -1.38
CA PHE C 288 -25.23 -18.41 -0.22
C PHE C 288 -23.83 -17.87 -0.54
N GLN C 289 -23.33 -18.06 -1.76
CA GLN C 289 -21.95 -17.69 -2.07
C GLN C 289 -21.78 -16.17 -1.98
N VAL C 290 -22.66 -15.41 -2.61
CA VAL C 290 -22.51 -13.97 -2.60
C VAL C 290 -22.93 -13.41 -1.24
N PRO C 291 -24.04 -13.89 -0.62
CA PRO C 291 -24.31 -13.56 0.78
C PRO C 291 -23.14 -13.75 1.74
N PHE C 292 -22.40 -14.85 1.61
CA PHE C 292 -21.21 -15.04 2.42
C PHE C 292 -20.21 -13.91 2.20
N GLN C 293 -20.02 -13.51 0.93
CA GLN C 293 -19.09 -12.44 0.62
C GLN C 293 -19.57 -11.15 1.27
N LEU C 294 -20.89 -10.93 1.31
CA LEU C 294 -21.44 -9.76 1.94
C LEU C 294 -21.07 -9.75 3.43
N LEU C 295 -21.24 -10.88 4.11
CA LEU C 295 -20.95 -10.93 5.54
C LEU C 295 -19.47 -10.62 5.78
N THR C 296 -18.63 -11.20 4.93
CA THR C 296 -17.18 -10.98 4.94
C THR C 296 -16.88 -9.48 4.82
N SER C 297 -17.57 -8.80 3.89
CA SER C 297 -17.26 -7.40 3.65
C SER C 297 -17.74 -6.54 4.80
N LEU C 298 -18.85 -6.89 5.45
CA LEU C 298 -19.34 -6.16 6.63
C LEU C 298 -18.30 -6.25 7.74
N MET C 299 -17.76 -7.44 7.98
CA MET C 299 -16.67 -7.56 8.95
C MET C 299 -15.47 -6.69 8.51
N ASP C 300 -15.16 -6.67 7.21
CA ASP C 300 -14.02 -5.91 6.71
C ASP C 300 -14.20 -4.42 7.01
N ILE C 301 -15.42 -3.93 6.84
CA ILE C 301 -15.70 -2.52 7.05
C ILE C 301 -15.52 -2.16 8.53
N ASP C 302 -15.98 -3.03 9.43
CA ASP C 302 -15.77 -2.83 10.85
C ASP C 302 -14.26 -2.77 11.17
N SER C 303 -13.50 -3.74 10.64
CA SER C 303 -12.06 -3.81 10.87
C SER C 303 -11.36 -2.54 10.38
N LEU C 304 -11.76 -2.07 9.19
CA LEU C 304 -11.10 -0.94 8.57
C LEU C 304 -11.46 0.36 9.28
N MET C 305 -12.73 0.50 9.70
CA MET C 305 -13.14 1.62 10.53
C MET C 305 -12.30 1.67 11.81
N THR C 306 -12.08 0.51 12.43
CA THR C 306 -11.31 0.45 13.66
C THR C 306 -9.86 0.85 13.35
N LYS C 307 -9.34 0.42 12.21
CA LYS C 307 -7.97 0.74 11.83
C LYS C 307 -7.84 2.24 11.61
N TRP C 308 -8.84 2.84 10.97
CA TRP C 308 -8.82 4.29 10.79
C TRP C 308 -8.72 4.97 12.17
N ARG C 309 -9.53 4.53 13.13
CA ARG C 309 -9.55 5.15 14.46
C ARG C 309 -8.21 5.00 15.16
N TYR C 310 -7.62 3.81 15.01
CA TYR C 310 -6.33 3.53 15.62
C TYR C 310 -5.28 4.46 15.04
N ASN C 311 -5.21 4.57 13.71
CA ASN C 311 -4.19 5.41 13.11
C ASN C 311 -4.42 6.85 13.53
N HIS C 312 -5.68 7.27 13.67
CA HIS C 312 -5.97 8.63 14.05
C HIS C 312 -5.46 8.90 15.47
N VAL C 313 -5.69 7.93 16.39
CA VAL C 313 -5.22 8.02 17.77
C VAL C 313 -3.71 8.19 17.78
N CYS C 314 -3.01 7.27 17.08
CA CYS C 314 -1.56 7.29 17.02
C CYS C 314 -1.08 8.66 16.54
N MET C 315 -1.84 9.30 15.64
CA MET C 315 -1.45 10.57 15.06
C MET C 315 -1.59 11.67 16.10
N VAL C 316 -2.73 11.71 16.78
CA VAL C 316 -2.94 12.68 17.85
C VAL C 316 -1.80 12.60 18.87
N HIS C 317 -1.39 11.38 19.24
CA HIS C 317 -0.35 11.16 20.22
C HIS C 317 0.99 11.68 19.69
N ARG C 318 1.26 11.51 18.40
CA ARG C 318 2.55 11.89 17.83
C ARG C 318 2.70 13.41 17.85
N MET C 319 1.59 14.14 17.69
CA MET C 319 1.61 15.58 17.55
C MET C 319 1.42 16.26 18.91
N LEU C 320 0.44 15.82 19.72
CA LEU C 320 0.12 16.52 20.95
C LEU C 320 0.81 15.86 22.14
N GLY C 321 1.15 14.58 22.01
CA GLY C 321 1.80 13.82 23.07
C GLY C 321 1.05 13.81 24.40
N SER C 322 -0.29 13.90 24.39
CA SER C 322 -1.07 14.14 25.60
C SER C 322 -0.39 15.20 26.48
N GLY C 331 -7.20 14.16 23.75
CA GLY C 331 -8.13 13.04 23.93
C GLY C 331 -7.53 11.70 23.51
N TYR C 332 -6.20 11.56 23.65
CA TYR C 332 -5.49 10.33 23.33
C TYR C 332 -6.22 9.13 23.96
N HIS C 333 -6.51 9.20 25.26
CA HIS C 333 -7.12 8.09 25.98
C HIS C 333 -8.58 7.90 25.57
N TYR C 334 -9.32 9.00 25.38
CA TYR C 334 -10.68 8.92 24.86
C TYR C 334 -10.68 8.19 23.51
N LEU C 335 -9.79 8.63 22.61
CA LEU C 335 -9.71 8.06 21.28
C LEU C 335 -9.31 6.58 21.39
N ARG C 336 -8.43 6.24 22.34
CA ARG C 336 -8.05 4.85 22.58
C ARG C 336 -9.28 4.02 22.92
N SER C 337 -10.20 4.61 23.70
CA SER C 337 -11.43 3.96 24.11
C SER C 337 -12.31 3.66 22.89
N THR C 338 -12.22 4.50 21.85
CA THR C 338 -13.01 4.31 20.64
C THR C 338 -12.53 3.07 19.89
N VAL C 339 -11.27 2.68 20.10
CA VAL C 339 -10.73 1.47 19.50
C VAL C 339 -11.13 0.29 20.40
N SER C 340 -12.36 -0.18 20.24
CA SER C 340 -12.91 -1.23 21.08
C SER C 340 -14.07 -1.93 20.37
N ASP C 341 -14.55 -3.01 20.97
CA ASP C 341 -15.75 -3.73 20.52
C ASP C 341 -17.00 -2.86 20.61
N ARG C 342 -16.95 -1.80 21.45
CA ARG C 342 -18.05 -0.87 21.58
C ARG C 342 -18.42 -0.27 20.23
N TYR C 343 -17.43 -0.13 19.34
CA TYR C 343 -17.63 0.53 18.06
C TYR C 343 -17.71 -0.49 16.93
N LYS C 344 -17.65 -1.80 17.25
CA LYS C 344 -17.80 -2.83 16.23
C LYS C 344 -19.27 -3.21 16.07
N VAL C 345 -19.91 -2.68 15.03
CA VAL C 345 -21.32 -2.91 14.77
C VAL C 345 -21.60 -4.38 14.45
N PHE C 346 -20.69 -5.07 13.74
CA PHE C 346 -20.94 -6.43 13.28
C PHE C 346 -20.14 -7.43 14.09
N VAL C 347 -19.91 -7.10 15.37
CA VAL C 347 -19.20 -7.94 16.32
C VAL C 347 -19.77 -9.36 16.28
N ASP C 348 -21.09 -9.50 16.09
CA ASP C 348 -21.70 -10.82 16.12
C ASP C 348 -21.13 -11.69 14.99
N LEU C 349 -20.80 -11.07 13.84
CA LEU C 349 -20.30 -11.81 12.70
C LEU C 349 -18.89 -12.31 12.99
N PHE C 350 -18.07 -11.50 13.67
CA PHE C 350 -16.77 -11.94 14.12
C PHE C 350 -16.89 -13.12 15.08
N ASN C 351 -17.86 -13.06 16.01
CA ASN C 351 -17.86 -14.00 17.12
C ASN C 351 -18.36 -15.38 16.69
N LEU C 352 -18.96 -15.52 15.52
CA LEU C 352 -19.32 -16.84 15.03
C LEU C 352 -18.12 -17.78 14.86
N SER C 353 -16.87 -17.27 14.72
CA SER C 353 -15.66 -18.07 14.89
C SER C 353 -15.73 -18.96 16.13
N THR C 354 -16.12 -18.37 17.27
CA THR C 354 -16.18 -19.06 18.55
C THR C 354 -16.95 -20.39 18.44
N TYR C 355 -17.96 -20.46 17.54
CA TYR C 355 -18.83 -21.62 17.46
C TYR C 355 -18.52 -22.49 16.23
N LEU C 356 -17.22 -22.69 15.93
CA LEU C 356 -16.81 -23.65 14.92
C LEU C 356 -16.81 -25.06 15.50
N ILE C 357 -17.34 -26.00 14.71
CA ILE C 357 -17.50 -27.38 15.09
C ILE C 357 -16.81 -28.25 14.04
N PRO C 358 -16.53 -29.53 14.30
CA PRO C 358 -16.03 -30.42 13.24
C PRO C 358 -17.01 -30.39 12.07
N ARG C 359 -16.46 -30.49 10.84
CA ARG C 359 -17.24 -30.44 9.61
C ARG C 359 -18.36 -31.48 9.62
N HIS C 360 -18.07 -32.67 10.16
CA HIS C 360 -19.00 -33.78 10.08
C HIS C 360 -20.19 -33.59 11.03
N TRP C 361 -20.14 -32.57 11.91
CA TRP C 361 -21.29 -32.30 12.77
C TRP C 361 -22.30 -31.41 12.06
N ILE C 362 -21.89 -30.75 10.98
CA ILE C 362 -22.78 -29.82 10.30
C ILE C 362 -23.90 -30.60 9.65
N PRO C 363 -25.19 -30.26 9.89
CA PRO C 363 -26.29 -30.98 9.25
C PRO C 363 -26.06 -31.05 7.75
N LYS C 364 -26.24 -32.23 7.16
CA LYS C 364 -25.92 -32.45 5.75
C LYS C 364 -26.97 -31.79 4.86
N MET C 365 -26.52 -31.11 3.80
CA MET C 365 -27.41 -30.52 2.81
C MET C 365 -27.49 -31.47 1.61
N ASN C 366 -28.25 -32.56 1.77
CA ASN C 366 -28.32 -33.61 0.76
C ASN C 366 -29.44 -33.30 -0.24
N PRO C 367 -29.45 -33.97 -1.42
CA PRO C 367 -30.47 -33.76 -2.46
C PRO C 367 -31.87 -33.53 -1.93
N THR C 368 -32.27 -34.32 -0.93
CA THR C 368 -33.59 -34.19 -0.30
C THR C 368 -33.92 -32.71 -0.13
N ILE C 369 -32.95 -31.95 0.39
CA ILE C 369 -33.14 -30.54 0.67
C ILE C 369 -32.28 -29.71 -0.29
N HIS C 370 -31.33 -30.35 -0.98
CA HIS C 370 -30.35 -29.63 -1.80
C HIS C 370 -31.03 -28.64 -2.73
N LYS C 371 -32.25 -28.99 -3.15
CA LYS C 371 -33.04 -28.18 -4.07
C LYS C 371 -33.08 -26.70 -3.67
N PHE C 372 -33.27 -26.41 -2.37
CA PHE C 372 -33.39 -25.02 -1.94
C PHE C 372 -31.97 -24.44 -1.89
N LEU D 24 -14.35 29.23 15.50
CA LEU D 24 -13.86 28.51 14.27
C LEU D 24 -14.30 27.04 14.33
N ILE D 25 -15.10 26.65 13.34
CA ILE D 25 -15.65 25.30 13.27
C ILE D 25 -14.97 24.56 12.12
N TYR D 26 -14.77 23.25 12.31
CA TYR D 26 -14.15 22.35 11.35
C TYR D 26 -14.61 22.65 9.93
N GLY D 27 -15.93 22.55 9.71
CA GLY D 27 -16.50 22.65 8.38
C GLY D 27 -16.23 24.00 7.74
N ASN D 28 -16.21 25.06 8.56
CA ASN D 28 -15.87 26.40 8.08
C ASN D 28 -14.38 26.53 7.83
N TYR D 29 -13.56 25.97 8.72
CA TYR D 29 -12.11 26.05 8.58
C TYR D 29 -11.71 25.39 7.26
N LEU D 30 -12.31 24.24 6.94
CA LEU D 30 -11.98 23.50 5.73
C LEU D 30 -12.82 23.92 4.52
N HIS D 31 -13.71 24.91 4.67
CA HIS D 31 -14.56 25.38 3.58
C HIS D 31 -15.32 24.22 2.92
N LEU D 32 -15.90 23.36 3.77
CA LEU D 32 -16.67 22.22 3.31
C LEU D 32 -17.94 22.65 2.59
N GLU D 33 -18.38 23.90 2.80
CA GLU D 33 -19.53 24.41 2.08
C GLU D 33 -19.19 24.51 0.59
N LYS D 34 -17.91 24.63 0.25
CA LYS D 34 -17.49 24.55 -1.15
C LYS D 34 -17.17 23.11 -1.56
N VAL D 35 -16.36 22.42 -0.77
CA VAL D 35 -15.79 21.13 -1.15
C VAL D 35 -16.91 20.10 -1.33
N LEU D 36 -17.92 20.13 -0.46
CA LEU D 36 -18.96 19.11 -0.42
C LEU D 36 -20.23 19.59 -1.11
N ASN D 37 -20.17 20.71 -1.81
CA ASN D 37 -21.23 21.13 -2.73
C ASN D 37 -20.67 21.33 -4.13
N ALA D 38 -19.84 20.38 -4.58
CA ALA D 38 -19.13 20.50 -5.85
C ALA D 38 -19.37 19.26 -6.71
N GLN D 39 -20.37 18.47 -6.32
CA GLN D 39 -20.61 17.17 -6.94
C GLN D 39 -21.94 17.24 -7.67
N GLU D 40 -21.90 17.41 -8.99
CA GLU D 40 -23.10 17.39 -9.80
C GLU D 40 -22.96 16.34 -10.90
N LEU D 41 -23.81 15.32 -10.86
CA LEU D 41 -23.76 14.27 -11.86
C LEU D 41 -24.43 14.75 -13.14
N GLN D 42 -23.69 14.77 -14.24
CA GLN D 42 -24.25 15.17 -15.52
C GLN D 42 -25.36 14.20 -15.95
N SER D 43 -25.22 12.93 -15.59
CA SER D 43 -26.26 11.95 -15.89
C SER D 43 -27.57 12.39 -15.24
N GLU D 44 -27.50 12.92 -14.01
CA GLU D 44 -28.67 13.36 -13.28
C GLU D 44 -29.19 14.68 -13.85
N THR D 45 -28.29 15.62 -14.18
CA THR D 45 -28.68 16.87 -14.83
C THR D 45 -29.49 16.58 -16.09
N LYS D 46 -29.16 15.51 -16.83
CA LYS D 46 -29.82 15.19 -18.07
C LYS D 46 -30.93 14.15 -17.87
N GLY D 47 -31.37 13.96 -16.62
CA GLY D 47 -32.56 13.18 -16.31
C GLY D 47 -32.35 11.66 -16.32
N ASN D 48 -31.12 11.19 -16.06
CA ASN D 48 -30.81 9.76 -16.12
C ASN D 48 -29.63 9.41 -15.20
N LYS D 49 -29.82 9.65 -13.91
CA LYS D 49 -28.80 9.50 -12.89
C LYS D 49 -28.18 8.12 -12.93
N ILE D 50 -26.83 8.07 -12.95
CA ILE D 50 -26.10 6.82 -12.96
C ILE D 50 -25.18 6.84 -11.74
N HIS D 51 -25.35 5.84 -10.87
CA HIS D 51 -24.82 5.82 -9.53
C HIS D 51 -23.31 6.06 -9.55
N ASP D 52 -22.59 5.36 -10.42
CA ASP D 52 -21.13 5.34 -10.40
C ASP D 52 -20.54 6.67 -10.87
N GLU D 53 -21.33 7.55 -11.49
CA GLU D 53 -20.76 8.82 -11.90
C GLU D 53 -20.23 9.58 -10.69
N HIS D 54 -20.86 9.37 -9.53
CA HIS D 54 -20.47 10.06 -8.31
C HIS D 54 -19.01 9.71 -7.95
N LEU D 55 -18.67 8.43 -8.05
CA LEU D 55 -17.31 7.95 -7.79
C LEU D 55 -16.31 8.62 -8.72
N PHE D 56 -16.69 8.75 -10.00
CA PHE D 56 -15.82 9.32 -11.02
C PHE D 56 -15.47 10.75 -10.64
N ILE D 57 -16.48 11.49 -10.18
CA ILE D 57 -16.31 12.89 -9.79
C ILE D 57 -15.38 13.01 -8.59
N ILE D 58 -15.68 12.25 -7.53
CA ILE D 58 -14.93 12.39 -6.28
C ILE D 58 -13.47 12.00 -6.51
N THR D 59 -13.23 10.90 -7.23
CA THR D 59 -11.89 10.45 -7.48
C THR D 59 -11.05 11.58 -8.11
N HIS D 60 -11.58 12.23 -9.15
CA HIS D 60 -10.87 13.32 -9.82
C HIS D 60 -10.65 14.49 -8.88
N GLN D 61 -11.67 14.84 -8.10
CA GLN D 61 -11.54 15.95 -7.16
C GLN D 61 -10.43 15.66 -6.14
N ALA D 62 -10.29 14.40 -5.73
CA ALA D 62 -9.26 14.05 -4.76
C ALA D 62 -7.89 14.18 -5.42
N TYR D 63 -7.74 13.68 -6.67
CA TYR D 63 -6.50 13.86 -7.42
C TYR D 63 -6.16 15.34 -7.49
N GLU D 64 -7.13 16.19 -7.76
CA GLU D 64 -6.87 17.63 -7.92
C GLU D 64 -6.49 18.31 -6.60
N LEU D 65 -7.12 17.92 -5.49
CA LEU D 65 -6.67 18.41 -4.18
C LEU D 65 -5.19 18.09 -4.02
N TRP D 66 -4.78 16.85 -4.30
CA TRP D 66 -3.41 16.44 -4.09
C TRP D 66 -2.45 17.09 -5.08
N PHE D 67 -2.90 17.34 -6.31
CA PHE D 67 -2.09 18.08 -7.27
C PHE D 67 -1.83 19.47 -6.72
N LYS D 68 -2.85 20.10 -6.13
CA LYS D 68 -2.69 21.42 -5.53
C LYS D 68 -1.62 21.38 -4.43
N GLN D 69 -1.63 20.33 -3.60
CA GLN D 69 -0.65 20.18 -2.54
C GLN D 69 0.75 19.96 -3.11
N ILE D 70 0.87 19.14 -4.17
CA ILE D 70 2.16 18.94 -4.80
C ILE D 70 2.69 20.26 -5.33
N LEU D 71 1.85 21.07 -5.99
CA LEU D 71 2.26 22.35 -6.54
C LEU D 71 2.74 23.27 -5.42
N TRP D 72 2.07 23.21 -4.27
CA TRP D 72 2.40 24.05 -3.14
C TRP D 72 3.80 23.69 -2.62
N GLU D 73 4.09 22.38 -2.49
CA GLU D 73 5.39 21.94 -2.03
C GLU D 73 6.44 22.31 -3.06
N LEU D 74 6.19 21.98 -4.32
CA LEU D 74 7.14 22.15 -5.40
C LEU D 74 7.49 23.62 -5.60
N ASP D 75 6.47 24.49 -5.61
CA ASP D 75 6.70 25.93 -5.68
C ASP D 75 7.52 26.45 -4.49
N SER D 76 7.26 25.94 -3.27
CA SER D 76 8.02 26.41 -2.12
C SER D 76 9.49 26.04 -2.28
N VAL D 77 9.75 24.87 -2.88
CA VAL D 77 11.10 24.40 -3.07
C VAL D 77 11.78 25.17 -4.20
N ARG D 78 11.03 25.47 -5.27
CA ARG D 78 11.58 26.28 -6.35
C ARG D 78 12.04 27.63 -5.79
N GLU D 79 11.20 28.24 -4.94
CA GLU D 79 11.51 29.55 -4.39
C GLU D 79 12.81 29.52 -3.57
N ILE D 80 12.97 28.48 -2.74
CA ILE D 80 14.15 28.29 -1.91
C ILE D 80 15.43 28.27 -2.77
N PHE D 81 15.37 27.61 -3.94
CA PHE D 81 16.49 27.62 -4.87
C PHE D 81 16.64 29.00 -5.48
N GLN D 82 15.56 29.53 -6.04
CA GLN D 82 15.63 30.72 -6.88
C GLN D 82 16.04 31.95 -6.09
N ASN D 83 15.68 32.03 -4.81
CA ASN D 83 16.00 33.21 -4.01
C ASN D 83 17.35 33.04 -3.30
N GLY D 84 18.04 31.90 -3.48
CA GLY D 84 19.36 31.74 -2.92
C GLY D 84 19.39 31.13 -1.51
N HIS D 85 18.23 30.91 -0.88
CA HIS D 85 18.22 30.33 0.46
C HIS D 85 18.90 28.95 0.49
N VAL D 86 18.81 28.19 -0.60
CA VAL D 86 19.44 26.87 -0.63
C VAL D 86 20.95 26.99 -0.40
N ARG D 87 21.53 28.17 -0.61
CA ARG D 87 22.97 28.31 -0.43
C ARG D 87 23.34 28.02 1.03
N ASP D 88 22.43 28.37 1.94
CA ASP D 88 22.61 28.07 3.36
C ASP D 88 22.13 26.64 3.57
N GLU D 89 23.09 25.75 3.86
CA GLU D 89 22.91 24.31 3.92
C GLU D 89 21.99 23.90 5.07
N ARG D 90 21.69 24.84 5.98
CA ARG D 90 20.71 24.59 7.01
C ARG D 90 19.34 24.34 6.40
N ASN D 91 19.12 24.76 5.16
CA ASN D 91 17.80 24.63 4.54
C ASN D 91 17.60 23.31 3.82
N MET D 92 18.63 22.45 3.79
CA MET D 92 18.54 21.23 3.00
C MET D 92 17.52 20.26 3.60
N LEU D 93 17.35 20.26 4.92
CA LEU D 93 16.46 19.30 5.55
C LEU D 93 15.04 19.56 5.08
N LYS D 94 14.63 20.82 5.10
CA LYS D 94 13.32 21.26 4.64
C LYS D 94 13.17 20.93 3.15
N VAL D 95 14.21 21.14 2.36
CA VAL D 95 14.11 20.85 0.94
C VAL D 95 13.82 19.36 0.72
N VAL D 96 14.59 18.51 1.38
CA VAL D 96 14.45 17.07 1.21
C VAL D 96 13.14 16.57 1.84
N SER D 97 12.68 17.13 2.97
CA SER D 97 11.42 16.72 3.56
C SER D 97 10.26 17.00 2.62
N ARG D 98 10.25 18.17 2.00
CA ARG D 98 9.16 18.53 1.11
C ARG D 98 9.18 17.68 -0.17
N MET D 99 10.37 17.38 -0.72
CA MET D 99 10.43 16.56 -1.92
C MET D 99 10.04 15.12 -1.57
N HIS D 100 10.46 14.64 -0.39
CA HIS D 100 10.02 13.35 0.09
C HIS D 100 8.50 13.32 0.26
N ARG D 101 7.94 14.40 0.81
CA ARG D 101 6.50 14.50 0.97
C ARG D 101 5.82 14.39 -0.40
N VAL D 102 6.36 15.04 -1.44
CA VAL D 102 5.81 14.92 -2.78
C VAL D 102 5.76 13.44 -3.22
N SER D 103 6.83 12.70 -2.97
CA SER D 103 6.84 11.30 -3.35
C SER D 103 5.82 10.47 -2.55
N VAL D 104 5.60 10.80 -1.26
CA VAL D 104 4.64 10.08 -0.45
C VAL D 104 3.22 10.34 -0.98
N ILE D 105 2.90 11.58 -1.32
CA ILE D 105 1.61 11.89 -1.95
C ILE D 105 1.43 11.12 -3.27
N LEU D 106 2.43 11.13 -4.14
CA LEU D 106 2.32 10.49 -5.44
C LEU D 106 2.09 9.01 -5.27
N LYS D 107 2.72 8.41 -4.27
CA LYS D 107 2.52 7.00 -3.97
C LYS D 107 1.05 6.75 -3.65
N LEU D 108 0.46 7.63 -2.84
CA LEU D 108 -0.95 7.51 -2.54
C LEU D 108 -1.76 7.67 -3.85
N LEU D 109 -1.39 8.63 -4.70
CA LEU D 109 -2.10 8.84 -5.95
C LEU D 109 -2.04 7.60 -6.87
N VAL D 110 -0.94 6.86 -6.85
CA VAL D 110 -0.85 5.60 -7.57
C VAL D 110 -1.83 4.58 -6.97
N GLN D 111 -1.86 4.47 -5.63
CA GLN D 111 -2.72 3.50 -4.96
C GLN D 111 -4.19 3.86 -5.21
N GLN D 112 -4.47 5.15 -5.32
CA GLN D 112 -5.84 5.63 -5.51
C GLN D 112 -6.51 5.11 -6.78
N PHE D 113 -5.74 4.63 -7.76
CA PHE D 113 -6.36 4.00 -8.91
C PHE D 113 -7.19 2.77 -8.52
N SER D 114 -6.85 2.12 -7.41
CA SER D 114 -7.53 0.93 -6.96
C SER D 114 -9.00 1.24 -6.71
N ILE D 115 -9.33 2.48 -6.37
CA ILE D 115 -10.72 2.82 -6.10
C ILE D 115 -11.50 2.84 -7.40
N LEU D 116 -10.91 3.43 -8.46
CA LEU D 116 -11.62 3.55 -9.72
C LEU D 116 -11.66 2.19 -10.41
N GLU D 117 -10.76 1.28 -10.06
CA GLU D 117 -10.89 -0.07 -10.58
C GLU D 117 -12.13 -0.82 -10.05
N THR D 118 -12.84 -0.30 -9.02
CA THR D 118 -14.09 -0.95 -8.59
C THR D 118 -15.27 -0.52 -9.47
N MET D 119 -15.04 0.37 -10.44
CA MET D 119 -16.06 0.69 -11.44
C MET D 119 -15.83 -0.18 -12.67
N THR D 120 -16.83 -0.93 -13.10
CA THR D 120 -16.72 -1.74 -14.30
C THR D 120 -16.86 -0.87 -15.54
N ALA D 121 -16.33 -1.37 -16.66
CA ALA D 121 -16.42 -0.70 -17.94
C ALA D 121 -17.89 -0.57 -18.36
N LEU D 122 -18.68 -1.62 -18.09
CA LEU D 122 -20.10 -1.59 -18.39
C LEU D 122 -20.80 -0.42 -17.69
N ASP D 123 -20.45 -0.19 -16.42
CA ASP D 123 -21.08 0.88 -15.66
C ASP D 123 -20.58 2.25 -16.12
N PHE D 124 -19.27 2.34 -16.40
CA PHE D 124 -18.72 3.57 -16.93
C PHE D 124 -19.43 3.91 -18.24
N ASN D 125 -19.71 2.91 -19.06
CA ASN D 125 -20.34 3.12 -20.35
C ASN D 125 -21.74 3.74 -20.21
N ASP D 126 -22.36 3.66 -19.02
CA ASP D 126 -23.71 4.19 -18.87
C ASP D 126 -23.71 5.72 -18.71
N PHE D 127 -22.57 6.35 -18.40
CA PHE D 127 -22.57 7.80 -18.20
C PHE D 127 -21.49 8.49 -19.05
N ARG D 128 -20.70 7.71 -19.77
CA ARG D 128 -19.58 8.26 -20.55
C ARG D 128 -20.05 9.38 -21.48
N GLU D 129 -21.23 9.19 -22.10
CA GLU D 129 -21.76 10.12 -23.08
C GLU D 129 -21.97 11.51 -22.49
N TYR D 130 -22.33 11.60 -21.20
CA TYR D 130 -22.65 12.88 -20.59
C TYR D 130 -21.37 13.66 -20.26
N LEU D 131 -20.19 13.05 -20.47
CA LEU D 131 -18.94 13.68 -20.05
C LEU D 131 -18.37 14.55 -21.17
N SER D 132 -18.58 14.11 -22.43
CA SER D 132 -18.02 14.84 -23.57
C SER D 132 -18.43 16.30 -23.50
N PRO D 133 -17.52 17.26 -23.83
CA PRO D 133 -16.17 16.94 -24.27
C PRO D 133 -15.06 17.16 -23.22
N ALA D 134 -15.38 16.83 -21.96
CA ALA D 134 -14.42 17.02 -20.88
C ALA D 134 -13.39 15.90 -20.93
N SER D 135 -12.14 16.23 -20.57
CA SER D 135 -11.06 15.25 -20.53
C SER D 135 -10.06 15.64 -19.46
N GLY D 136 -9.34 14.66 -18.93
CA GLY D 136 -8.22 14.89 -18.01
C GLY D 136 -7.11 15.71 -18.67
N PHE D 137 -7.06 15.66 -20.01
CA PHE D 137 -6.15 16.46 -20.79
C PHE D 137 -6.26 17.92 -20.36
N GLN D 138 -7.47 18.29 -19.93
CA GLN D 138 -7.75 19.68 -19.60
C GLN D 138 -7.42 19.99 -18.13
N SER D 139 -6.80 19.06 -17.40
CA SER D 139 -6.36 19.38 -16.03
C SER D 139 -5.21 20.39 -16.06
N LEU D 140 -5.55 21.65 -15.74
CA LEU D 140 -4.59 22.71 -15.61
C LEU D 140 -3.44 22.32 -14.68
N GLN D 141 -3.81 21.84 -13.50
CA GLN D 141 -2.81 21.57 -12.47
C GLN D 141 -1.80 20.51 -12.88
N PHE D 142 -2.28 19.46 -13.56
CA PHE D 142 -1.39 18.41 -14.01
C PHE D 142 -0.34 18.98 -14.97
N ARG D 143 -0.77 19.87 -15.87
CA ARG D 143 0.15 20.50 -16.80
C ARG D 143 1.12 21.40 -16.05
N LEU D 144 0.61 22.19 -15.10
CA LEU D 144 1.46 23.07 -14.31
C LEU D 144 2.55 22.24 -13.64
N LEU D 145 2.15 21.09 -13.08
CA LEU D 145 3.08 20.21 -12.40
C LEU D 145 4.19 19.71 -13.34
N GLU D 146 3.80 19.22 -14.52
CA GLU D 146 4.77 18.75 -15.49
C GLU D 146 5.73 19.89 -15.84
N ASN D 147 5.18 21.05 -16.16
CA ASN D 147 5.98 22.20 -16.55
C ASN D 147 6.94 22.60 -15.44
N LYS D 148 6.47 22.69 -14.20
CA LYS D 148 7.28 23.24 -13.12
C LYS D 148 8.39 22.27 -12.72
N ILE D 149 8.16 20.95 -12.93
CA ILE D 149 9.21 19.99 -12.69
C ILE D 149 10.27 20.16 -13.79
N GLY D 150 9.83 20.25 -15.05
CA GLY D 150 10.72 20.60 -16.14
C GLY D 150 10.49 19.81 -17.44
N VAL D 151 9.24 19.43 -17.70
CA VAL D 151 8.94 18.77 -18.97
C VAL D 151 9.03 19.83 -20.08
N LEU D 152 9.89 19.57 -21.07
CA LEU D 152 10.09 20.55 -22.14
C LEU D 152 8.99 20.41 -23.19
N GLN D 153 8.43 21.55 -23.60
CA GLN D 153 7.33 21.58 -24.56
C GLN D 153 7.74 20.95 -25.88
N ASN D 154 8.96 21.27 -26.37
CA ASN D 154 9.38 20.76 -27.66
C ASN D 154 9.64 19.26 -27.58
N MET D 155 9.71 18.67 -26.38
CA MET D 155 9.92 17.24 -26.23
C MET D 155 8.62 16.47 -26.00
N ARG D 156 7.51 17.19 -25.85
CA ARG D 156 6.21 16.58 -25.61
C ARG D 156 5.71 15.89 -26.88
N VAL D 157 5.15 14.68 -26.72
CA VAL D 157 4.47 13.99 -27.81
C VAL D 157 3.22 14.78 -28.18
N PRO D 158 3.00 15.10 -29.48
CA PRO D 158 1.79 15.74 -29.96
C PRO D 158 0.56 14.88 -29.73
N TYR D 159 -0.55 15.52 -29.34
CA TYR D 159 -1.84 14.87 -29.28
C TYR D 159 -2.69 15.38 -30.43
N ASN D 160 -3.17 14.46 -31.28
CA ASN D 160 -3.93 14.82 -32.45
C ASN D 160 -3.17 15.88 -33.26
N ARG D 161 -1.87 15.62 -33.43
CA ARG D 161 -0.99 16.40 -34.29
C ARG D 161 -0.97 17.86 -33.85
N ARG D 162 -1.07 18.15 -32.55
CA ARG D 162 -1.15 19.52 -32.08
C ARG D 162 -0.50 19.65 -30.71
N HIS D 163 -0.25 20.89 -30.30
CA HIS D 163 0.37 21.21 -29.02
C HIS D 163 -0.65 21.03 -27.90
N TYR D 164 -0.18 20.70 -26.69
CA TYR D 164 -1.04 20.47 -25.55
C TYR D 164 -1.77 21.75 -25.14
N ARG D 165 -1.09 22.92 -25.25
CA ARG D 165 -1.61 24.16 -24.69
C ARG D 165 -2.82 24.69 -25.48
N ASP D 166 -2.98 24.21 -26.71
CA ASP D 166 -4.09 24.59 -27.56
C ASP D 166 -5.41 24.15 -26.92
N ASN D 167 -5.36 23.19 -26.00
CA ASN D 167 -6.53 22.74 -25.25
C ASN D 167 -6.91 23.73 -24.16
N PHE D 168 -6.15 24.83 -24.02
CA PHE D 168 -6.41 25.79 -22.95
C PHE D 168 -6.61 27.18 -23.57
N LYS D 169 -7.27 28.05 -22.81
CA LYS D 169 -7.59 29.40 -23.28
C LYS D 169 -7.53 30.40 -22.14
N GLY D 170 -7.36 31.69 -22.48
CA GLY D 170 -7.51 32.79 -21.55
C GLY D 170 -6.39 32.83 -20.50
N GLU D 171 -6.78 33.22 -19.28
CA GLU D 171 -5.92 33.21 -18.10
C GLU D 171 -5.17 31.88 -17.95
N GLU D 172 -5.91 30.76 -18.13
CA GLU D 172 -5.33 29.44 -17.96
C GLU D 172 -4.19 29.24 -18.95
N ASN D 173 -4.39 29.64 -20.22
CA ASN D 173 -3.35 29.51 -21.22
C ASN D 173 -2.12 30.31 -20.79
N GLU D 174 -2.37 31.44 -20.13
CA GLU D 174 -1.30 32.34 -19.73
C GLU D 174 -0.53 31.78 -18.55
N LEU D 175 -1.25 31.19 -17.60
CA LEU D 175 -0.62 30.51 -16.46
C LEU D 175 0.32 29.41 -16.98
N LEU D 176 -0.15 28.66 -17.99
CA LEU D 176 0.64 27.60 -18.56
C LEU D 176 1.92 28.13 -19.19
N LEU D 177 1.83 29.27 -19.86
CA LEU D 177 3.00 29.87 -20.48
C LEU D 177 4.01 30.29 -19.40
N LYS D 178 3.52 30.99 -18.37
CA LYS D 178 4.37 31.38 -17.25
C LYS D 178 5.08 30.15 -16.70
N SER D 179 4.34 29.05 -16.53
CA SER D 179 4.91 27.83 -15.99
C SER D 179 5.99 27.28 -16.91
N GLU D 180 5.88 27.54 -18.23
CA GLU D 180 6.91 27.12 -19.17
C GLU D 180 8.13 28.03 -19.14
N GLN D 181 7.90 29.34 -18.94
CA GLN D 181 8.97 30.34 -19.04
C GLN D 181 9.71 30.56 -17.71
N GLU D 182 9.02 30.40 -16.57
CA GLU D 182 9.67 30.53 -15.27
C GLU D 182 10.63 29.36 -15.06
N LYS D 183 11.60 29.57 -14.16
CA LYS D 183 12.61 28.58 -13.87
C LYS D 183 12.00 27.28 -13.34
N THR D 184 12.40 26.16 -13.94
CA THR D 184 11.83 24.86 -13.57
C THR D 184 12.69 24.30 -12.45
N LEU D 185 12.16 23.27 -11.77
CA LEU D 185 12.93 22.56 -10.76
C LEU D 185 14.23 22.04 -11.37
N LEU D 186 14.16 21.47 -12.58
CA LEU D 186 15.34 20.96 -13.26
C LEU D 186 16.41 22.04 -13.39
N GLU D 187 16.04 23.22 -13.90
CA GLU D 187 16.99 24.32 -14.07
C GLU D 187 17.56 24.77 -12.72
N LEU D 188 16.74 24.81 -11.69
CA LEU D 188 17.18 25.32 -10.40
C LEU D 188 18.14 24.34 -9.72
N VAL D 189 17.83 23.04 -9.83
CA VAL D 189 18.74 22.02 -9.35
C VAL D 189 20.04 22.05 -10.14
N GLU D 190 19.93 22.24 -11.47
CA GLU D 190 21.08 22.34 -12.33
C GLU D 190 22.06 23.41 -11.82
N ALA D 191 21.58 24.64 -11.65
CA ALA D 191 22.44 25.73 -11.20
C ALA D 191 23.12 25.36 -9.88
N TRP D 192 22.35 24.76 -8.97
CA TRP D 192 22.89 24.36 -7.68
C TRP D 192 23.98 23.29 -7.84
N LEU D 193 23.75 22.30 -8.72
CA LEU D 193 24.71 21.23 -8.97
C LEU D 193 26.02 21.80 -9.53
N GLU D 194 25.92 22.86 -10.35
CA GLU D 194 27.10 23.50 -10.94
C GLU D 194 28.04 24.09 -9.90
N ARG D 195 27.51 24.44 -8.73
CA ARG D 195 28.32 25.04 -7.68
C ARG D 195 28.80 23.99 -6.67
N THR D 196 28.63 22.70 -6.96
CA THR D 196 28.98 21.67 -6.01
C THR D 196 30.46 21.75 -5.63
N PRO D 197 30.83 21.79 -4.33
CA PRO D 197 32.24 21.84 -3.94
C PRO D 197 33.00 20.59 -4.39
N GLY D 198 34.25 20.77 -4.83
CA GLY D 198 35.10 19.67 -5.24
C GLY D 198 35.48 19.69 -6.73
N LEU D 199 34.78 20.49 -7.54
CA LEU D 199 34.98 20.48 -8.99
C LEU D 199 36.15 21.38 -9.41
N GLU D 200 36.61 22.25 -8.50
CA GLU D 200 37.62 23.25 -8.83
C GLU D 200 38.91 22.57 -9.26
N PRO D 201 39.40 22.82 -10.51
CA PRO D 201 40.71 22.32 -10.95
C PRO D 201 41.86 22.66 -10.00
N HIS D 202 41.77 23.85 -9.40
CA HIS D 202 42.81 24.33 -8.49
C HIS D 202 42.64 23.71 -7.11
N GLY D 203 41.48 23.06 -6.85
CA GLY D 203 41.22 22.46 -5.55
C GLY D 203 41.29 20.94 -5.61
N PHE D 204 40.20 20.26 -5.22
CA PHE D 204 40.17 18.80 -5.15
C PHE D 204 40.26 18.22 -6.57
N ASN D 205 39.79 18.98 -7.57
CA ASN D 205 40.00 18.64 -8.98
C ASN D 205 39.40 17.27 -9.31
N PHE D 206 38.13 17.09 -8.94
CA PHE D 206 37.46 15.81 -9.01
C PHE D 206 37.55 15.22 -10.43
N TRP D 207 37.19 16.02 -11.44
CA TRP D 207 37.04 15.50 -12.80
C TRP D 207 38.39 15.03 -13.34
N GLY D 208 39.42 15.86 -13.15
CA GLY D 208 40.77 15.52 -13.57
C GLY D 208 41.23 14.20 -12.96
N LYS D 209 41.03 14.05 -11.64
CA LYS D 209 41.47 12.86 -10.93
C LYS D 209 40.67 11.65 -11.38
N LEU D 210 39.36 11.83 -11.59
CA LEU D 210 38.48 10.75 -12.00
C LEU D 210 38.91 10.22 -13.38
N GLU D 211 39.15 11.13 -14.32
CA GLU D 211 39.60 10.71 -15.65
C GLU D 211 40.90 9.89 -15.56
N LYS D 212 41.86 10.39 -14.77
CA LYS D 212 43.14 9.70 -14.62
C LYS D 212 42.92 8.30 -14.01
N ASN D 213 42.13 8.22 -12.92
CA ASN D 213 41.95 6.98 -12.21
C ASN D 213 41.27 5.95 -13.09
N ILE D 214 40.30 6.39 -13.90
CA ILE D 214 39.58 5.47 -14.78
C ILE D 214 40.53 4.98 -15.87
N THR D 215 41.32 5.87 -16.47
CA THR D 215 42.30 5.44 -17.47
C THR D 215 43.18 4.35 -16.89
N ARG D 216 43.74 4.59 -15.69
CA ARG D 216 44.64 3.64 -15.06
C ARG D 216 43.90 2.34 -14.80
N GLY D 217 42.69 2.41 -14.25
CA GLY D 217 41.94 1.22 -13.90
C GLY D 217 41.65 0.37 -15.14
N LEU D 218 41.29 1.05 -16.24
CA LEU D 218 41.00 0.35 -17.47
C LEU D 218 42.28 -0.32 -17.97
N GLU D 219 43.39 0.40 -17.91
CA GLU D 219 44.67 -0.19 -18.29
C GLU D 219 44.97 -1.46 -17.49
N GLU D 220 44.77 -1.38 -16.17
CA GLU D 220 45.02 -2.51 -15.27
C GLU D 220 44.18 -3.70 -15.68
N GLU D 221 42.89 -3.45 -15.99
CA GLU D 221 41.97 -4.51 -16.36
C GLU D 221 42.44 -5.17 -17.65
N PHE D 222 42.84 -4.34 -18.63
CA PHE D 222 43.32 -4.88 -19.90
C PHE D 222 44.49 -5.83 -19.64
N ILE D 223 45.43 -5.41 -18.79
CA ILE D 223 46.63 -6.20 -18.53
C ILE D 223 46.21 -7.56 -17.99
N ARG D 224 45.35 -7.58 -16.97
CA ARG D 224 44.92 -8.85 -16.39
C ARG D 224 44.17 -9.67 -17.45
N ILE D 225 43.31 -9.01 -18.23
CA ILE D 225 42.55 -9.67 -19.29
C ILE D 225 43.52 -10.25 -20.33
N GLN D 226 44.46 -9.44 -20.80
CA GLN D 226 45.40 -9.88 -21.83
C GLN D 226 46.22 -11.05 -21.31
N ALA D 227 46.43 -11.11 -20.00
CA ALA D 227 47.19 -12.17 -19.37
C ALA D 227 46.32 -13.42 -19.19
N LYS D 228 45.01 -13.28 -19.40
CA LYS D 228 44.07 -14.39 -19.20
C LYS D 228 44.26 -15.42 -20.31
N GLU D 229 44.03 -16.71 -19.98
CA GLU D 229 44.17 -17.80 -20.93
C GLU D 229 43.17 -17.63 -22.08
N GLU D 230 43.64 -17.81 -23.31
CA GLU D 230 42.79 -17.68 -24.49
C GLU D 230 41.58 -18.60 -24.32
N SER D 231 40.38 -18.01 -24.27
CA SER D 231 39.15 -18.76 -24.04
C SER D 231 37.95 -17.83 -24.28
N GLU D 232 36.77 -18.43 -24.47
CA GLU D 232 35.56 -17.66 -24.67
C GLU D 232 35.29 -16.78 -23.44
N GLU D 233 35.58 -17.29 -22.24
CA GLU D 233 35.48 -16.49 -21.01
C GLU D 233 36.29 -15.20 -21.18
N LYS D 234 37.56 -15.36 -21.60
CA LYS D 234 38.41 -14.22 -21.92
C LYS D 234 37.76 -13.39 -23.01
N GLU D 235 37.31 -14.03 -24.10
CA GLU D 235 36.77 -13.33 -25.25
C GLU D 235 35.62 -12.41 -24.82
N GLU D 236 34.76 -12.95 -23.97
CA GLU D 236 33.60 -12.20 -23.49
C GLU D 236 34.06 -11.10 -22.53
N GLN D 237 35.02 -11.39 -21.63
CA GLN D 237 35.60 -10.35 -20.79
C GLN D 237 36.19 -9.23 -21.64
N VAL D 238 36.83 -9.60 -22.76
CA VAL D 238 37.32 -8.60 -23.71
C VAL D 238 36.15 -7.74 -24.17
N ALA D 239 35.06 -8.40 -24.60
CA ALA D 239 33.90 -7.69 -25.14
C ALA D 239 33.35 -6.73 -24.10
N GLU D 240 33.16 -7.20 -22.87
CA GLU D 240 32.68 -6.39 -21.75
C GLU D 240 33.63 -5.21 -21.57
N PHE D 241 34.95 -5.48 -21.51
CA PHE D 241 35.93 -4.44 -21.29
C PHE D 241 35.76 -3.34 -22.32
N GLN D 242 35.65 -3.75 -23.59
CA GLN D 242 35.54 -2.79 -24.67
C GLN D 242 34.32 -1.91 -24.46
N LYS D 243 33.19 -2.55 -24.10
CA LYS D 243 31.95 -1.82 -23.90
C LYS D 243 32.09 -0.88 -22.72
N GLN D 244 32.59 -1.39 -21.60
CA GLN D 244 32.77 -0.59 -20.39
C GLN D 244 33.68 0.59 -20.70
N LYS D 245 34.80 0.32 -21.39
CA LYS D 245 35.75 1.36 -21.75
C LYS D 245 35.05 2.47 -22.54
N GLU D 246 34.28 2.08 -23.55
CA GLU D 246 33.61 3.05 -24.41
C GLU D 246 32.71 3.92 -23.54
N VAL D 247 31.91 3.28 -22.68
CA VAL D 247 30.97 4.00 -21.84
C VAL D 247 31.74 4.92 -20.91
N LEU D 248 32.73 4.39 -20.20
CA LEU D 248 33.41 5.16 -19.17
C LEU D 248 34.15 6.33 -19.80
N LEU D 249 34.77 6.13 -20.96
CA LEU D 249 35.54 7.22 -21.56
C LEU D 249 34.60 8.25 -22.19
N SER D 250 33.45 7.79 -22.71
CA SER D 250 32.45 8.70 -23.26
C SER D 250 32.07 9.76 -22.23
N LEU D 251 32.21 9.44 -20.94
CA LEU D 251 31.86 10.37 -19.88
C LEU D 251 32.68 11.66 -19.99
N PHE D 252 33.93 11.57 -20.45
CA PHE D 252 34.82 12.72 -20.47
C PHE D 252 34.72 13.49 -21.80
N ASP D 253 33.80 13.11 -22.69
CA ASP D 253 33.60 13.77 -23.97
C ASP D 253 32.51 14.84 -23.88
N GLU D 254 32.92 16.07 -23.61
CA GLU D 254 32.00 17.19 -23.41
C GLU D 254 31.21 17.49 -24.69
N LYS D 255 31.81 17.25 -25.86
CA LYS D 255 31.15 17.51 -27.13
C LYS D 255 29.98 16.55 -27.34
N ARG D 256 30.21 15.26 -27.07
CA ARG D 256 29.12 14.29 -27.16
C ARG D 256 27.97 14.72 -26.24
N HIS D 257 28.31 15.20 -25.04
CA HIS D 257 27.28 15.63 -24.11
C HIS D 257 26.44 16.76 -24.69
N GLU D 258 27.12 17.76 -25.24
CA GLU D 258 26.48 18.93 -25.82
C GLU D 258 25.54 18.51 -26.95
N HIS D 259 26.01 17.57 -27.78
CA HIS D 259 25.22 17.00 -28.85
C HIS D 259 23.95 16.36 -28.28
N LEU D 260 24.11 15.56 -27.22
CA LEU D 260 22.98 14.83 -26.68
C LEU D 260 22.00 15.78 -26.00
N LEU D 261 22.51 16.86 -25.37
CA LEU D 261 21.68 17.94 -24.86
C LEU D 261 20.81 18.51 -25.98
N SER D 262 21.42 18.82 -27.13
CA SER D 262 20.68 19.44 -28.23
C SER D 262 19.53 18.54 -28.67
N LYS D 263 19.73 17.22 -28.63
CA LYS D 263 18.69 16.29 -29.03
C LYS D 263 17.67 16.07 -27.91
N GLY D 264 17.97 16.62 -26.71
CA GLY D 264 17.09 16.49 -25.57
C GLY D 264 17.14 15.10 -24.94
N GLU D 265 18.17 14.31 -25.26
CA GLU D 265 18.33 12.99 -24.67
C GLU D 265 19.10 13.11 -23.36
N ARG D 266 19.71 14.27 -23.12
CA ARG D 266 20.16 14.63 -21.78
C ARG D 266 19.57 16.00 -21.46
N ARG D 267 19.62 16.40 -20.18
CA ARG D 267 18.96 17.60 -19.72
C ARG D 267 19.89 18.50 -18.91
N LEU D 268 20.77 17.90 -18.09
CA LEU D 268 21.67 18.68 -17.25
C LEU D 268 22.90 19.10 -18.02
N SER D 269 23.40 20.31 -17.72
CA SER D 269 24.69 20.77 -18.22
C SER D 269 25.78 19.80 -17.80
N TYR D 270 26.87 19.83 -18.54
CA TYR D 270 28.00 18.95 -18.29
C TYR D 270 28.52 19.19 -16.88
N ARG D 271 28.57 20.46 -16.46
CA ARG D 271 29.15 20.77 -15.17
C ARG D 271 28.20 20.26 -14.06
N ALA D 272 26.89 20.41 -14.24
CA ALA D 272 25.92 19.89 -13.30
C ALA D 272 26.09 18.37 -13.16
N LEU D 273 26.33 17.70 -14.28
CA LEU D 273 26.52 16.25 -14.26
C LEU D 273 27.72 15.90 -13.36
N GLN D 274 28.80 16.69 -13.46
CA GLN D 274 29.97 16.51 -12.63
C GLN D 274 29.62 16.65 -11.14
N GLY D 275 28.86 17.68 -10.82
CA GLY D 275 28.40 17.92 -9.46
C GLY D 275 27.59 16.73 -8.92
N ALA D 276 26.66 16.24 -9.74
CA ALA D 276 25.82 15.11 -9.35
C ALA D 276 26.70 13.89 -9.05
N LEU D 277 27.70 13.64 -9.92
CA LEU D 277 28.54 12.48 -9.76
C LEU D 277 29.43 12.64 -8.52
N MET D 278 29.84 13.87 -8.24
CA MET D 278 30.60 14.16 -7.04
C MET D 278 29.76 13.78 -5.81
N ILE D 279 28.49 14.18 -5.79
CA ILE D 279 27.59 13.87 -4.70
C ILE D 279 27.41 12.36 -4.58
N TYR D 280 27.25 11.66 -5.72
CA TYR D 280 27.04 10.23 -5.73
C TYR D 280 28.23 9.52 -5.10
N PHE D 281 29.45 9.87 -5.53
CA PHE D 281 30.60 9.11 -5.10
C PHE D 281 30.95 9.45 -3.65
N TYR D 282 30.69 10.70 -3.20
CA TYR D 282 31.09 11.09 -1.87
C TYR D 282 29.88 11.31 -0.97
N ARG D 283 28.80 10.55 -1.22
CA ARG D 283 27.54 10.70 -0.51
C ARG D 283 27.71 10.61 1.00
N GLU D 284 28.70 9.87 1.51
CA GLU D 284 28.83 9.64 2.93
C GLU D 284 29.47 10.85 3.61
N GLU D 285 30.20 11.69 2.84
CA GLU D 285 30.80 12.88 3.40
C GLU D 285 29.68 13.76 3.94
N PRO D 286 29.79 14.30 5.19
CA PRO D 286 28.68 14.99 5.85
C PRO D 286 27.92 16.01 5.03
N ARG D 287 28.63 16.86 4.31
CA ARG D 287 28.02 17.92 3.51
C ARG D 287 27.24 17.37 2.34
N PHE D 288 27.50 16.12 1.94
CA PHE D 288 26.83 15.53 0.79
C PHE D 288 25.70 14.57 1.16
N GLN D 289 25.53 14.28 2.47
CA GLN D 289 24.56 13.27 2.88
C GLN D 289 23.14 13.66 2.49
N VAL D 290 22.73 14.87 2.84
CA VAL D 290 21.37 15.29 2.57
C VAL D 290 21.23 15.64 1.08
N PRO D 291 22.20 16.31 0.44
CA PRO D 291 22.18 16.42 -1.04
C PRO D 291 22.00 15.10 -1.78
N PHE D 292 22.63 14.02 -1.33
CA PHE D 292 22.41 12.72 -1.94
C PHE D 292 20.95 12.30 -1.81
N GLN D 293 20.35 12.52 -0.62
CA GLN D 293 18.94 12.20 -0.41
C GLN D 293 18.08 13.02 -1.37
N LEU D 294 18.45 14.27 -1.61
CA LEU D 294 17.70 15.09 -2.56
C LEU D 294 17.74 14.48 -3.96
N LEU D 295 18.92 14.04 -4.42
CA LEU D 295 19.03 13.47 -5.75
C LEU D 295 18.15 12.22 -5.86
N THR D 296 18.21 11.40 -4.80
CA THR D 296 17.40 10.20 -4.68
C THR D 296 15.92 10.54 -4.80
N SER D 297 15.48 11.60 -4.12
CA SER D 297 14.06 11.96 -4.12
C SER D 297 13.61 12.43 -5.49
N LEU D 298 14.48 13.15 -6.20
CA LEU D 298 14.15 13.67 -7.52
C LEU D 298 13.93 12.48 -8.45
N MET D 299 14.84 11.48 -8.39
CA MET D 299 14.60 10.28 -9.16
C MET D 299 13.26 9.63 -8.75
N ASP D 300 12.96 9.58 -7.45
CA ASP D 300 11.74 8.97 -6.98
C ASP D 300 10.50 9.62 -7.58
N ILE D 301 10.51 10.94 -7.65
CA ILE D 301 9.40 11.70 -8.17
C ILE D 301 9.19 11.40 -9.65
N ASP D 302 10.28 11.30 -10.42
CA ASP D 302 10.20 10.94 -11.83
C ASP D 302 9.59 9.54 -11.96
N SER D 303 10.09 8.59 -11.15
CA SER D 303 9.61 7.21 -11.20
C SER D 303 8.12 7.13 -10.84
N LEU D 304 7.69 7.91 -9.87
CA LEU D 304 6.32 7.85 -9.38
C LEU D 304 5.38 8.53 -10.36
N MET D 305 5.81 9.63 -10.97
CA MET D 305 5.09 10.25 -12.08
C MET D 305 4.90 9.24 -13.21
N THR D 306 5.96 8.49 -13.55
CA THR D 306 5.85 7.51 -14.61
C THR D 306 4.86 6.43 -14.20
N LYS D 307 4.88 6.03 -12.93
CA LYS D 307 3.98 4.98 -12.47
C LYS D 307 2.54 5.48 -12.52
N TRP D 308 2.32 6.74 -12.15
CA TRP D 308 0.99 7.33 -12.30
C TRP D 308 0.54 7.20 -13.75
N ARG D 309 1.41 7.53 -14.72
CA ARG D 309 1.01 7.54 -16.13
C ARG D 309 0.69 6.13 -16.58
N TYR D 310 1.52 5.18 -16.13
CA TYR D 310 1.31 3.78 -16.47
C TYR D 310 -0.06 3.32 -15.93
N ASN D 311 -0.35 3.57 -14.64
CA ASN D 311 -1.60 3.10 -14.09
C ASN D 311 -2.77 3.77 -14.81
N HIS D 312 -2.62 5.04 -15.18
CA HIS D 312 -3.67 5.76 -15.88
C HIS D 312 -3.93 5.10 -17.23
N VAL D 313 -2.86 4.75 -17.96
CA VAL D 313 -2.97 4.11 -19.25
C VAL D 313 -3.72 2.79 -19.12
N CYS D 314 -3.27 1.94 -18.17
CA CYS D 314 -3.91 0.64 -17.96
C CYS D 314 -5.41 0.82 -17.67
N MET D 315 -5.77 1.92 -17.00
CA MET D 315 -7.16 2.12 -16.66
C MET D 315 -7.96 2.58 -17.87
N VAL D 316 -7.40 3.50 -18.67
CA VAL D 316 -8.04 3.89 -19.93
C VAL D 316 -8.33 2.65 -20.78
N HIS D 317 -7.37 1.72 -20.85
CA HIS D 317 -7.53 0.51 -21.64
C HIS D 317 -8.67 -0.35 -21.08
N ARG D 318 -8.78 -0.44 -19.75
CA ARG D 318 -9.76 -1.28 -19.10
C ARG D 318 -11.18 -0.77 -19.38
N MET D 319 -11.34 0.55 -19.49
CA MET D 319 -12.62 1.18 -19.63
C MET D 319 -13.01 1.37 -21.09
N LEU D 320 -12.08 1.85 -21.94
CA LEU D 320 -12.42 2.20 -23.32
C LEU D 320 -12.02 1.07 -24.26
N GLY D 321 -11.12 0.19 -23.82
CA GLY D 321 -10.65 -0.90 -24.67
C GLY D 321 -9.65 -0.38 -25.70
N SER D 322 -9.36 -1.20 -26.73
CA SER D 322 -8.49 -0.81 -27.83
C SER D 322 -9.28 -0.72 -29.14
N SER D 330 -4.86 6.62 -31.26
CA SER D 330 -5.82 6.52 -30.13
C SER D 330 -5.25 7.26 -28.91
N GLY D 331 -6.14 7.82 -28.09
CA GLY D 331 -5.79 8.32 -26.77
C GLY D 331 -4.87 7.33 -26.05
N TYR D 332 -5.30 6.06 -26.06
CA TYR D 332 -4.52 4.97 -25.49
C TYR D 332 -3.07 5.03 -25.99
N HIS D 333 -2.89 5.11 -27.31
CA HIS D 333 -1.55 5.10 -27.89
C HIS D 333 -0.76 6.37 -27.57
N TYR D 334 -1.42 7.54 -27.60
CA TYR D 334 -0.76 8.77 -27.17
C TYR D 334 -0.28 8.62 -25.71
N LEU D 335 -1.17 8.15 -24.84
CA LEU D 335 -0.87 8.00 -23.43
C LEU D 335 0.29 7.03 -23.21
N ARG D 336 0.30 5.95 -24.00
CA ARG D 336 1.37 4.96 -23.91
C ARG D 336 2.70 5.61 -24.27
N SER D 337 2.66 6.57 -25.21
CA SER D 337 3.86 7.28 -25.63
C SER D 337 4.40 8.13 -24.49
N THR D 338 3.53 8.59 -23.57
CA THR D 338 3.94 9.40 -22.44
C THR D 338 4.72 8.57 -21.42
N VAL D 339 4.57 7.23 -21.46
CA VAL D 339 5.26 6.39 -20.49
C VAL D 339 6.67 6.10 -21.02
N SER D 340 7.59 7.06 -20.93
CA SER D 340 8.86 6.99 -21.65
C SER D 340 9.86 7.98 -21.07
N ASP D 341 11.12 7.88 -21.51
CA ASP D 341 12.20 8.71 -20.98
C ASP D 341 12.01 10.18 -21.36
N ARG D 342 11.24 10.45 -22.41
CA ARG D 342 11.00 11.83 -22.83
C ARG D 342 10.32 12.61 -21.71
N TYR D 343 9.57 11.91 -20.84
CA TYR D 343 8.84 12.57 -19.77
C TYR D 343 9.58 12.43 -18.43
N LYS D 344 10.75 11.77 -18.43
CA LYS D 344 11.60 11.73 -17.24
C LYS D 344 12.56 12.92 -17.23
N VAL D 345 12.24 13.93 -16.43
CA VAL D 345 13.03 15.15 -16.35
C VAL D 345 14.43 14.91 -15.77
N PHE D 346 14.60 13.97 -14.83
CA PHE D 346 15.88 13.76 -14.17
C PHE D 346 16.52 12.46 -14.65
N VAL D 347 16.32 12.15 -15.93
CA VAL D 347 16.88 10.97 -16.56
C VAL D 347 18.40 10.96 -16.36
N ASP D 348 19.05 12.13 -16.30
CA ASP D 348 20.51 12.10 -16.14
C ASP D 348 20.89 11.51 -14.78
N LEU D 349 20.04 11.69 -13.77
CA LEU D 349 20.35 11.16 -12.43
C LEU D 349 20.26 9.64 -12.43
N PHE D 350 19.28 9.09 -13.16
CA PHE D 350 19.18 7.66 -13.37
C PHE D 350 20.41 7.13 -14.08
N ASN D 351 20.87 7.85 -15.11
CA ASN D 351 21.87 7.28 -16.01
C ASN D 351 23.26 7.27 -15.38
N LEU D 352 23.48 7.96 -14.27
CA LEU D 352 24.77 7.86 -13.60
C LEU D 352 25.09 6.43 -13.10
N SER D 353 24.08 5.56 -12.91
CA SER D 353 24.31 4.12 -12.79
C SER D 353 25.27 3.58 -13.85
N THR D 354 25.04 3.96 -15.10
CA THR D 354 25.84 3.49 -16.22
C THR D 354 27.35 3.68 -15.98
N TYR D 355 27.72 4.73 -15.23
CA TYR D 355 29.13 5.06 -15.00
C TYR D 355 29.55 4.72 -13.58
N LEU D 356 29.18 3.52 -13.09
CA LEU D 356 29.69 3.04 -11.81
C LEU D 356 31.06 2.38 -12.04
N ILE D 357 32.02 2.75 -11.19
CA ILE D 357 33.36 2.22 -11.24
C ILE D 357 33.66 1.49 -9.94
N PRO D 358 34.66 0.60 -9.89
CA PRO D 358 35.09 0.01 -8.63
C PRO D 358 35.39 1.12 -7.62
N ARG D 359 35.10 0.87 -6.34
CA ARG D 359 35.26 1.85 -5.27
C ARG D 359 36.70 2.39 -5.21
N HIS D 360 37.68 1.51 -5.43
CA HIS D 360 39.08 1.89 -5.29
C HIS D 360 39.51 2.87 -6.39
N TRP D 361 38.75 2.97 -7.49
CA TRP D 361 39.09 3.89 -8.57
C TRP D 361 38.68 5.30 -8.19
N ILE D 362 37.76 5.45 -7.21
CA ILE D 362 37.23 6.76 -6.87
C ILE D 362 38.35 7.57 -6.23
N PRO D 363 38.63 8.81 -6.71
CA PRO D 363 39.68 9.65 -6.11
C PRO D 363 39.48 9.69 -4.59
N LYS D 364 40.58 9.49 -3.86
CA LYS D 364 40.56 9.43 -2.40
C LYS D 364 40.30 10.82 -1.83
N MET D 365 39.48 10.88 -0.78
CA MET D 365 39.26 12.13 -0.06
C MET D 365 39.83 11.96 1.35
N ASN D 366 41.16 12.07 1.47
CA ASN D 366 41.84 11.86 2.75
C ASN D 366 41.76 13.14 3.58
N PRO D 367 41.98 13.07 4.92
CA PRO D 367 41.94 14.25 5.80
C PRO D 367 42.50 15.53 5.20
N THR D 368 43.65 15.38 4.54
CA THR D 368 44.33 16.50 3.91
C THR D 368 43.34 17.31 3.08
N ILE D 369 42.49 16.61 2.30
CA ILE D 369 41.53 17.28 1.44
C ILE D 369 40.13 16.76 1.79
N HIS D 370 39.92 16.49 3.10
CA HIS D 370 38.67 15.94 3.62
C HIS D 370 37.74 17.04 4.19
N LYS D 371 38.32 17.99 4.95
CA LYS D 371 37.53 18.82 5.84
C LYS D 371 36.61 19.76 5.08
N PHE D 372 36.87 20.06 3.81
CA PHE D 372 36.04 20.95 3.00
C PHE D 372 34.62 20.39 2.87
N LEU D 373 34.44 19.07 3.07
CA LEU D 373 33.11 18.46 2.99
C LEU D 373 32.72 17.89 4.37
#